data_6BEI
#
_entry.id   6BEI
#
_cell.length_a   190.820
_cell.length_b   190.820
_cell.length_c   254.240
_cell.angle_alpha   90.000
_cell.angle_beta   90.000
_cell.angle_gamma   120.000
#
_symmetry.space_group_name_H-M   'P 61 2 2'
#
loop_
_entity.id
_entity.type
_entity.pdbx_description
1 polymer 'Scaffold protein D13'
2 non-polymer 'FORMIC ACID'
3 non-polymer 1,2-ETHANEDIOL
4 water water
#
_entity_poly.entity_id   1
_entity_poly.type   'polypeptide(L)'
_entity_poly.pdbx_seq_one_letter_code
;GAMNNTIINSLIGGDDSIKRSNVFAVDSQIPTLYMPQYISLSGVMTNDGPDNQAIASFEIRDQYITALNHLVLSLELPEV
KGMGRFGYVPYVGYKCINHVSISSCNGVIWEIEGEELYNNCINNTIALKHSGYSSELNDISIGLTPNDTIKEPSTVYVYI
KTPFDVEDTFSSLKLSDSKITVTVTFNPVSDIVIRDSSFDFETFNKEFVYVPELSFIGYMVKNVQIKPSFIEKPRRVIGQ
INQPTATVTEVHAATSLSVYTKPYYGNTDNKFISYPGYSQDEKDYIDAYVSRLLDDLVIVSDGPPTGYPESAEIVEVPED
GIVSIQDADVYVKIDNVPDNMSVYLHTNLLMFGTRKNSFIYNISKKFSAITGTYSDATKRTIFAHISHSINIIDTSIPVS
LWTSQRNVYNGDNRSAESKAKDLFINDPFIKGIDFKNKTDIISRLEVRFGNDVLYSENGPISRIYNELLTKSNNGTRTLT
FNFTPKIFFRPTTITANVSRGKDKLSVRVVYSTMDVNHPIYYVQKQLVVVCNDLYKVSYDQGVSITKIMGDNN
;
_entity_poly.pdbx_strand_id   A,B,C
#
loop_
_chem_comp.id
_chem_comp.type
_chem_comp.name
_chem_comp.formula
EDO non-polymer 1,2-ETHANEDIOL 'C2 H6 O2'
FMT non-polymer 'FORMIC ACID' 'C H2 O2'
#
# COMPACT_ATOMS: atom_id res chain seq x y z
N ALA A 2 -14.93 7.77 -34.55
CA ALA A 2 -14.67 7.11 -35.83
C ALA A 2 -13.23 6.65 -35.96
N MET A 3 -13.02 5.53 -36.69
CA MET A 3 -11.68 4.97 -36.95
C MET A 3 -10.90 5.90 -37.87
N ASN A 4 -9.60 6.09 -37.59
CA ASN A 4 -8.72 6.92 -38.40
C ASN A 4 -8.46 6.25 -39.74
N ASN A 5 -8.51 7.04 -40.83
CA ASN A 5 -8.31 6.59 -42.21
C ASN A 5 -7.02 5.81 -42.44
N THR A 6 -5.95 6.14 -41.69
CA THR A 6 -4.66 5.46 -41.76
C THR A 6 -4.77 3.98 -41.33
N ILE A 7 -5.60 3.70 -40.31
CA ILE A 7 -5.86 2.36 -39.79
C ILE A 7 -6.70 1.54 -40.79
N ILE A 8 -7.80 2.14 -41.29
CA ILE A 8 -8.75 1.55 -42.27
C ILE A 8 -8.01 1.09 -43.54
N ASN A 9 -7.18 1.98 -44.14
CA ASN A 9 -6.39 1.70 -45.35
C ASN A 9 -5.35 0.60 -45.13
N SER A 10 -4.77 0.53 -43.91
CA SER A 10 -3.77 -0.47 -43.51
C SER A 10 -4.33 -1.89 -43.44
N LEU A 11 -5.65 -2.02 -43.23
CA LEU A 11 -6.34 -3.32 -43.14
C LEU A 11 -7.15 -3.64 -44.40
N ILE A 12 -8.07 -2.73 -44.80
CA ILE A 12 -8.92 -2.87 -45.98
C ILE A 12 -8.18 -2.46 -47.26
N SER A 17 -5.30 -15.97 -46.13
CA SER A 17 -4.88 -17.32 -46.51
C SER A 17 -4.25 -18.11 -45.34
N ILE A 18 -3.54 -17.39 -44.43
CA ILE A 18 -2.88 -17.96 -43.24
C ILE A 18 -3.88 -18.30 -42.13
N LYS A 19 -3.70 -19.46 -41.46
CA LYS A 19 -4.59 -19.92 -40.38
C LYS A 19 -4.37 -19.07 -39.14
N ARG A 20 -5.45 -18.41 -38.66
CA ARG A 20 -5.40 -17.52 -37.51
C ARG A 20 -6.23 -17.99 -36.34
N SER A 21 -5.69 -17.84 -35.11
CA SER A 21 -6.38 -18.19 -33.88
C SER A 21 -7.33 -17.04 -33.53
N ASN A 22 -8.59 -17.36 -33.24
CA ASN A 22 -9.60 -16.35 -32.91
C ASN A 22 -9.33 -15.73 -31.55
N VAL A 23 -9.04 -14.42 -31.54
CA VAL A 23 -8.71 -13.65 -30.36
C VAL A 23 -9.89 -12.72 -29.95
N PHE A 24 -10.99 -12.76 -30.72
CA PHE A 24 -12.17 -11.93 -30.47
C PHE A 24 -13.41 -12.72 -30.05
N ALA A 25 -13.34 -14.05 -30.09
CA ALA A 25 -14.44 -14.93 -29.70
C ALA A 25 -13.89 -16.27 -29.23
N VAL A 26 -14.64 -16.95 -28.36
CA VAL A 26 -14.25 -18.26 -27.86
C VAL A 26 -15.49 -19.15 -27.70
N ASP A 27 -15.32 -20.47 -27.88
CA ASP A 27 -16.41 -21.42 -27.70
C ASP A 27 -16.58 -21.62 -26.19
N SER A 28 -17.73 -21.22 -25.63
CA SER A 28 -18.00 -21.37 -24.21
C SER A 28 -18.23 -22.85 -23.89
N GLN A 29 -17.21 -23.51 -23.32
CA GLN A 29 -17.25 -24.93 -22.97
C GLN A 29 -18.23 -25.15 -21.83
N ILE A 30 -19.09 -26.17 -21.95
CA ILE A 30 -20.05 -26.49 -20.88
C ILE A 30 -19.24 -27.20 -19.77
N PRO A 31 -19.17 -26.62 -18.56
CA PRO A 31 -18.35 -27.23 -17.51
C PRO A 31 -19.04 -28.43 -16.86
N THR A 32 -18.32 -29.12 -15.95
CA THR A 32 -18.84 -30.22 -15.15
C THR A 32 -20.00 -29.63 -14.32
N LEU A 33 -21.12 -30.37 -14.21
CA LEU A 33 -22.27 -29.89 -13.45
C LEU A 33 -21.95 -30.00 -11.97
N TYR A 34 -21.97 -28.86 -11.28
CA TYR A 34 -21.68 -28.78 -9.84
C TYR A 34 -22.41 -27.63 -9.17
N MET A 35 -22.39 -27.63 -7.85
CA MET A 35 -23.01 -26.60 -7.04
C MET A 35 -22.15 -26.34 -5.80
N PRO A 36 -21.60 -25.11 -5.64
CA PRO A 36 -20.76 -24.84 -4.47
C PRO A 36 -21.56 -24.43 -3.25
N GLN A 37 -20.98 -24.58 -2.06
CA GLN A 37 -21.64 -24.19 -0.82
C GLN A 37 -20.62 -23.87 0.26
N TYR A 38 -20.81 -22.75 0.96
CA TYR A 38 -19.94 -22.39 2.07
C TYR A 38 -20.44 -23.20 3.28
N ILE A 39 -19.63 -24.18 3.72
CA ILE A 39 -19.97 -25.06 4.84
C ILE A 39 -19.09 -24.74 6.04
N SER A 40 -19.72 -24.46 7.19
CA SER A 40 -19.05 -24.19 8.46
C SER A 40 -19.34 -25.32 9.44
N LEU A 41 -18.29 -25.83 10.12
CA LEU A 41 -18.40 -26.94 11.06
C LEU A 41 -17.81 -26.64 12.43
N SER A 42 -18.47 -27.14 13.48
CA SER A 42 -18.00 -27.04 14.86
C SER A 42 -17.15 -28.28 15.12
N GLY A 43 -16.06 -28.08 15.86
CA GLY A 43 -15.14 -29.17 16.15
C GLY A 43 -15.34 -29.89 17.45
N VAL A 44 -14.35 -30.73 17.78
CA VAL A 44 -14.29 -31.49 19.02
C VAL A 44 -12.98 -31.05 19.67
N MET A 45 -13.07 -30.48 20.88
CA MET A 45 -11.89 -30.01 21.59
C MET A 45 -11.35 -31.05 22.58
N THR A 46 -10.03 -31.28 22.51
CA THR A 46 -9.28 -32.24 23.34
C THR A 46 -8.06 -31.51 23.91
N ASN A 47 -7.55 -31.98 25.08
CA ASN A 47 -6.37 -31.41 25.75
C ASN A 47 -5.42 -32.50 26.20
N ASP A 51 2.17 -30.62 26.68
CA ASP A 51 1.33 -31.08 27.79
C ASP A 51 0.02 -30.29 27.84
N ASN A 52 -1.15 -31.00 27.74
CA ASN A 52 -2.52 -30.45 27.75
C ASN A 52 -2.74 -29.44 26.60
N GLN A 53 -2.21 -29.79 25.41
CA GLN A 53 -2.29 -29.00 24.18
C GLN A 53 -3.68 -29.11 23.57
N ALA A 54 -4.29 -27.95 23.24
CA ALA A 54 -5.63 -27.88 22.64
C ALA A 54 -5.61 -28.38 21.19
N ILE A 55 -6.48 -29.35 20.89
CA ILE A 55 -6.61 -29.97 19.57
C ILE A 55 -8.07 -29.92 19.11
N ALA A 56 -8.31 -29.38 17.90
CA ALA A 56 -9.64 -29.29 17.30
C ALA A 56 -9.74 -30.27 16.13
N SER A 57 -10.80 -31.10 16.13
CA SER A 57 -11.01 -32.08 15.07
C SER A 57 -12.32 -31.83 14.35
N PHE A 58 -12.25 -31.74 13.00
CA PHE A 58 -13.37 -31.47 12.12
C PHE A 58 -13.53 -32.62 11.13
N GLU A 59 -14.66 -33.36 11.22
CA GLU A 59 -14.94 -34.49 10.35
C GLU A 59 -15.88 -34.12 9.20
N ILE A 60 -15.39 -34.30 7.97
CA ILE A 60 -16.10 -33.99 6.74
C ILE A 60 -16.45 -35.29 6.02
N ARG A 61 -17.73 -35.64 6.01
CA ARG A 61 -18.26 -36.81 5.31
C ARG A 61 -19.71 -36.55 4.94
N ASP A 62 -19.98 -36.37 3.64
CA ASP A 62 -21.31 -36.07 3.12
C ASP A 62 -21.37 -36.46 1.66
N GLN A 63 -22.48 -37.10 1.23
CA GLN A 63 -22.64 -37.51 -0.17
C GLN A 63 -22.74 -36.31 -1.11
N TYR A 64 -23.28 -35.18 -0.62
CA TYR A 64 -23.40 -33.93 -1.36
C TYR A 64 -22.09 -33.09 -1.38
N ILE A 65 -21.00 -33.57 -0.75
CA ILE A 65 -19.70 -32.88 -0.77
C ILE A 65 -18.72 -33.81 -1.49
N THR A 66 -18.53 -33.58 -2.79
CA THR A 66 -17.67 -34.34 -3.68
C THR A 66 -16.23 -33.85 -3.57
N ALA A 67 -16.05 -32.53 -3.55
CA ALA A 67 -14.75 -31.87 -3.48
C ALA A 67 -14.81 -30.66 -2.55
N LEU A 68 -13.65 -30.21 -2.04
CA LEU A 68 -13.53 -29.04 -1.17
C LEU A 68 -12.19 -28.33 -1.31
N ASN A 69 -12.19 -27.03 -1.02
CA ASN A 69 -11.03 -26.13 -0.99
C ASN A 69 -11.34 -24.86 -0.20
N HIS A 70 -10.32 -24.00 0.00
CA HIS A 70 -10.37 -22.72 0.73
C HIS A 70 -10.84 -22.90 2.17
N LEU A 71 -9.98 -23.52 2.99
CA LEU A 71 -10.26 -23.74 4.40
C LEU A 71 -10.01 -22.44 5.17
N VAL A 72 -11.00 -22.01 5.97
CA VAL A 72 -10.93 -20.82 6.80
C VAL A 72 -11.30 -21.20 8.23
N LEU A 73 -10.40 -20.94 9.19
CA LEU A 73 -10.64 -21.23 10.61
C LEU A 73 -11.02 -19.96 11.34
N SER A 74 -12.23 -19.95 11.91
CA SER A 74 -12.74 -18.84 12.71
C SER A 74 -12.33 -19.12 14.14
N LEU A 75 -12.07 -18.05 14.90
CA LEU A 75 -11.77 -18.15 16.31
C LEU A 75 -12.47 -17.06 17.05
N GLU A 76 -13.23 -17.42 18.09
CA GLU A 76 -13.95 -16.47 18.91
C GLU A 76 -13.06 -16.07 20.07
N LEU A 77 -12.50 -14.86 19.99
CA LEU A 77 -11.66 -14.31 21.05
C LEU A 77 -12.58 -13.76 22.13
N PRO A 78 -12.38 -14.13 23.42
CA PRO A 78 -13.31 -13.69 24.45
C PRO A 78 -13.08 -12.28 24.94
N GLU A 79 -14.00 -11.77 25.76
CA GLU A 79 -13.88 -10.46 26.39
C GLU A 79 -12.79 -10.60 27.46
N VAL A 80 -11.86 -9.63 27.49
CA VAL A 80 -10.79 -9.62 28.47
C VAL A 80 -11.10 -8.54 29.50
N LYS A 81 -11.35 -8.96 30.76
CA LYS A 81 -11.70 -8.08 31.87
C LYS A 81 -10.68 -8.20 32.99
N GLY A 82 -10.41 -7.09 33.66
CA GLY A 82 -9.49 -7.07 34.78
C GLY A 82 -8.50 -5.93 34.75
N MET A 83 -7.49 -6.03 35.60
CA MET A 83 -6.43 -5.03 35.73
C MET A 83 -5.16 -5.42 34.99
N GLY A 84 -4.36 -4.40 34.66
CA GLY A 84 -3.09 -4.57 33.97
C GLY A 84 -3.16 -4.30 32.49
N ARG A 85 -2.00 -4.37 31.83
CA ARG A 85 -1.82 -4.15 30.40
C ARG A 85 -1.98 -5.46 29.64
N PHE A 86 -2.70 -5.41 28.51
CA PHE A 86 -2.97 -6.57 27.66
C PHE A 86 -3.21 -6.18 26.21
N GLY A 87 -2.69 -7.01 25.31
CA GLY A 87 -2.84 -6.89 23.87
C GLY A 87 -2.55 -8.20 23.18
N TYR A 88 -3.05 -8.37 21.95
CA TYR A 88 -2.80 -9.58 21.18
C TYR A 88 -1.68 -9.32 20.19
N VAL A 89 -0.90 -10.38 19.86
CA VAL A 89 0.18 -10.30 18.87
C VAL A 89 -0.42 -9.97 17.48
N PRO A 90 0.28 -9.24 16.58
CA PRO A 90 -0.30 -8.98 15.24
C PRO A 90 -0.56 -10.30 14.51
N TYR A 91 -1.65 -10.39 13.73
CA TYR A 91 -2.05 -11.59 12.97
C TYR A 91 -2.25 -12.76 13.95
N VAL A 92 -2.90 -12.45 15.09
CA VAL A 92 -3.21 -13.33 16.23
C VAL A 92 -3.69 -14.72 15.78
N GLY A 93 -4.63 -14.77 14.84
CA GLY A 93 -5.20 -16.00 14.29
C GLY A 93 -4.17 -17.00 13.79
N TYR A 94 -3.17 -16.53 13.03
CA TYR A 94 -2.09 -17.39 12.51
C TYR A 94 -1.18 -17.86 13.64
N LYS A 95 -0.87 -16.96 14.59
CA LYS A 95 -0.02 -17.24 15.74
C LYS A 95 -0.61 -18.28 16.71
N CYS A 96 -1.95 -18.48 16.68
N CYS A 96 -1.93 -18.48 16.71
CA CYS A 96 -2.70 -19.47 17.47
CA CYS A 96 -2.53 -19.51 17.58
C CYS A 96 -2.39 -20.89 17.01
C CYS A 96 -2.36 -20.93 17.02
N ILE A 97 -2.13 -21.06 15.70
CA ILE A 97 -1.90 -22.35 15.03
C ILE A 97 -0.50 -22.90 15.32
N ASN A 98 -0.44 -24.14 15.82
CA ASN A 98 0.81 -24.86 16.06
C ASN A 98 1.04 -25.84 14.91
N HIS A 99 -0.03 -26.53 14.47
CA HIS A 99 -0.02 -27.51 13.38
C HIS A 99 -1.43 -27.69 12.80
N VAL A 100 -1.53 -28.02 11.50
CA VAL A 100 -2.79 -28.31 10.79
C VAL A 100 -2.56 -29.57 9.94
N SER A 101 -3.47 -30.54 10.02
CA SER A 101 -3.36 -31.75 9.20
C SER A 101 -4.69 -32.15 8.57
N ILE A 102 -4.67 -32.42 7.26
CA ILE A 102 -5.82 -32.89 6.49
C ILE A 102 -5.51 -34.38 6.23
N SER A 103 -6.36 -35.27 6.75
CA SER A 103 -6.15 -36.71 6.61
C SER A 103 -7.43 -37.48 6.26
N SER A 104 -7.25 -38.68 5.70
CA SER A 104 -8.32 -39.62 5.35
C SER A 104 -8.09 -40.92 6.13
N CYS A 105 -8.90 -41.95 5.88
CA CYS A 105 -8.77 -43.26 6.52
C CYS A 105 -7.40 -43.92 6.18
N ASN A 106 -6.85 -43.59 4.98
CA ASN A 106 -5.56 -44.07 4.47
C ASN A 106 -4.37 -43.32 5.08
N GLY A 107 -4.64 -42.24 5.82
CA GLY A 107 -3.62 -41.42 6.48
C GLY A 107 -3.61 -39.96 6.09
N VAL A 108 -2.54 -39.24 6.49
CA VAL A 108 -2.31 -37.81 6.23
C VAL A 108 -2.19 -37.55 4.73
N ILE A 109 -3.00 -36.61 4.22
CA ILE A 109 -3.01 -36.18 2.81
C ILE A 109 -2.08 -34.97 2.65
N TRP A 110 -2.17 -34.02 3.59
CA TRP A 110 -1.37 -32.79 3.63
C TRP A 110 -1.35 -32.25 5.05
N GLU A 111 -0.18 -31.76 5.47
CA GLU A 111 0.00 -31.15 6.79
C GLU A 111 1.01 -30.02 6.74
N ILE A 112 0.91 -29.08 7.70
CA ILE A 112 1.79 -27.92 7.77
C ILE A 112 2.02 -27.48 9.22
N GLU A 113 3.21 -26.94 9.50
CA GLU A 113 3.53 -26.38 10.80
C GLU A 113 2.98 -24.94 10.82
N GLY A 114 2.46 -24.50 11.97
CA GLY A 114 1.89 -23.18 12.18
C GLY A 114 2.65 -22.03 11.53
N GLU A 115 3.97 -21.96 11.78
CA GLU A 115 4.85 -20.93 11.22
C GLU A 115 4.95 -21.01 9.70
N GLU A 116 4.93 -22.22 9.14
CA GLU A 116 5.00 -22.43 7.70
C GLU A 116 3.74 -21.97 6.99
N LEU A 117 2.55 -22.16 7.61
CA LEU A 117 1.28 -21.68 7.06
C LEU A 117 1.31 -20.15 7.02
N TYR A 118 1.80 -19.51 8.10
CA TYR A 118 1.94 -18.06 8.24
C TYR A 118 2.88 -17.50 7.17
N ASN A 119 4.02 -18.19 6.93
CA ASN A 119 5.02 -17.81 5.93
C ASN A 119 4.43 -17.86 4.53
N ASN A 120 3.60 -18.87 4.24
CA ASN A 120 2.94 -19.05 2.95
C ASN A 120 1.87 -17.98 2.70
N CYS A 121 1.34 -17.37 3.78
CA CYS A 121 0.30 -16.34 3.71
C CYS A 121 0.80 -14.92 3.97
N ILE A 122 2.12 -14.75 4.22
CA ILE A 122 2.75 -13.45 4.54
C ILE A 122 2.58 -12.42 3.42
N ASN A 123 2.50 -12.89 2.17
CA ASN A 123 2.33 -12.07 0.95
C ASN A 123 0.85 -11.73 0.67
N ASN A 124 -0.09 -12.24 1.50
CA ASN A 124 -1.52 -12.01 1.37
C ASN A 124 -1.99 -11.06 2.48
N THR A 125 -2.12 -9.77 2.15
CA THR A 125 -2.55 -8.70 3.05
C THR A 125 -3.95 -8.93 3.61
N ILE A 126 -4.88 -9.44 2.77
CA ILE A 126 -6.27 -9.72 3.13
C ILE A 126 -6.33 -10.82 4.19
N ALA A 127 -5.63 -11.95 3.95
CA ALA A 127 -5.57 -13.09 4.87
C ALA A 127 -4.99 -12.67 6.21
N LEU A 128 -3.94 -11.83 6.19
CA LEU A 128 -3.29 -11.29 7.37
C LEU A 128 -4.22 -10.36 8.16
N LYS A 129 -4.97 -9.48 7.46
CA LYS A 129 -5.92 -8.55 8.10
C LYS A 129 -7.05 -9.32 8.80
N HIS A 130 -7.61 -10.35 8.11
CA HIS A 130 -8.69 -11.20 8.62
C HIS A 130 -8.30 -11.93 9.90
N SER A 131 -7.04 -12.40 10.00
CA SER A 131 -6.51 -13.13 11.15
C SER A 131 -6.38 -12.30 12.43
N GLY A 132 -6.50 -10.97 12.31
CA GLY A 132 -6.42 -10.09 13.46
C GLY A 132 -5.29 -9.08 13.44
N TYR A 133 -5.50 -7.98 12.72
CA TYR A 133 -4.55 -6.89 12.64
C TYR A 133 -5.32 -5.57 12.68
N SER A 134 -5.57 -5.08 13.90
CA SER A 134 -6.32 -3.85 14.19
C SER A 134 -5.79 -3.19 15.46
N SER A 135 -6.05 -1.87 15.64
CA SER A 135 -5.64 -1.15 16.85
C SER A 135 -6.42 -1.69 18.04
N GLU A 136 -7.66 -2.15 17.79
CA GLU A 136 -8.55 -2.73 18.79
C GLU A 136 -7.91 -3.98 19.38
N LEU A 137 -7.31 -4.83 18.53
CA LEU A 137 -6.69 -6.08 18.95
C LEU A 137 -5.22 -6.01 19.35
N ASN A 138 -4.41 -5.24 18.59
CA ASN A 138 -2.96 -5.23 18.75
C ASN A 138 -2.37 -4.10 19.59
N ASP A 139 -3.09 -3.00 19.85
CA ASP A 139 -2.56 -1.95 20.72
C ASP A 139 -2.62 -2.46 22.16
N ILE A 140 -1.68 -2.03 23.00
CA ILE A 140 -1.63 -2.50 24.39
C ILE A 140 -2.61 -1.70 25.26
N SER A 141 -3.76 -2.31 25.57
CA SER A 141 -4.83 -1.72 26.38
C SER A 141 -4.58 -1.91 27.88
N ILE A 142 -5.03 -0.95 28.71
CA ILE A 142 -4.85 -0.99 30.16
C ILE A 142 -6.20 -1.04 30.90
N GLY A 143 -6.31 -1.98 31.83
CA GLY A 143 -7.46 -2.16 32.70
C GLY A 143 -7.18 -1.51 34.04
N LEU A 144 -8.08 -0.63 34.48
CA LEU A 144 -7.90 0.12 35.72
C LEU A 144 -8.58 -0.49 36.95
N THR A 145 -9.77 -1.10 36.77
CA THR A 145 -10.52 -1.74 37.86
C THR A 145 -10.65 -3.25 37.61
N PRO A 146 -10.93 -4.11 38.62
CA PRO A 146 -11.03 -5.57 38.35
C PRO A 146 -12.15 -5.98 37.40
N ASN A 147 -13.12 -5.08 37.14
CA ASN A 147 -14.26 -5.32 36.24
C ASN A 147 -14.19 -4.48 34.96
N ASP A 148 -13.10 -3.72 34.76
CA ASP A 148 -12.85 -2.89 33.58
C ASP A 148 -12.60 -3.80 32.36
N THR A 149 -13.14 -3.43 31.19
CA THR A 149 -12.95 -4.20 29.96
C THR A 149 -11.67 -3.76 29.27
N ILE A 150 -10.67 -4.66 29.19
CA ILE A 150 -9.39 -4.41 28.50
C ILE A 150 -9.65 -4.58 26.98
N LYS A 151 -10.16 -5.76 26.58
CA LYS A 151 -10.46 -6.09 25.19
C LYS A 151 -11.89 -6.59 25.03
N GLU A 152 -12.58 -6.10 23.99
CA GLU A 152 -13.95 -6.52 23.68
C GLU A 152 -13.88 -7.84 22.93
N PRO A 153 -14.90 -8.73 22.99
CA PRO A 153 -14.82 -9.98 22.21
C PRO A 153 -14.80 -9.70 20.71
N SER A 154 -14.07 -10.54 19.95
CA SER A 154 -13.91 -10.39 18.52
C SER A 154 -13.75 -11.76 17.86
N THR A 155 -14.01 -11.82 16.55
CA THR A 155 -13.86 -13.02 15.74
C THR A 155 -12.73 -12.77 14.75
N VAL A 156 -11.80 -13.70 14.69
CA VAL A 156 -10.69 -13.64 13.73
C VAL A 156 -10.84 -14.78 12.74
N TYR A 157 -10.38 -14.59 11.50
CA TYR A 157 -10.48 -15.58 10.43
C TYR A 157 -9.11 -15.91 9.87
N VAL A 158 -8.72 -17.18 9.97
CA VAL A 158 -7.42 -17.69 9.55
C VAL A 158 -7.57 -18.50 8.26
N TYR A 159 -7.03 -18.00 7.17
CA TYR A 159 -7.09 -18.69 5.89
C TYR A 159 -6.02 -19.79 5.84
N ILE A 160 -6.46 -21.06 5.96
CA ILE A 160 -5.57 -22.22 5.89
C ILE A 160 -5.30 -22.49 4.41
N LYS A 161 -4.30 -21.80 3.83
CA LYS A 161 -3.92 -21.95 2.43
C LYS A 161 -3.39 -23.36 2.23
N THR A 162 -4.00 -24.09 1.28
CA THR A 162 -3.65 -25.48 0.96
C THR A 162 -3.33 -25.59 -0.54
N PRO A 163 -2.63 -26.66 -1.00
CA PRO A 163 -2.37 -26.79 -2.44
C PRO A 163 -3.62 -26.97 -3.32
N PHE A 164 -4.78 -27.17 -2.68
CA PHE A 164 -6.06 -27.36 -3.34
C PHE A 164 -6.71 -26.06 -3.83
N ASP A 165 -6.14 -24.90 -3.46
CA ASP A 165 -6.66 -23.58 -3.81
C ASP A 165 -6.01 -22.93 -5.04
N VAL A 166 -4.84 -23.45 -5.46
CA VAL A 166 -4.02 -22.95 -6.57
C VAL A 166 -4.83 -22.70 -7.85
N GLU A 167 -5.53 -23.73 -8.37
CA GLU A 167 -6.34 -23.61 -9.58
C GLU A 167 -7.82 -23.86 -9.33
N ASP A 168 -8.31 -23.32 -8.19
CA ASP A 168 -9.70 -23.40 -7.73
C ASP A 168 -10.27 -24.83 -7.78
N THR A 169 -11.31 -25.06 -8.60
CA THR A 169 -11.98 -26.36 -8.74
C THR A 169 -11.06 -27.44 -9.32
N PHE A 170 -10.08 -27.06 -10.17
CA PHE A 170 -9.14 -27.98 -10.80
C PHE A 170 -8.21 -28.63 -9.78
N SER A 171 -7.79 -27.87 -8.76
CA SER A 171 -6.87 -28.31 -7.72
C SER A 171 -7.55 -28.84 -6.44
N SER A 172 -8.88 -28.63 -6.30
CA SER A 172 -9.71 -29.02 -5.15
C SER A 172 -9.48 -30.45 -4.64
N LEU A 173 -9.60 -30.65 -3.32
CA LEU A 173 -9.46 -31.98 -2.71
C LEU A 173 -10.74 -32.75 -2.97
N LYS A 174 -10.65 -33.87 -3.68
CA LYS A 174 -11.78 -34.74 -3.97
C LYS A 174 -11.95 -35.73 -2.80
N LEU A 175 -13.20 -35.95 -2.36
CA LEU A 175 -13.60 -36.86 -1.28
C LEU A 175 -14.32 -38.04 -1.95
N SER A 176 -13.56 -39.08 -2.35
CA SER A 176 -14.11 -40.26 -3.01
C SER A 176 -14.80 -41.17 -1.99
N ASP A 177 -15.99 -40.71 -1.49
CA ASP A 177 -16.81 -41.40 -0.47
C ASP A 177 -16.00 -41.74 0.82
N SER A 178 -14.95 -40.94 1.08
CA SER A 178 -14.04 -41.08 2.21
C SER A 178 -14.27 -39.98 3.24
N LYS A 179 -13.83 -40.24 4.48
CA LYS A 179 -13.99 -39.33 5.61
C LYS A 179 -12.72 -38.49 5.76
N ILE A 180 -12.85 -37.17 5.54
CA ILE A 180 -11.74 -36.23 5.68
C ILE A 180 -11.76 -35.63 7.08
N THR A 181 -10.62 -35.69 7.77
CA THR A 181 -10.48 -35.16 9.11
C THR A 181 -9.46 -34.02 9.10
N VAL A 182 -9.90 -32.83 9.50
CA VAL A 182 -9.04 -31.65 9.60
C VAL A 182 -8.76 -31.49 11.10
N THR A 183 -7.47 -31.62 11.46
CA THR A 183 -7.00 -31.52 12.84
C THR A 183 -6.16 -30.27 13.02
N VAL A 184 -6.57 -29.39 13.93
CA VAL A 184 -5.84 -28.16 14.23
C VAL A 184 -5.29 -28.21 15.66
N THR A 185 -3.97 -28.12 15.80
CA THR A 185 -3.29 -28.09 17.09
C THR A 185 -3.00 -26.64 17.42
N PHE A 186 -3.37 -26.22 18.64
CA PHE A 186 -3.19 -24.83 19.05
C PHE A 186 -2.02 -24.60 19.98
N ASN A 187 -1.31 -23.49 19.76
CA ASN A 187 -0.20 -23.02 20.58
C ASN A 187 -0.78 -22.51 21.91
N PRO A 188 -0.04 -22.53 23.05
CA PRO A 188 -0.61 -22.00 24.30
C PRO A 188 -0.98 -20.52 24.16
N VAL A 189 -2.03 -20.06 24.89
CA VAL A 189 -2.51 -18.68 24.81
C VAL A 189 -1.40 -17.65 25.17
N SER A 190 -0.34 -18.12 25.85
CA SER A 190 0.81 -17.31 26.23
C SER A 190 1.51 -16.71 25.00
N ASP A 191 1.58 -17.50 23.90
CA ASP A 191 2.22 -17.14 22.63
C ASP A 191 1.53 -15.99 21.89
N ILE A 192 0.19 -15.90 21.99
CA ILE A 192 -0.61 -14.92 21.26
C ILE A 192 -0.93 -13.64 22.06
N VAL A 193 -0.41 -13.54 23.29
CA VAL A 193 -0.71 -12.43 24.19
C VAL A 193 0.55 -11.65 24.66
N ILE A 194 0.45 -10.31 24.65
CA ILE A 194 1.46 -9.39 25.15
C ILE A 194 0.85 -8.73 26.41
N ARG A 195 1.44 -9.00 27.59
CA ARG A 195 0.94 -8.51 28.88
C ARG A 195 2.03 -8.10 29.86
N ASP A 196 1.66 -7.29 30.87
CA ASP A 196 2.58 -6.88 31.96
C ASP A 196 2.38 -7.78 33.19
N SER A 197 3.18 -7.57 34.27
CA SER A 197 3.10 -8.34 35.53
C SER A 197 1.77 -8.10 36.25
N SER A 198 1.25 -6.88 36.18
CA SER A 198 -0.02 -6.47 36.79
C SER A 198 -1.21 -7.32 36.32
N PHE A 199 -1.22 -7.71 35.02
CA PHE A 199 -2.26 -8.54 34.40
C PHE A 199 -2.25 -9.95 35.01
N ASP A 200 -3.42 -10.41 35.46
CA ASP A 200 -3.57 -11.73 36.05
C ASP A 200 -3.59 -12.79 34.95
N PHE A 201 -2.40 -13.16 34.45
CA PHE A 201 -2.28 -14.17 33.40
C PHE A 201 -2.66 -15.56 33.90
N GLU A 202 -2.39 -15.86 35.19
CA GLU A 202 -2.69 -17.14 35.85
C GLU A 202 -4.17 -17.51 35.68
N THR A 203 -5.08 -16.56 36.00
CA THR A 203 -6.53 -16.74 35.86
C THR A 203 -6.92 -16.80 34.38
N PHE A 204 -6.33 -15.90 33.54
CA PHE A 204 -6.59 -15.84 32.10
C PHE A 204 -6.28 -17.15 31.40
N ASN A 205 -5.12 -17.77 31.72
CA ASN A 205 -4.68 -19.04 31.14
C ASN A 205 -5.64 -20.18 31.51
N LYS A 206 -6.22 -20.12 32.72
CA LYS A 206 -7.18 -21.12 33.21
C LYS A 206 -8.52 -20.93 32.47
N GLU A 207 -9.05 -19.70 32.49
CA GLU A 207 -10.33 -19.31 31.90
C GLU A 207 -10.39 -19.31 30.35
N PHE A 208 -9.25 -19.13 29.65
CA PHE A 208 -9.22 -19.09 28.19
C PHE A 208 -9.42 -20.45 27.54
N VAL A 209 -10.29 -20.48 26.52
CA VAL A 209 -10.57 -21.65 25.69
C VAL A 209 -10.62 -21.24 24.23
N TYR A 210 -10.01 -22.05 23.35
CA TYR A 210 -10.05 -21.79 21.92
C TYR A 210 -11.42 -22.23 21.42
N VAL A 211 -12.15 -21.29 20.79
CA VAL A 211 -13.48 -21.56 20.25
C VAL A 211 -13.37 -21.56 18.71
N PRO A 212 -13.02 -22.72 18.09
CA PRO A 212 -12.84 -22.74 16.63
C PRO A 212 -14.05 -23.23 15.84
N GLU A 213 -14.07 -22.83 14.56
CA GLU A 213 -15.07 -23.23 13.58
C GLU A 213 -14.37 -23.27 12.23
N LEU A 214 -14.49 -24.41 11.51
CA LEU A 214 -13.87 -24.56 10.21
C LEU A 214 -14.86 -24.40 9.08
N SER A 215 -14.57 -23.43 8.19
CA SER A 215 -15.36 -23.16 7.00
C SER A 215 -14.55 -23.60 5.80
N PHE A 216 -15.24 -24.01 4.73
CA PHE A 216 -14.63 -24.44 3.46
C PHE A 216 -15.66 -24.32 2.35
N ILE A 217 -15.19 -24.21 1.10
CA ILE A 217 -16.09 -24.18 -0.05
C ILE A 217 -16.24 -25.63 -0.51
N GLY A 218 -17.41 -26.20 -0.25
CA GLY A 218 -17.76 -27.56 -0.66
C GLY A 218 -18.36 -27.54 -2.05
N TYR A 219 -18.12 -28.60 -2.83
CA TYR A 219 -18.65 -28.73 -4.19
C TYR A 219 -19.41 -30.02 -4.38
N MET A 220 -20.69 -29.92 -4.82
CA MET A 220 -21.53 -31.08 -5.12
C MET A 220 -21.40 -31.32 -6.61
N VAL A 221 -20.61 -32.31 -7.01
CA VAL A 221 -20.33 -32.57 -8.41
C VAL A 221 -21.15 -33.75 -8.96
N LYS A 222 -21.90 -33.49 -10.04
CA LYS A 222 -22.67 -34.53 -10.72
C LYS A 222 -21.73 -35.24 -11.71
N ASN A 223 -21.61 -36.58 -11.55
CA ASN A 223 -20.76 -37.46 -12.37
C ASN A 223 -19.31 -36.96 -12.45
N VAL A 224 -18.65 -36.88 -11.28
CA VAL A 224 -17.26 -36.44 -11.16
C VAL A 224 -16.31 -37.40 -11.87
N GLN A 225 -15.35 -36.85 -12.64
CA GLN A 225 -14.35 -37.64 -13.36
C GLN A 225 -13.00 -37.37 -12.70
N ILE A 226 -12.73 -38.09 -11.60
CA ILE A 226 -11.50 -37.93 -10.83
C ILE A 226 -10.29 -38.50 -11.57
N LYS A 227 -9.18 -37.75 -11.54
CA LYS A 227 -7.89 -38.09 -12.13
C LYS A 227 -6.81 -37.88 -11.04
N PRO A 228 -5.65 -38.58 -11.09
CA PRO A 228 -4.64 -38.35 -10.04
C PRO A 228 -3.94 -36.99 -10.21
N SER A 229 -3.41 -36.46 -9.09
CA SER A 229 -2.68 -35.20 -9.09
C SER A 229 -1.38 -35.27 -8.27
N PHE A 230 -0.71 -34.13 -8.13
CA PHE A 230 0.54 -34.00 -7.39
C PHE A 230 0.41 -32.93 -6.33
N ILE A 231 1.03 -33.16 -5.16
CA ILE A 231 0.96 -32.26 -4.02
C ILE A 231 2.35 -32.02 -3.41
N GLU A 232 2.65 -30.77 -3.05
CA GLU A 232 3.91 -30.40 -2.39
C GLU A 232 3.62 -30.37 -0.87
N LYS A 233 4.34 -31.21 -0.10
CA LYS A 233 4.15 -31.27 1.36
C LYS A 233 5.35 -30.65 2.08
N PRO A 234 5.15 -29.59 2.90
CA PRO A 234 6.31 -28.99 3.59
C PRO A 234 6.75 -29.75 4.83
N ARG A 235 8.05 -29.83 5.01
CA ARG A 235 8.72 -30.51 6.12
C ARG A 235 9.74 -29.55 6.68
N ARG A 236 9.83 -29.43 8.01
CA ARG A 236 10.86 -28.56 8.55
C ARG A 236 11.69 -29.22 9.63
N VAL A 237 12.98 -28.88 9.66
CA VAL A 237 13.95 -29.40 10.60
C VAL A 237 14.53 -28.18 11.33
N ILE A 238 14.45 -28.20 12.67
CA ILE A 238 14.99 -27.13 13.51
C ILE A 238 16.27 -27.65 14.12
N GLY A 239 17.36 -26.98 13.76
CA GLY A 239 18.70 -27.31 14.24
C GLY A 239 18.89 -27.09 15.72
N GLN A 240 19.94 -27.73 16.26
CA GLN A 240 20.31 -27.60 17.67
C GLN A 240 20.62 -26.15 17.95
N ILE A 241 20.24 -25.68 19.14
CA ILE A 241 20.41 -24.31 19.60
C ILE A 241 21.83 -23.79 19.31
N ASN A 242 21.93 -22.70 18.53
CA ASN A 242 23.14 -21.98 18.05
C ASN A 242 24.00 -22.75 17.03
N GLN A 243 23.72 -24.05 16.76
CA GLN A 243 24.46 -24.87 15.79
C GLN A 243 24.21 -24.39 14.36
N PRO A 244 25.27 -24.08 13.58
CA PRO A 244 25.08 -23.55 12.22
C PRO A 244 24.80 -24.60 11.14
N THR A 245 24.31 -25.79 11.54
CA THR A 245 24.00 -26.88 10.61
C THR A 245 22.65 -27.53 10.92
N ALA A 246 22.00 -28.06 9.87
CA ALA A 246 20.74 -28.80 9.94
C ALA A 246 20.65 -29.70 8.71
N THR A 247 20.10 -30.91 8.88
CA THR A 247 19.97 -31.88 7.80
C THR A 247 18.54 -32.42 7.70
N VAL A 248 18.03 -32.45 6.47
CA VAL A 248 16.72 -33.00 6.13
C VAL A 248 17.04 -34.33 5.44
N THR A 249 16.61 -35.45 6.04
CA THR A 249 16.88 -36.79 5.49
C THR A 249 15.80 -37.23 4.52
N GLU A 250 16.10 -38.31 3.76
CA GLU A 250 15.22 -38.93 2.77
C GLU A 250 14.62 -37.91 1.77
N VAL A 251 15.48 -37.07 1.17
CA VAL A 251 15.07 -36.10 0.16
C VAL A 251 15.22 -36.81 -1.20
N HIS A 252 14.09 -37.15 -1.83
CA HIS A 252 14.08 -37.87 -3.10
C HIS A 252 13.57 -37.05 -4.28
N ALA A 253 12.54 -36.21 -4.05
CA ALA A 253 11.94 -35.35 -5.05
C ALA A 253 11.42 -34.06 -4.41
N ALA A 254 12.32 -33.07 -4.25
CA ALA A 254 11.95 -31.80 -3.64
C ALA A 254 11.82 -30.67 -4.64
N THR A 255 10.75 -29.86 -4.49
CA THR A 255 10.41 -28.72 -5.34
C THR A 255 11.13 -27.44 -4.88
N SER A 256 11.41 -27.32 -3.57
CA SER A 256 12.09 -26.17 -2.98
C SER A 256 12.73 -26.48 -1.62
N LEU A 257 13.65 -25.60 -1.20
CA LEU A 257 14.32 -25.67 0.10
C LEU A 257 14.54 -24.25 0.64
N SER A 258 13.95 -23.94 1.79
CA SER A 258 14.08 -22.64 2.45
C SER A 258 14.95 -22.72 3.70
N VAL A 259 15.76 -21.68 3.94
CA VAL A 259 16.63 -21.59 5.11
C VAL A 259 16.43 -20.25 5.79
N TYR A 260 16.18 -20.27 7.11
CA TYR A 260 16.04 -19.07 7.94
C TYR A 260 16.47 -19.34 9.39
N THR A 261 16.56 -18.26 10.19
CA THR A 261 16.97 -18.30 11.59
C THR A 261 15.84 -17.79 12.47
N LYS A 262 15.75 -18.31 13.69
CA LYS A 262 14.78 -17.89 14.69
C LYS A 262 15.50 -17.60 16.01
N PRO A 263 15.06 -16.61 16.83
CA PRO A 263 15.70 -16.46 18.13
C PRO A 263 15.10 -17.46 19.12
N TYR A 264 15.82 -17.72 20.21
CA TYR A 264 15.37 -18.61 21.27
C TYR A 264 15.53 -17.86 22.59
N TYR A 265 14.41 -17.69 23.30
CA TYR A 265 14.36 -16.91 24.54
C TYR A 265 14.10 -17.76 25.81
N GLY A 266 14.51 -19.02 25.78
CA GLY A 266 14.37 -19.94 26.91
C GLY A 266 15.24 -19.55 28.10
N ASN A 267 16.40 -18.91 27.83
CA ASN A 267 17.34 -18.44 28.85
C ASN A 267 16.89 -17.10 29.49
N THR A 268 15.70 -16.59 29.11
CA THR A 268 15.11 -15.32 29.58
C THR A 268 13.69 -15.52 30.10
N ASP A 269 13.11 -14.49 30.77
CA ASP A 269 11.74 -14.50 31.28
C ASP A 269 10.73 -14.00 30.21
N ASN A 270 11.24 -13.75 28.98
CA ASN A 270 10.53 -13.24 27.79
C ASN A 270 9.94 -11.84 27.98
N LYS A 271 10.48 -11.07 28.93
CA LYS A 271 10.06 -9.71 29.22
C LYS A 271 10.91 -8.72 28.43
N PHE A 272 10.26 -7.71 27.84
CA PHE A 272 10.89 -6.66 27.04
C PHE A 272 10.41 -5.30 27.57
N ILE A 273 11.27 -4.27 27.51
CA ILE A 273 10.97 -2.93 28.02
C ILE A 273 9.75 -2.29 27.34
N SER A 274 9.69 -2.37 26.00
CA SER A 274 8.65 -1.72 25.20
C SER A 274 8.06 -2.57 24.08
N TYR A 275 6.92 -2.08 23.53
CA TYR A 275 6.20 -2.67 22.41
C TYR A 275 5.37 -1.59 21.69
N PRO A 276 5.43 -1.47 20.34
CA PRO A 276 4.70 -0.40 19.64
C PRO A 276 3.19 -0.59 19.51
N GLY A 277 2.74 -1.84 19.56
CA GLY A 277 1.33 -2.20 19.41
C GLY A 277 0.97 -2.51 17.97
N TYR A 278 -0.12 -1.88 17.48
CA TYR A 278 -0.62 -2.04 16.12
C TYR A 278 0.38 -1.49 15.08
N SER A 279 0.98 -0.31 15.37
CA SER A 279 1.98 0.34 14.50
C SER A 279 3.20 -0.56 14.54
N GLN A 280 3.53 -1.20 13.41
CA GLN A 280 4.59 -2.22 13.35
C GLN A 280 5.84 -1.89 12.53
N ASP A 281 6.06 -0.63 12.12
CA ASP A 281 7.27 -0.31 11.36
C ASP A 281 8.49 -0.30 12.28
N GLU A 282 9.71 -0.39 11.68
CA GLU A 282 10.97 -0.37 12.42
C GLU A 282 11.03 0.90 13.28
N LYS A 283 10.61 2.05 12.72
CA LYS A 283 10.57 3.34 13.40
C LYS A 283 9.59 3.31 14.58
N ASP A 284 8.44 2.60 14.43
CA ASP A 284 7.44 2.47 15.48
C ASP A 284 7.97 1.73 16.70
N TYR A 285 8.81 0.71 16.45
CA TYR A 285 9.45 -0.09 17.49
C TYR A 285 10.46 0.76 18.25
N ILE A 286 11.27 1.54 17.49
CA ILE A 286 12.28 2.44 18.03
C ILE A 286 11.65 3.56 18.87
N ASP A 287 10.61 4.24 18.32
CA ASP A 287 9.91 5.33 18.98
C ASP A 287 9.27 4.92 20.30
N ALA A 288 8.68 3.71 20.34
CA ALA A 288 8.05 3.16 21.54
C ALA A 288 9.06 2.96 22.66
N TYR A 289 10.29 2.52 22.31
CA TYR A 289 11.41 2.27 23.21
C TYR A 289 11.96 3.58 23.76
N VAL A 290 12.22 4.56 22.88
CA VAL A 290 12.73 5.89 23.23
C VAL A 290 11.75 6.55 24.21
N SER A 291 10.44 6.48 23.91
CA SER A 291 9.36 7.03 24.73
C SER A 291 9.34 6.40 26.14
N ARG A 292 9.62 5.10 26.24
CA ARG A 292 9.64 4.38 27.52
C ARG A 292 10.87 4.74 28.37
N LEU A 293 12.01 5.03 27.71
CA LEU A 293 13.26 5.39 28.37
C LEU A 293 13.30 6.84 28.85
N LEU A 294 12.72 7.77 28.06
CA LEU A 294 12.71 9.21 28.34
C LEU A 294 12.15 9.60 29.70
N ASP A 295 11.23 8.78 30.26
CA ASP A 295 10.60 8.99 31.56
C ASP A 295 11.65 9.04 32.69
N ASP A 296 12.69 8.20 32.58
CA ASP A 296 13.80 8.11 33.53
C ASP A 296 15.08 8.79 33.03
N LEU A 297 15.23 8.96 31.69
CA LEU A 297 16.42 9.54 31.08
C LEU A 297 16.63 11.01 31.45
N VAL A 298 15.60 11.85 31.32
CA VAL A 298 15.68 13.28 31.67
C VAL A 298 14.66 13.56 32.78
N ILE A 299 15.17 13.99 33.95
CA ILE A 299 14.35 14.25 35.14
C ILE A 299 14.43 15.72 35.57
N VAL A 300 13.28 16.34 35.86
CA VAL A 300 13.18 17.70 36.38
C VAL A 300 12.80 17.50 37.86
N SER A 301 13.76 17.72 38.77
CA SER A 301 13.56 17.47 40.20
C SER A 301 14.06 18.59 41.10
N ASP A 302 13.49 18.67 42.32
CA ASP A 302 13.89 19.62 43.37
C ASP A 302 15.02 18.90 44.13
N GLY A 303 16.24 19.12 43.66
CA GLY A 303 17.43 18.47 44.18
C GLY A 303 17.66 17.12 43.50
N PRO A 304 18.67 16.32 43.90
CA PRO A 304 18.90 15.03 43.23
C PRO A 304 17.70 14.07 43.21
N PRO A 305 17.38 13.47 42.03
CA PRO A 305 16.23 12.55 41.96
C PRO A 305 16.32 11.33 42.87
N THR A 306 15.15 10.87 43.33
CA THR A 306 14.96 9.72 44.21
C THR A 306 14.12 8.65 43.51
N GLY A 307 14.18 7.42 44.02
CA GLY A 307 13.43 6.29 43.49
C GLY A 307 14.21 5.48 42.47
N TYR A 308 15.52 5.72 42.38
CA TYR A 308 16.43 5.03 41.47
C TYR A 308 17.46 4.20 42.25
N PRO A 309 17.99 3.08 41.67
CA PRO A 309 18.99 2.28 42.41
C PRO A 309 20.26 3.07 42.75
N GLU A 310 21.02 2.62 43.77
CA GLU A 310 22.27 3.28 44.17
C GLU A 310 23.29 3.30 43.02
N SER A 311 23.23 2.26 42.18
CA SER A 311 24.05 2.04 40.98
C SER A 311 23.88 3.14 39.91
N ALA A 312 22.71 3.81 39.90
CA ALA A 312 22.38 4.86 38.94
C ALA A 312 23.25 6.11 39.12
N GLU A 313 23.76 6.65 38.01
CA GLU A 313 24.58 7.85 37.97
C GLU A 313 23.77 8.98 37.31
N ILE A 314 22.99 9.71 38.13
CA ILE A 314 22.15 10.81 37.66
C ILE A 314 22.89 12.14 37.91
N VAL A 315 23.36 12.76 36.83
CA VAL A 315 24.15 13.99 36.81
C VAL A 315 23.27 15.21 36.46
N GLU A 316 23.48 16.35 37.16
CA GLU A 316 22.77 17.60 36.89
C GLU A 316 23.36 18.21 35.62
N VAL A 317 22.47 18.64 34.70
CA VAL A 317 22.86 19.23 33.42
C VAL A 317 23.47 20.63 33.67
N PRO A 318 24.71 20.93 33.18
CA PRO A 318 25.28 22.27 33.41
C PRO A 318 24.55 23.39 32.67
N GLU A 319 24.94 24.66 32.93
CA GLU A 319 24.38 25.86 32.28
C GLU A 319 24.61 25.76 30.77
N ASP A 320 25.70 25.08 30.40
CA ASP A 320 26.18 24.78 29.05
C ASP A 320 25.14 23.93 28.27
N GLY A 321 24.51 22.98 28.98
CA GLY A 321 23.51 22.08 28.41
C GLY A 321 24.04 20.71 28.02
N ILE A 322 25.38 20.60 27.90
CA ILE A 322 26.09 19.38 27.51
C ILE A 322 26.58 18.58 28.73
N VAL A 323 26.21 17.28 28.77
CA VAL A 323 26.63 16.30 29.78
C VAL A 323 27.51 15.30 29.06
N SER A 324 28.72 15.06 29.57
CA SER A 324 29.67 14.14 28.96
C SER A 324 29.69 12.79 29.66
N ILE A 325 29.35 11.73 28.92
CA ILE A 325 29.38 10.34 29.37
C ILE A 325 30.51 9.73 28.56
N GLN A 326 31.75 9.88 29.08
CA GLN A 326 33.00 9.46 28.44
C GLN A 326 33.14 10.22 27.11
N ASP A 327 33.23 9.50 25.98
CA ASP A 327 33.35 10.04 24.62
C ASP A 327 32.06 10.71 24.12
N ALA A 328 30.89 10.28 24.64
CA ALA A 328 29.58 10.77 24.21
C ALA A 328 29.08 12.02 24.94
N ASP A 329 28.64 13.02 24.16
CA ASP A 329 28.09 14.28 24.66
C ASP A 329 26.58 14.31 24.46
N VAL A 330 25.82 14.58 25.53
CA VAL A 330 24.35 14.65 25.49
C VAL A 330 23.90 16.09 25.74
N TYR A 331 23.22 16.70 24.76
CA TYR A 331 22.71 18.06 24.86
C TYR A 331 21.27 18.00 25.40
N VAL A 332 21.06 18.48 26.64
CA VAL A 332 19.75 18.48 27.27
C VAL A 332 19.31 19.91 27.60
N LYS A 333 18.20 20.37 26.99
CA LYS A 333 17.64 21.69 27.23
C LYS A 333 16.12 21.65 27.36
N ILE A 334 15.61 21.83 28.59
CA ILE A 334 14.18 21.82 28.92
C ILE A 334 13.71 23.24 29.28
N ASP A 335 12.57 23.67 28.68
CA ASP A 335 11.97 24.99 28.91
C ASP A 335 10.98 24.96 30.08
N ASN A 336 10.70 26.15 30.65
CA ASN A 336 9.76 26.39 31.74
C ASN A 336 10.05 25.53 32.99
N VAL A 337 11.35 25.35 33.31
CA VAL A 337 11.78 24.59 34.48
C VAL A 337 11.63 25.50 35.72
N PRO A 338 10.91 25.06 36.78
CA PRO A 338 10.76 25.90 37.98
C PRO A 338 12.10 26.30 38.61
N ASP A 339 12.15 27.51 39.21
CA ASP A 339 13.35 28.07 39.84
C ASP A 339 13.94 27.19 40.95
N ASN A 340 13.08 26.45 41.68
CA ASN A 340 13.48 25.54 42.76
C ASN A 340 14.01 24.19 42.25
N MET A 341 13.73 23.87 40.97
CA MET A 341 14.11 22.62 40.33
C MET A 341 15.28 22.75 39.34
N SER A 342 15.97 21.62 39.07
CA SER A 342 17.07 21.50 38.13
C SER A 342 16.81 20.38 37.12
N VAL A 343 17.56 20.38 36.00
CA VAL A 343 17.46 19.35 34.95
C VAL A 343 18.56 18.31 35.18
N TYR A 344 18.16 17.04 35.27
CA TYR A 344 19.02 15.89 35.52
C TYR A 344 19.02 14.89 34.34
N LEU A 345 20.17 14.22 34.14
CA LEU A 345 20.32 13.20 33.10
C LEU A 345 20.81 11.88 33.70
N HIS A 346 20.10 10.77 33.41
CA HIS A 346 20.49 9.44 33.84
C HIS A 346 21.58 8.99 32.86
N THR A 347 22.84 9.02 33.29
CA THR A 347 23.99 8.73 32.43
C THR A 347 24.24 7.21 32.23
N ASN A 348 23.51 6.33 32.92
CA ASN A 348 23.66 4.88 32.79
C ASN A 348 22.34 4.11 32.97
N LEU A 349 21.29 4.54 32.25
CA LEU A 349 19.95 3.94 32.32
C LEU A 349 19.95 2.42 32.15
N LEU A 350 20.68 1.94 31.13
CA LEU A 350 20.88 0.54 30.85
C LEU A 350 22.33 0.41 30.41
N MET A 351 23.13 -0.39 31.15
CA MET A 351 24.54 -0.58 30.85
C MET A 351 24.95 -2.06 30.92
N PHE A 352 25.88 -2.45 30.05
CA PHE A 352 26.36 -3.83 29.99
C PHE A 352 27.87 -3.89 29.73
N GLY A 353 28.52 -4.86 30.37
CA GLY A 353 29.94 -5.12 30.25
C GLY A 353 30.29 -6.46 30.84
N THR A 354 31.24 -7.19 30.22
CA THR A 354 31.68 -8.50 30.71
C THR A 354 32.89 -8.36 31.66
N ARG A 355 33.63 -7.23 31.57
CA ARG A 355 34.79 -6.91 32.40
C ARG A 355 34.63 -5.54 33.08
N LYS A 356 35.22 -5.37 34.28
CA LYS A 356 35.08 -4.17 35.12
C LYS A 356 35.63 -2.85 34.57
N ASN A 357 36.73 -2.86 33.81
CA ASN A 357 37.29 -1.60 33.28
C ASN A 357 37.51 -1.65 31.76
N SER A 358 36.56 -2.30 31.06
CA SER A 358 36.59 -2.49 29.61
C SER A 358 35.47 -1.69 28.92
N PHE A 359 35.08 -2.12 27.69
CA PHE A 359 34.05 -1.50 26.89
CA PHE A 359 34.03 -1.49 26.89
C PHE A 359 32.68 -1.63 27.60
N ILE A 360 31.87 -0.57 27.54
CA ILE A 360 30.55 -0.55 28.16
C ILE A 360 29.54 -0.25 27.05
N TYR A 361 28.42 -0.97 27.06
CA TYR A 361 27.31 -0.68 26.17
C TYR A 361 26.28 0.08 27.01
N ASN A 362 26.30 1.40 26.89
CA ASN A 362 25.41 2.28 27.66
C ASN A 362 24.34 2.87 26.74
N ILE A 363 23.07 2.68 27.10
CA ILE A 363 21.95 3.16 26.30
C ILE A 363 21.84 4.69 26.35
N SER A 364 22.29 5.32 27.45
CA SER A 364 22.26 6.78 27.63
C SER A 364 23.24 7.47 26.67
N LYS A 365 24.33 6.76 26.29
CA LYS A 365 25.34 7.24 25.34
C LYS A 365 24.79 7.27 23.90
N LYS A 366 23.67 6.56 23.65
CA LYS A 366 23.00 6.47 22.36
C LYS A 366 22.07 7.68 22.09
N PHE A 367 22.15 8.72 22.93
CA PHE A 367 21.37 9.95 22.82
C PHE A 367 22.32 11.14 22.66
N SER A 368 22.03 12.04 21.71
CA SER A 368 22.88 13.21 21.47
C SER A 368 22.20 14.54 21.83
N ALA A 369 20.86 14.61 21.65
CA ALA A 369 20.06 15.80 21.96
C ALA A 369 18.67 15.44 22.47
N ILE A 370 18.23 16.13 23.55
CA ILE A 370 16.91 15.95 24.17
C ILE A 370 16.36 17.34 24.53
N THR A 371 15.32 17.77 23.80
CA THR A 371 14.66 19.06 24.04
C THR A 371 13.20 18.83 24.43
N GLY A 372 12.65 19.77 25.20
CA GLY A 372 11.28 19.71 25.67
C GLY A 372 10.88 20.89 26.52
N THR A 373 9.64 20.85 27.03
CA THR A 373 9.08 21.90 27.88
C THR A 373 8.40 21.24 29.08
N TYR A 374 8.71 21.75 30.29
CA TYR A 374 8.13 21.26 31.53
C TYR A 374 6.71 21.81 31.66
N SER A 375 5.76 20.94 32.04
CA SER A 375 4.38 21.30 32.25
C SER A 375 4.15 21.50 33.74
N ASP A 376 3.74 22.72 34.14
CA ASP A 376 3.46 23.06 35.53
C ASP A 376 2.17 22.36 35.99
N ALA A 377 1.16 22.34 35.10
CA ALA A 377 -0.16 21.75 35.35
C ALA A 377 -0.13 20.26 35.64
N THR A 378 0.60 19.46 34.83
CA THR A 378 0.69 18.01 35.00
C THR A 378 1.95 17.56 35.73
N LYS A 379 2.83 18.52 36.09
CA LYS A 379 4.11 18.29 36.80
C LYS A 379 4.99 17.23 36.10
N ARG A 380 5.12 17.35 34.76
CA ARG A 380 5.89 16.42 33.93
C ARG A 380 6.53 17.09 32.71
N THR A 381 7.56 16.46 32.13
CA THR A 381 8.28 16.98 30.97
C THR A 381 7.64 16.45 29.69
N ILE A 382 7.33 17.37 28.77
CA ILE A 382 6.75 17.07 27.47
C ILE A 382 7.87 17.28 26.45
N PHE A 383 8.42 16.16 25.95
CA PHE A 383 9.55 16.17 25.00
C PHE A 383 9.13 16.60 23.61
N ALA A 384 9.95 17.45 22.98
CA ALA A 384 9.70 18.00 21.66
C ALA A 384 10.48 17.28 20.55
N HIS A 385 11.80 17.17 20.71
CA HIS A 385 12.67 16.52 19.71
C HIS A 385 13.81 15.76 20.37
N ILE A 386 14.02 14.51 19.92
CA ILE A 386 15.07 13.63 20.41
C ILE A 386 15.99 13.23 19.26
N SER A 387 17.29 13.51 19.39
CA SER A 387 18.32 13.10 18.44
C SER A 387 19.02 11.91 19.10
N HIS A 388 18.92 10.73 18.48
CA HIS A 388 19.47 9.49 19.03
C HIS A 388 19.92 8.51 17.95
N SER A 389 20.57 7.42 18.39
CA SER A 389 21.07 6.33 17.54
C SER A 389 20.52 4.94 17.95
N ILE A 390 19.34 4.92 18.60
CA ILE A 390 18.64 3.70 19.03
C ILE A 390 18.23 2.89 17.78
N ASN A 391 18.50 1.57 17.79
CA ASN A 391 18.19 0.68 16.68
C ASN A 391 17.14 -0.39 17.03
N ILE A 392 16.75 -1.21 16.02
CA ILE A 392 15.77 -2.29 16.17
C ILE A 392 16.28 -3.41 17.11
N ILE A 393 17.61 -3.59 17.20
CA ILE A 393 18.21 -4.59 18.09
C ILE A 393 17.95 -4.19 19.55
N ASP A 394 18.15 -2.89 19.90
CA ASP A 394 17.93 -2.34 21.24
C ASP A 394 16.55 -2.63 21.78
N THR A 395 15.53 -2.48 20.93
CA THR A 395 14.12 -2.72 21.25
C THR A 395 13.83 -4.22 21.37
N SER A 396 14.72 -5.07 20.80
CA SER A 396 14.59 -6.53 20.79
C SER A 396 15.40 -7.24 21.88
N ILE A 397 16.04 -6.47 22.78
CA ILE A 397 16.83 -7.05 23.87
C ILE A 397 15.92 -7.48 25.04
N PRO A 398 15.88 -8.77 25.42
CA PRO A 398 15.08 -9.16 26.59
C PRO A 398 15.72 -8.56 27.85
N VAL A 399 14.90 -8.05 28.78
CA VAL A 399 15.29 -7.39 30.03
C VAL A 399 16.29 -8.24 30.84
N SER A 400 16.11 -9.58 30.85
CA SER A 400 16.98 -10.56 31.54
C SER A 400 18.45 -10.39 31.19
N LEU A 401 18.76 -10.12 29.90
CA LEU A 401 20.12 -9.98 29.40
C LEU A 401 20.83 -8.74 29.92
N TRP A 402 20.08 -7.71 30.36
CA TRP A 402 20.67 -6.50 30.94
C TRP A 402 21.12 -6.80 32.37
N THR A 403 20.39 -7.70 33.07
CA THR A 403 20.67 -8.08 34.46
C THR A 403 21.28 -9.48 34.61
N SER A 404 21.85 -10.02 33.51
CA SER A 404 22.45 -11.36 33.50
C SER A 404 23.73 -11.46 34.33
N GLN A 405 24.16 -12.71 34.66
CA GLN A 405 25.36 -13.00 35.44
C GLN A 405 26.62 -12.50 34.72
N ARG A 406 26.60 -12.54 33.36
CA ARG A 406 27.69 -12.05 32.46
C ARG A 406 28.01 -10.57 32.69
N ASN A 407 27.01 -9.79 33.18
CA ASN A 407 27.14 -8.37 33.40
C ASN A 407 27.69 -8.01 34.78
N VAL A 408 28.86 -7.36 34.77
CA VAL A 408 29.59 -6.88 35.95
C VAL A 408 28.85 -5.73 36.63
N TYR A 409 28.07 -4.97 35.85
CA TYR A 409 27.29 -3.82 36.33
C TYR A 409 25.90 -4.26 36.79
N ASN A 410 25.12 -3.35 37.40
CA ASN A 410 23.76 -3.68 37.83
C ASN A 410 22.89 -3.98 36.62
N GLY A 411 23.08 -3.19 35.56
CA GLY A 411 22.41 -3.36 34.28
C GLY A 411 21.19 -2.50 34.06
N ASP A 412 20.13 -2.81 34.78
CA ASP A 412 18.86 -2.10 34.70
C ASP A 412 18.77 -1.07 35.83
N ASN A 413 19.03 0.21 35.49
CA ASN A 413 19.03 1.32 36.44
C ASN A 413 17.79 2.20 36.33
N ARG A 414 16.74 1.67 35.69
CA ARG A 414 15.45 2.34 35.52
C ARG A 414 14.69 2.39 36.86
N SER A 415 13.61 3.20 36.93
CA SER A 415 12.77 3.29 38.12
C SER A 415 11.89 2.04 38.24
N ALA A 416 11.32 1.79 39.43
CA ALA A 416 10.44 0.64 39.67
C ALA A 416 9.13 0.78 38.88
N GLU A 417 8.72 2.04 38.62
CA GLU A 417 7.53 2.43 37.86
C GLU A 417 7.68 1.97 36.42
N SER A 418 8.87 2.24 35.82
CA SER A 418 9.23 1.87 34.45
C SER A 418 9.34 0.35 34.30
N LYS A 419 9.98 -0.34 35.27
CA LYS A 419 10.18 -1.78 35.27
C LYS A 419 8.86 -2.56 35.36
N ALA A 420 7.84 -1.96 36.01
CA ALA A 420 6.51 -2.55 36.17
C ALA A 420 5.72 -2.51 34.86
N LYS A 421 6.11 -1.61 33.94
CA LYS A 421 5.49 -1.42 32.63
C LYS A 421 6.03 -2.39 31.57
N ASP A 422 7.08 -3.21 31.90
CA ASP A 422 7.69 -4.19 31.00
C ASP A 422 6.69 -5.24 30.57
N LEU A 423 6.75 -5.65 29.31
CA LEU A 423 5.80 -6.59 28.73
C LEU A 423 6.41 -7.92 28.33
N PHE A 424 5.67 -9.00 28.58
CA PHE A 424 6.04 -10.36 28.17
C PHE A 424 5.62 -10.54 26.72
N ILE A 425 6.57 -10.91 25.85
CA ILE A 425 6.32 -11.15 24.42
C ILE A 425 6.77 -12.58 24.11
N ASN A 426 5.82 -13.44 23.72
CA ASN A 426 6.09 -14.85 23.43
C ASN A 426 5.70 -15.24 22.00
N ASP A 427 5.67 -14.26 21.07
CA ASP A 427 5.30 -14.47 19.66
C ASP A 427 6.06 -15.69 19.11
N PRO A 428 5.34 -16.72 18.61
CA PRO A 428 6.02 -17.93 18.16
C PRO A 428 6.71 -17.84 16.81
N PHE A 429 6.39 -16.80 16.00
CA PHE A 429 6.91 -16.68 14.62
C PHE A 429 7.95 -15.59 14.41
N ILE A 430 8.80 -15.30 15.42
CA ILE A 430 9.86 -14.31 15.29
C ILE A 430 11.03 -14.92 14.50
N LYS A 431 11.59 -14.14 13.56
CA LYS A 431 12.72 -14.55 12.74
C LYS A 431 13.92 -13.63 13.01
N GLY A 432 15.13 -14.14 12.84
CA GLY A 432 16.36 -13.40 13.05
C GLY A 432 16.66 -13.17 14.53
N ILE A 433 17.24 -12.01 14.86
CA ILE A 433 17.58 -11.67 16.25
C ILE A 433 16.87 -10.38 16.70
N ASP A 434 16.05 -9.80 15.81
CA ASP A 434 15.25 -8.61 16.09
C ASP A 434 13.79 -8.79 15.67
N PHE A 435 12.88 -7.98 16.25
CA PHE A 435 11.43 -8.04 16.02
C PHE A 435 11.00 -7.81 14.56
N LYS A 436 11.85 -7.14 13.76
CA LYS A 436 11.56 -6.86 12.36
C LYS A 436 12.34 -7.75 11.39
N ASN A 437 13.18 -8.67 11.91
CA ASN A 437 14.06 -9.56 11.13
C ASN A 437 14.96 -8.73 10.17
N LYS A 438 15.37 -7.52 10.65
CA LYS A 438 16.19 -6.56 9.91
C LYS A 438 17.62 -7.04 9.75
N THR A 439 18.28 -7.39 10.88
CA THR A 439 19.67 -7.85 10.91
C THR A 439 19.82 -9.22 10.25
N ASP A 440 20.70 -9.30 9.21
CA ASP A 440 21.00 -10.56 8.54
C ASP A 440 22.25 -11.09 9.22
N ILE A 441 22.08 -12.16 9.98
CA ILE A 441 23.17 -12.77 10.76
C ILE A 441 23.88 -13.91 9.99
N ILE A 442 23.34 -14.31 8.81
CA ILE A 442 23.94 -15.35 7.97
C ILE A 442 24.91 -14.67 7.00
N SER A 443 26.21 -14.96 7.16
CA SER A 443 27.31 -14.44 6.35
C SER A 443 27.50 -15.29 5.07
N ARG A 444 27.29 -16.61 5.18
CA ARG A 444 27.45 -17.56 4.07
C ARG A 444 26.44 -18.70 4.21
N LEU A 445 25.96 -19.23 3.07
CA LEU A 445 25.04 -20.37 3.02
C LEU A 445 25.60 -21.45 2.09
N GLU A 446 25.65 -22.69 2.58
CA GLU A 446 26.11 -23.86 1.86
C GLU A 446 25.05 -24.94 1.94
N VAL A 447 24.61 -25.43 0.78
CA VAL A 447 23.59 -26.49 0.67
C VAL A 447 24.22 -27.67 -0.06
N ARG A 448 24.16 -28.87 0.55
CA ARG A 448 24.72 -30.11 -0.01
C ARG A 448 23.66 -31.15 -0.25
N PHE A 449 23.66 -31.72 -1.47
CA PHE A 449 22.77 -32.81 -1.82
C PHE A 449 23.64 -34.06 -1.76
N GLY A 450 23.54 -34.76 -0.63
CA GLY A 450 24.40 -35.90 -0.33
C GLY A 450 25.72 -35.36 0.18
N ASN A 451 26.80 -35.61 -0.57
CA ASN A 451 28.14 -35.15 -0.19
C ASN A 451 28.65 -34.01 -1.07
N ASP A 452 28.02 -33.81 -2.24
CA ASP A 452 28.38 -32.77 -3.22
C ASP A 452 27.66 -31.46 -2.93
N VAL A 453 28.32 -30.32 -3.18
CA VAL A 453 27.77 -28.99 -2.97
C VAL A 453 26.73 -28.70 -4.06
N LEU A 454 25.46 -28.56 -3.65
CA LEU A 454 24.33 -28.26 -4.53
C LEU A 454 24.30 -26.75 -4.84
N TYR A 455 24.49 -25.91 -3.81
CA TYR A 455 24.46 -24.46 -3.93
C TYR A 455 25.24 -23.82 -2.79
N SER A 456 25.87 -22.67 -3.07
CA SER A 456 26.58 -21.87 -2.07
C SER A 456 26.46 -20.37 -2.41
N GLU A 457 26.36 -19.51 -1.38
CA GLU A 457 26.25 -18.05 -1.55
C GLU A 457 26.86 -17.26 -0.40
N ASN A 458 27.42 -16.07 -0.71
CA ASN A 458 28.01 -15.15 0.27
C ASN A 458 27.11 -13.95 0.55
N GLY A 459 26.09 -13.78 -0.29
CA GLY A 459 25.08 -12.74 -0.19
C GLY A 459 23.69 -13.37 -0.26
N PRO A 460 22.63 -12.73 0.28
CA PRO A 460 21.30 -13.36 0.24
C PRO A 460 20.58 -13.24 -1.11
N ILE A 461 21.26 -13.67 -2.21
CA ILE A 461 20.69 -13.62 -3.55
C ILE A 461 19.49 -14.60 -3.68
N SER A 462 19.49 -15.71 -2.91
CA SER A 462 18.38 -16.67 -2.89
C SER A 462 17.15 -16.04 -2.23
N ARG A 463 17.35 -15.12 -1.25
CA ARG A 463 16.26 -14.38 -0.60
C ARG A 463 15.72 -13.32 -1.57
N ILE A 464 16.64 -12.64 -2.31
CA ILE A 464 16.30 -11.65 -3.33
C ILE A 464 15.43 -12.29 -4.42
N TYR A 465 15.84 -13.49 -4.89
CA TYR A 465 15.06 -14.22 -5.90
C TYR A 465 13.70 -14.63 -5.36
N ASN A 466 13.65 -15.10 -4.11
CA ASN A 466 12.41 -15.50 -3.45
C ASN A 466 11.45 -14.33 -3.36
N GLU A 467 11.94 -13.18 -2.89
CA GLU A 467 11.18 -11.93 -2.76
C GLU A 467 10.63 -11.42 -4.11
N LEU A 468 11.45 -11.50 -5.18
CA LEU A 468 11.06 -11.09 -6.54
C LEU A 468 10.02 -12.04 -7.13
N LEU A 469 10.34 -13.36 -7.17
CA LEU A 469 9.51 -14.40 -7.76
C LEU A 469 8.16 -14.60 -7.05
N THR A 470 8.08 -14.34 -5.74
CA THR A 470 6.82 -14.50 -5.00
C THR A 470 6.13 -13.17 -4.73
N LYS A 471 6.76 -12.04 -5.16
CA LYS A 471 6.27 -10.66 -4.99
C LYS A 471 6.02 -10.37 -3.49
N SER A 472 6.97 -10.81 -2.65
CA SER A 472 6.92 -10.66 -1.19
C SER A 472 8.04 -9.75 -0.70
N ASN A 473 7.78 -9.00 0.39
CA ASN A 473 8.77 -8.11 0.99
C ASN A 473 9.43 -8.78 2.21
N ASN A 474 8.91 -9.96 2.60
CA ASN A 474 9.38 -10.75 3.74
C ASN A 474 9.65 -12.21 3.32
N GLY A 475 10.63 -12.38 2.45
CA GLY A 475 11.03 -13.69 1.97
C GLY A 475 12.15 -14.31 2.78
N THR A 476 12.57 -15.52 2.36
CA THR A 476 13.64 -16.31 2.99
C THR A 476 14.59 -16.82 1.92
N ARG A 477 15.82 -17.21 2.33
CA ARG A 477 16.82 -17.79 1.43
C ARG A 477 16.23 -19.12 0.93
N THR A 478 15.60 -19.08 -0.26
CA THR A 478 14.91 -20.21 -0.88
C THR A 478 15.55 -20.66 -2.18
N LEU A 479 15.72 -21.98 -2.32
CA LEU A 479 16.24 -22.62 -3.53
C LEU A 479 15.03 -23.24 -4.19
N THR A 480 14.60 -22.69 -5.34
CA THR A 480 13.44 -23.20 -6.06
C THR A 480 13.91 -24.10 -7.19
N PHE A 481 13.38 -25.33 -7.23
CA PHE A 481 13.72 -26.30 -8.27
C PHE A 481 12.62 -26.43 -9.31
N ASN A 482 11.39 -25.98 -8.96
CA ASN A 482 10.23 -26.04 -9.83
C ASN A 482 9.83 -24.67 -10.40
N PHE A 483 10.01 -24.50 -11.71
CA PHE A 483 9.63 -23.28 -12.44
C PHE A 483 8.56 -23.60 -13.48
N THR A 484 8.02 -24.84 -13.40
CA THR A 484 6.97 -25.38 -14.27
C THR A 484 5.58 -24.97 -13.71
N PRO A 485 4.61 -24.56 -14.57
CA PRO A 485 3.29 -24.17 -14.05
C PRO A 485 2.63 -25.28 -13.22
N LYS A 486 2.11 -24.91 -12.04
CA LYS A 486 1.47 -25.84 -11.10
C LYS A 486 0.14 -26.39 -11.63
N ILE A 487 -0.26 -27.58 -11.13
CA ILE A 487 -1.50 -28.32 -11.41
C ILE A 487 -1.55 -28.91 -12.84
N PHE A 488 -1.32 -28.09 -13.87
CA PHE A 488 -1.37 -28.53 -15.26
C PHE A 488 -0.16 -29.33 -15.72
N PHE A 489 0.89 -29.37 -14.88
CA PHE A 489 2.13 -30.10 -15.13
C PHE A 489 2.61 -30.80 -13.86
N ARG A 490 3.39 -31.88 -14.02
CA ARG A 490 4.01 -32.59 -12.91
C ARG A 490 5.19 -31.70 -12.46
N PRO A 491 5.29 -31.30 -11.17
CA PRO A 491 6.39 -30.41 -10.76
C PRO A 491 7.81 -30.94 -10.98
N THR A 492 8.72 -30.04 -11.33
CA THR A 492 10.15 -30.32 -11.52
C THR A 492 10.78 -30.41 -10.13
N THR A 493 11.56 -31.48 -9.89
CA THR A 493 12.17 -31.74 -8.58
C THR A 493 13.65 -32.13 -8.68
N ILE A 494 14.42 -32.01 -7.54
CA ILE A 494 15.80 -32.51 -7.43
C ILE A 494 15.67 -34.02 -7.38
N THR A 495 16.54 -34.75 -8.10
CA THR A 495 16.44 -36.20 -8.15
C THR A 495 17.53 -36.88 -7.33
N ALA A 496 17.10 -37.76 -6.41
CA ALA A 496 18.00 -38.51 -5.53
C ALA A 496 18.65 -39.72 -6.21
N ASN A 497 19.84 -40.11 -5.71
CA ASN A 497 20.62 -41.28 -6.16
C ASN A 497 21.09 -42.00 -4.89
N VAL A 498 20.24 -42.88 -4.35
CA VAL A 498 20.43 -43.63 -3.10
C VAL A 498 21.76 -44.44 -3.09
N SER A 499 22.15 -45.01 -4.24
CA SER A 499 23.41 -45.76 -4.40
C SER A 499 24.65 -44.86 -4.15
N ARG A 500 24.59 -43.59 -4.62
CA ARG A 500 25.66 -42.61 -4.45
C ARG A 500 25.53 -41.79 -3.13
N GLY A 501 24.54 -42.15 -2.30
CA GLY A 501 24.26 -41.50 -1.01
C GLY A 501 23.60 -40.13 -1.10
N LYS A 502 23.22 -39.72 -2.32
CA LYS A 502 22.57 -38.46 -2.67
C LYS A 502 21.06 -38.56 -2.38
N ASP A 503 20.67 -38.61 -1.09
CA ASP A 503 19.28 -38.73 -0.66
C ASP A 503 18.94 -37.83 0.56
N LYS A 504 19.71 -36.75 0.74
CA LYS A 504 19.52 -35.82 1.86
C LYS A 504 20.04 -34.43 1.52
N LEU A 505 19.43 -33.40 2.13
CA LEU A 505 19.86 -32.02 1.96
C LEU A 505 20.47 -31.53 3.27
N SER A 506 21.76 -31.15 3.20
CA SER A 506 22.55 -30.68 4.35
C SER A 506 22.88 -29.20 4.24
N VAL A 507 22.41 -28.43 5.23
CA VAL A 507 22.57 -26.98 5.25
C VAL A 507 23.64 -26.58 6.27
N ARG A 508 24.63 -25.79 5.82
CA ARG A 508 25.67 -25.22 6.67
C ARG A 508 25.73 -23.72 6.45
N VAL A 509 25.55 -22.96 7.53
CA VAL A 509 25.64 -21.50 7.49
C VAL A 509 26.88 -21.03 8.26
N VAL A 510 27.36 -19.83 7.94
CA VAL A 510 28.44 -19.20 8.68
C VAL A 510 27.77 -17.97 9.27
N TYR A 511 27.61 -17.94 10.60
CA TYR A 511 26.98 -16.81 11.26
C TYR A 511 28.01 -15.71 11.51
N SER A 512 27.58 -14.45 11.44
CA SER A 512 28.45 -13.31 11.75
C SER A 512 28.45 -13.22 13.29
N THR A 513 29.60 -12.90 13.89
CA THR A 513 29.67 -12.85 15.35
C THR A 513 29.44 -11.43 15.87
N MET A 514 28.59 -11.33 16.90
CA MET A 514 28.25 -10.09 17.59
C MET A 514 29.37 -9.77 18.59
N ASP A 515 29.36 -8.54 19.13
CA ASP A 515 30.31 -8.09 20.14
C ASP A 515 29.85 -8.69 21.46
N VAL A 516 30.78 -9.19 22.28
CA VAL A 516 30.45 -9.83 23.55
C VAL A 516 29.96 -8.83 24.60
N ASN A 517 30.26 -7.53 24.42
CA ASN A 517 29.85 -6.49 25.37
C ASN A 517 28.52 -5.82 24.98
N HIS A 518 27.86 -6.38 23.97
CA HIS A 518 26.56 -5.97 23.47
C HIS A 518 25.57 -7.05 23.94
N PRO A 519 24.50 -6.69 24.69
CA PRO A 519 23.58 -7.72 25.19
C PRO A 519 23.00 -8.69 24.16
N ILE A 520 22.84 -8.26 22.89
CA ILE A 520 22.28 -9.09 21.81
C ILE A 520 23.06 -10.40 21.55
N TYR A 521 24.37 -10.43 21.83
CA TYR A 521 25.24 -11.60 21.64
C TYR A 521 24.63 -12.83 22.33
N TYR A 522 23.96 -12.60 23.47
CA TYR A 522 23.40 -13.62 24.34
C TYR A 522 21.98 -14.07 23.94
N VAL A 523 21.48 -13.61 22.77
CA VAL A 523 20.21 -14.06 22.21
C VAL A 523 20.54 -15.35 21.45
N GLN A 524 19.93 -16.46 21.85
CA GLN A 524 20.16 -17.78 21.22
C GLN A 524 19.51 -17.84 19.83
N LYS A 525 20.13 -18.61 18.91
CA LYS A 525 19.66 -18.76 17.53
C LYS A 525 19.29 -20.20 17.23
N GLN A 526 18.41 -20.41 16.24
CA GLN A 526 18.00 -21.73 15.79
C GLN A 526 17.92 -21.70 14.27
N LEU A 527 18.58 -22.65 13.61
CA LEU A 527 18.55 -22.72 12.15
C LEU A 527 17.33 -23.55 11.75
N VAL A 528 16.47 -22.97 10.89
CA VAL A 528 15.25 -23.62 10.40
C VAL A 528 15.43 -23.92 8.92
N VAL A 529 15.25 -25.19 8.54
CA VAL A 529 15.38 -25.66 7.15
C VAL A 529 14.06 -26.29 6.75
N VAL A 530 13.43 -25.75 5.69
CA VAL A 530 12.13 -26.23 5.19
C VAL A 530 12.27 -26.87 3.81
N CYS A 531 11.82 -28.12 3.70
CA CYS A 531 11.87 -28.91 2.47
C CYS A 531 10.47 -29.25 1.97
N ASN A 532 10.18 -28.94 0.69
CA ASN A 532 8.90 -29.27 0.07
C ASN A 532 9.04 -30.53 -0.77
N ASP A 533 8.56 -31.66 -0.25
CA ASP A 533 8.63 -32.97 -0.93
C ASP A 533 7.45 -33.19 -1.85
N LEU A 534 7.69 -33.84 -3.00
CA LEU A 534 6.64 -34.14 -3.97
C LEU A 534 5.98 -35.49 -3.67
N TYR A 535 4.65 -35.47 -3.66
CA TYR A 535 3.79 -36.63 -3.42
C TYR A 535 2.75 -36.76 -4.55
N LYS A 536 2.26 -37.98 -4.81
CA LYS A 536 1.23 -38.24 -5.81
C LYS A 536 -0.08 -38.56 -5.10
N VAL A 537 -1.14 -37.80 -5.43
CA VAL A 537 -2.48 -38.02 -4.84
C VAL A 537 -3.22 -39.05 -5.69
N SER A 538 -3.59 -40.17 -5.06
CA SER A 538 -4.32 -41.28 -5.65
C SER A 538 -5.72 -41.32 -5.05
N TYR A 539 -6.72 -41.62 -5.87
CA TYR A 539 -8.11 -41.67 -5.41
C TYR A 539 -8.73 -43.06 -5.51
N ASP A 540 -7.91 -44.07 -5.89
CA ASP A 540 -8.32 -45.46 -6.02
C ASP A 540 -8.56 -46.06 -4.62
N GLN A 541 -9.85 -46.31 -4.27
CA GLN A 541 -10.31 -46.81 -2.97
C GLN A 541 -9.89 -45.87 -1.82
N GLY A 542 -10.48 -44.66 -1.84
CA GLY A 542 -10.20 -43.60 -0.89
C GLY A 542 -9.04 -42.71 -1.29
N VAL A 543 -8.91 -41.54 -0.64
CA VAL A 543 -7.83 -40.58 -0.89
C VAL A 543 -6.55 -41.06 -0.22
N SER A 544 -5.42 -41.03 -0.95
CA SER A 544 -4.12 -41.45 -0.43
C SER A 544 -2.98 -40.72 -1.13
N ILE A 545 -1.87 -40.52 -0.41
CA ILE A 545 -0.69 -39.88 -0.96
C ILE A 545 0.49 -40.85 -0.95
N THR A 546 1.34 -40.77 -1.97
CA THR A 546 2.51 -41.62 -2.12
C THR A 546 3.72 -40.75 -2.41
N LYS A 547 4.78 -40.89 -1.60
CA LYS A 547 6.03 -40.12 -1.76
C LYS A 547 6.74 -40.51 -3.05
N ILE A 548 7.05 -39.51 -3.89
CA ILE A 548 7.77 -39.71 -5.16
C ILE A 548 9.23 -40.01 -4.82
N MET A 549 9.72 -41.20 -5.24
CA MET A 549 11.09 -41.66 -4.97
C MET A 549 11.72 -42.28 -6.19
N GLY B 1 32.41 -26.09 -14.52
CA GLY B 1 32.01 -24.77 -14.99
C GLY B 1 31.10 -24.05 -14.02
N ALA B 2 30.15 -23.26 -14.57
CA ALA B 2 29.17 -22.50 -13.79
C ALA B 2 28.12 -23.40 -13.15
N MET B 3 27.59 -24.41 -13.90
CA MET B 3 26.63 -25.38 -13.36
C MET B 3 27.37 -26.31 -12.39
N ASN B 4 26.76 -26.64 -11.25
CA ASN B 4 27.36 -27.54 -10.25
C ASN B 4 27.38 -28.97 -10.79
N ASN B 5 28.52 -29.67 -10.58
CA ASN B 5 28.75 -31.04 -11.04
C ASN B 5 27.67 -32.04 -10.61
N THR B 6 27.06 -31.81 -9.43
CA THR B 6 25.97 -32.65 -8.89
C THR B 6 24.73 -32.60 -9.81
N ILE B 7 24.42 -31.41 -10.37
CA ILE B 7 23.29 -31.18 -11.28
C ILE B 7 23.56 -31.85 -12.64
N ILE B 8 24.76 -31.62 -13.22
CA ILE B 8 25.23 -32.15 -14.51
C ILE B 8 25.14 -33.69 -14.53
N ASN B 9 25.70 -34.36 -13.50
CA ASN B 9 25.70 -35.82 -13.36
C ASN B 9 24.28 -36.40 -13.19
N SER B 10 23.38 -35.65 -12.52
CA SER B 10 21.99 -36.03 -12.27
C SER B 10 21.15 -36.06 -13.56
N LEU B 11 21.56 -35.31 -14.60
CA LEU B 11 20.86 -35.24 -15.89
C LEU B 11 21.60 -36.01 -16.98
N ILE B 12 22.90 -35.69 -17.21
CA ILE B 12 23.73 -36.36 -18.22
C ILE B 12 24.27 -37.69 -17.68
N ASP B 16 13.81 -39.87 -21.00
CA ASP B 16 14.41 -40.17 -22.30
C ASP B 16 13.41 -40.83 -23.27
N SER B 17 12.63 -41.81 -22.77
CA SER B 17 11.64 -42.59 -23.51
C SER B 17 10.21 -42.02 -23.38
N ILE B 18 9.93 -41.32 -22.25
CA ILE B 18 8.63 -40.75 -21.93
C ILE B 18 8.33 -39.48 -22.76
N LYS B 19 7.06 -39.32 -23.20
CA LYS B 19 6.59 -38.16 -23.97
C LYS B 19 6.51 -36.93 -23.06
N ARG B 20 7.25 -35.87 -23.41
CA ARG B 20 7.33 -34.65 -22.61
C ARG B 20 6.72 -33.42 -23.27
N SER B 21 6.00 -32.61 -22.48
CA SER B 21 5.42 -31.34 -22.93
C SER B 21 6.52 -30.29 -22.92
N ASN B 22 6.67 -29.55 -24.03
CA ASN B 22 7.70 -28.53 -24.17
C ASN B 22 7.39 -27.32 -23.28
N VAL B 23 8.25 -27.10 -22.28
CA VAL B 23 8.12 -26.01 -21.30
C VAL B 23 9.16 -24.90 -21.57
N PHE B 24 9.99 -25.08 -22.62
CA PHE B 24 11.04 -24.11 -22.99
C PHE B 24 10.80 -23.42 -24.33
N ALA B 25 9.76 -23.83 -25.06
CA ALA B 25 9.39 -23.24 -26.34
C ALA B 25 7.91 -23.43 -26.60
N VAL B 26 7.33 -22.54 -27.41
CA VAL B 26 5.92 -22.60 -27.78
C VAL B 26 5.74 -22.14 -29.24
N ASP B 27 4.75 -22.71 -29.93
CA ASP B 27 4.43 -22.32 -31.31
C ASP B 27 3.65 -21.01 -31.23
N SER B 28 4.22 -19.93 -31.78
CA SER B 28 3.61 -18.60 -31.77
C SER B 28 2.41 -18.58 -32.72
N GLN B 29 1.20 -18.65 -32.15
CA GLN B 29 -0.07 -18.64 -32.88
C GLN B 29 -0.30 -17.28 -33.54
N ILE B 30 -0.66 -17.27 -34.83
CA ILE B 30 -0.94 -16.02 -35.55
C ILE B 30 -2.34 -15.57 -35.09
N PRO B 31 -2.46 -14.39 -34.46
CA PRO B 31 -3.79 -13.94 -33.99
C PRO B 31 -4.66 -13.38 -35.12
N THR B 32 -5.93 -13.06 -34.80
CA THR B 32 -6.87 -12.44 -35.71
C THR B 32 -6.27 -11.08 -36.08
N LEU B 33 -6.36 -10.68 -37.36
CA LEU B 33 -5.82 -9.40 -37.79
C LEU B 33 -6.75 -8.29 -37.34
N TYR B 34 -6.23 -7.39 -36.50
CA TYR B 34 -6.99 -6.27 -35.96
C TYR B 34 -6.09 -5.07 -35.67
N MET B 35 -6.72 -3.93 -35.39
CA MET B 35 -6.02 -2.71 -35.05
C MET B 35 -6.84 -1.93 -34.01
N PRO B 36 -6.28 -1.71 -32.80
CA PRO B 36 -7.05 -0.97 -31.78
C PRO B 36 -6.95 0.55 -31.93
N GLN B 37 -7.91 1.27 -31.32
CA GLN B 37 -7.94 2.73 -31.33
C GLN B 37 -8.70 3.28 -30.14
N TYR B 38 -8.11 4.28 -29.46
CA TYR B 38 -8.78 4.94 -28.33
C TYR B 38 -9.71 5.99 -28.94
N ILE B 39 -11.03 5.76 -28.83
CA ILE B 39 -12.05 6.65 -29.39
C ILE B 39 -12.80 7.38 -28.27
N SER B 40 -12.85 8.73 -28.35
CA SER B 40 -13.56 9.59 -27.39
C SER B 40 -14.76 10.25 -28.09
N LEU B 41 -15.94 10.23 -27.45
CA LEU B 41 -17.18 10.79 -28.01
C LEU B 41 -17.88 11.77 -27.07
N SER B 42 -18.45 12.83 -27.66
CA SER B 42 -19.25 13.82 -26.94
C SER B 42 -20.70 13.34 -26.96
N GLY B 43 -21.39 13.54 -25.86
CA GLY B 43 -22.78 13.08 -25.74
C GLY B 43 -23.86 14.09 -26.06
N VAL B 44 -25.10 13.70 -25.75
CA VAL B 44 -26.29 14.51 -25.90
C VAL B 44 -26.89 14.60 -24.51
N MET B 45 -27.01 15.82 -23.97
CA MET B 45 -27.55 16.02 -22.63
C MET B 45 -29.06 16.32 -22.64
N THR B 46 -29.80 15.61 -21.79
CA THR B 46 -31.25 15.72 -21.64
C THR B 46 -31.57 15.85 -20.15
N ASN B 47 -32.70 16.50 -19.80
CA ASN B 47 -33.14 16.69 -18.43
C ASN B 47 -34.63 16.37 -18.28
N ASP B 51 -38.31 14.49 -13.31
CA ASP B 51 -37.58 14.97 -12.14
C ASP B 51 -36.37 15.85 -12.55
N ASN B 52 -36.26 16.15 -13.86
CA ASN B 52 -35.20 16.93 -14.51
C ASN B 52 -33.80 16.32 -14.27
N GLN B 53 -33.73 14.98 -14.34
CA GLN B 53 -32.51 14.20 -14.16
C GLN B 53 -31.64 14.27 -15.42
N ALA B 54 -30.34 14.57 -15.23
CA ALA B 54 -29.37 14.68 -16.34
C ALA B 54 -29.05 13.30 -16.92
N ILE B 55 -29.23 13.17 -18.25
CA ILE B 55 -28.99 11.93 -18.99
C ILE B 55 -28.06 12.21 -20.18
N ALA B 56 -26.97 11.44 -20.29
CA ALA B 56 -26.00 11.55 -21.37
C ALA B 56 -26.11 10.35 -22.30
N SER B 57 -26.24 10.59 -23.60
CA SER B 57 -26.35 9.53 -24.59
C SER B 57 -25.21 9.57 -25.60
N PHE B 58 -24.55 8.42 -25.77
CA PHE B 58 -23.41 8.25 -26.68
C PHE B 58 -23.73 7.18 -27.70
N GLU B 59 -23.82 7.57 -28.98
CA GLU B 59 -24.13 6.66 -30.07
C GLU B 59 -22.86 6.21 -30.79
N ILE B 60 -22.63 4.89 -30.81
CA ILE B 60 -21.48 4.25 -31.45
C ILE B 60 -22.00 3.49 -32.66
N ARG B 61 -21.72 4.01 -33.87
CA ARG B 61 -22.11 3.38 -35.14
C ARG B 61 -21.06 3.70 -36.18
N ASP B 62 -20.28 2.69 -36.56
CA ASP B 62 -19.19 2.76 -37.52
C ASP B 62 -18.94 1.35 -38.03
N GLN B 63 -18.84 1.21 -39.37
CA GLN B 63 -18.61 -0.09 -40.02
C GLN B 63 -17.29 -0.69 -39.60
N TYR B 64 -16.28 0.17 -39.35
CA TYR B 64 -14.94 -0.23 -38.98
C TYR B 64 -14.75 -0.44 -37.47
N ILE B 65 -15.72 -0.07 -36.61
CA ILE B 65 -15.62 -0.39 -35.17
C ILE B 65 -16.28 -1.76 -35.02
N THR B 66 -15.47 -2.83 -35.14
CA THR B 66 -15.94 -4.21 -35.06
C THR B 66 -16.30 -4.60 -33.62
N ALA B 67 -15.42 -4.25 -32.66
CA ALA B 67 -15.60 -4.54 -31.26
C ALA B 67 -15.11 -3.41 -30.37
N LEU B 68 -15.57 -3.38 -29.12
CA LEU B 68 -15.17 -2.38 -28.14
C LEU B 68 -15.21 -2.90 -26.70
N ASN B 69 -14.39 -2.29 -25.82
CA ASN B 69 -14.31 -2.53 -24.39
C ASN B 69 -13.64 -1.35 -23.68
N HIS B 70 -13.44 -1.47 -22.35
CA HIS B 70 -12.81 -0.48 -21.46
C HIS B 70 -13.42 0.90 -21.62
N LEU B 71 -14.66 1.07 -21.17
CA LEU B 71 -15.39 2.33 -21.23
C LEU B 71 -14.90 3.23 -20.09
N VAL B 72 -14.51 4.47 -20.42
CA VAL B 72 -14.04 5.47 -19.44
C VAL B 72 -14.84 6.75 -19.68
N LEU B 73 -15.52 7.22 -18.64
CA LEU B 73 -16.32 8.44 -18.72
C LEU B 73 -15.56 9.57 -18.06
N SER B 74 -15.24 10.62 -18.81
CA SER B 74 -14.59 11.79 -18.24
C SER B 74 -15.61 12.86 -17.93
N LEU B 75 -15.39 13.61 -16.84
CA LEU B 75 -16.27 14.70 -16.40
C LEU B 75 -15.51 15.95 -16.09
N GLU B 76 -15.94 17.06 -16.68
CA GLU B 76 -15.32 18.35 -16.45
C GLU B 76 -15.99 18.98 -15.24
N LEU B 77 -15.24 19.10 -14.15
CA LEU B 77 -15.72 19.74 -12.93
C LEU B 77 -15.40 21.23 -13.05
N PRO B 78 -16.40 22.12 -12.84
CA PRO B 78 -16.15 23.55 -13.06
C PRO B 78 -15.44 24.23 -11.90
N GLU B 79 -15.05 25.49 -12.12
CA GLU B 79 -14.44 26.33 -11.11
C GLU B 79 -15.56 26.69 -10.11
N VAL B 80 -15.28 26.55 -8.82
CA VAL B 80 -16.26 26.86 -7.77
C VAL B 80 -15.83 28.16 -7.08
N LYS B 81 -16.65 29.21 -7.26
CA LYS B 81 -16.40 30.56 -6.72
C LYS B 81 -17.52 30.98 -5.76
N GLY B 82 -17.14 31.71 -4.72
CA GLY B 82 -18.09 32.22 -3.74
C GLY B 82 -17.67 32.05 -2.31
N MET B 83 -18.63 32.28 -1.39
CA MET B 83 -18.40 32.17 0.05
C MET B 83 -18.89 30.87 0.64
N GLY B 84 -18.34 30.54 1.80
CA GLY B 84 -18.68 29.33 2.55
C GLY B 84 -17.70 28.20 2.36
N ARG B 85 -18.02 27.03 2.94
N ARG B 85 -18.01 27.04 2.96
CA ARG B 85 -17.21 25.83 2.86
CA ARG B 85 -17.20 25.82 2.89
C ARG B 85 -17.72 24.89 1.77
C ARG B 85 -17.71 24.89 1.80
N PHE B 86 -16.80 24.31 0.99
CA PHE B 86 -17.14 23.41 -0.12
C PHE B 86 -16.03 22.41 -0.38
N GLY B 87 -16.44 21.19 -0.70
CA GLY B 87 -15.58 20.07 -1.06
C GLY B 87 -16.36 19.00 -1.78
N TYR B 88 -15.66 18.15 -2.55
CA TYR B 88 -16.31 17.05 -3.26
C TYR B 88 -16.16 15.76 -2.47
N VAL B 89 -17.15 14.85 -2.60
CA VAL B 89 -17.11 13.53 -1.94
C VAL B 89 -15.92 12.72 -2.51
N PRO B 90 -15.25 11.82 -1.74
CA PRO B 90 -14.15 11.03 -2.33
C PRO B 90 -14.67 10.18 -3.47
N TYR B 91 -13.86 9.98 -4.53
CA TYR B 91 -14.21 9.21 -5.73
C TYR B 91 -15.46 9.81 -6.39
N VAL B 92 -15.48 11.16 -6.45
CA VAL B 92 -16.55 12.02 -6.96
C VAL B 92 -17.15 11.49 -8.29
N GLY B 93 -16.30 11.11 -9.23
CA GLY B 93 -16.69 10.57 -10.53
C GLY B 93 -17.67 9.42 -10.47
N TYR B 94 -17.41 8.43 -9.58
CA TYR B 94 -18.30 7.28 -9.40
C TYR B 94 -19.62 7.69 -8.74
N LYS B 95 -19.54 8.61 -7.76
CA LYS B 95 -20.69 9.12 -7.02
C LYS B 95 -21.67 9.93 -7.91
N CYS B 96 -21.19 10.43 -9.07
CA CYS B 96 -21.95 11.18 -10.08
C CYS B 96 -22.94 10.27 -10.79
N ILE B 97 -22.56 9.01 -10.98
CA ILE B 97 -23.31 8.00 -11.71
C ILE B 97 -24.51 7.47 -10.92
N ASN B 98 -25.71 7.53 -11.53
CA ASN B 98 -26.94 6.98 -10.94
C ASN B 98 -27.22 5.63 -11.62
N HIS B 99 -27.03 5.56 -12.96
CA HIS B 99 -27.24 4.36 -13.77
C HIS B 99 -26.46 4.46 -15.08
N VAL B 100 -26.02 3.31 -15.63
CA VAL B 100 -25.31 3.19 -16.91
C VAL B 100 -25.95 2.05 -17.69
N SER B 101 -26.30 2.30 -18.96
CA SER B 101 -26.91 1.30 -19.83
C SER B 101 -26.17 1.21 -21.15
N ILE B 102 -25.93 0.00 -21.63
CA ILE B 102 -25.33 -0.29 -22.93
C ILE B 102 -26.41 -1.06 -23.67
N SER B 103 -26.94 -0.48 -24.75
CA SER B 103 -28.02 -1.08 -25.50
C SER B 103 -27.82 -1.03 -27.01
N SER B 104 -28.53 -1.90 -27.73
CA SER B 104 -28.56 -1.97 -29.19
C SER B 104 -30.02 -1.75 -29.64
N CYS B 105 -30.28 -1.87 -30.96
CA CYS B 105 -31.63 -1.73 -31.51
C CYS B 105 -32.58 -2.81 -30.97
N ASN B 106 -32.02 -3.97 -30.60
CA ASN B 106 -32.75 -5.11 -30.03
C ASN B 106 -33.03 -4.94 -28.52
N GLY B 107 -32.46 -3.91 -27.91
CA GLY B 107 -32.65 -3.59 -26.49
C GLY B 107 -31.38 -3.54 -25.66
N VAL B 108 -31.54 -3.47 -24.32
CA VAL B 108 -30.47 -3.40 -23.32
C VAL B 108 -29.60 -4.66 -23.37
N ILE B 109 -28.27 -4.49 -23.54
CA ILE B 109 -27.28 -5.57 -23.59
C ILE B 109 -26.73 -5.80 -22.17
N TRP B 110 -26.43 -4.71 -21.46
CA TRP B 110 -25.90 -4.71 -20.10
C TRP B 110 -26.18 -3.37 -19.44
N GLU B 111 -26.57 -3.40 -18.17
CA GLU B 111 -26.85 -2.20 -17.37
C GLU B 111 -26.48 -2.41 -15.92
N ILE B 112 -26.12 -1.31 -15.23
CA ILE B 112 -25.70 -1.34 -13.83
C ILE B 112 -26.18 -0.10 -13.08
N GLU B 113 -26.44 -0.25 -11.79
CA GLU B 113 -26.79 0.88 -10.92
C GLU B 113 -25.47 1.51 -10.47
N GLY B 114 -25.47 2.85 -10.34
CA GLY B 114 -24.31 3.63 -9.93
C GLY B 114 -23.49 3.05 -8.80
N GLU B 115 -24.17 2.66 -7.69
CA GLU B 115 -23.53 2.07 -6.51
C GLU B 115 -22.90 0.71 -6.81
N GLU B 116 -23.53 -0.07 -7.69
CA GLU B 116 -23.03 -1.39 -8.06
C GLU B 116 -21.76 -1.30 -8.90
N LEU B 117 -21.66 -0.28 -9.79
CA LEU B 117 -20.45 -0.03 -10.59
C LEU B 117 -19.29 0.32 -9.65
N TYR B 118 -19.56 1.19 -8.65
CA TYR B 118 -18.62 1.63 -7.63
C TYR B 118 -18.11 0.45 -6.81
N ASN B 119 -19.03 -0.46 -6.42
CA ASN B 119 -18.73 -1.65 -5.63
C ASN B 119 -17.82 -2.60 -6.40
N ASN B 120 -18.05 -2.73 -7.72
CA ASN B 120 -17.25 -3.57 -8.60
C ASN B 120 -15.84 -3.01 -8.84
N CYS B 121 -15.66 -1.69 -8.62
CA CYS B 121 -14.39 -1.00 -8.82
C CYS B 121 -13.68 -0.60 -7.52
N ILE B 122 -14.28 -0.95 -6.36
CA ILE B 122 -13.75 -0.62 -5.02
C ILE B 122 -12.33 -1.21 -4.77
N ASN B 123 -12.02 -2.38 -5.36
CA ASN B 123 -10.74 -3.07 -5.23
C ASN B 123 -9.67 -2.54 -6.23
N ASN B 124 -10.07 -1.60 -7.12
CA ASN B 124 -9.18 -0.99 -8.11
C ASN B 124 -8.79 0.42 -7.65
N THR B 125 -7.59 0.54 -7.06
CA THR B 125 -7.04 1.79 -6.53
C THR B 125 -6.84 2.84 -7.62
N ILE B 126 -6.39 2.41 -8.82
CA ILE B 126 -6.14 3.28 -9.97
C ILE B 126 -7.44 3.92 -10.46
N ALA B 127 -8.50 3.09 -10.66
CA ALA B 127 -9.82 3.53 -11.10
C ALA B 127 -10.41 4.52 -10.12
N LEU B 128 -10.25 4.25 -8.81
CA LEU B 128 -10.72 5.11 -7.72
C LEU B 128 -9.97 6.45 -7.70
N LYS B 129 -8.64 6.43 -7.88
CA LYS B 129 -7.81 7.65 -7.91
C LYS B 129 -8.21 8.55 -9.09
N HIS B 130 -8.39 7.95 -10.29
CA HIS B 130 -8.78 8.64 -11.52
C HIS B 130 -10.11 9.36 -11.39
N SER B 131 -11.09 8.74 -10.69
CA SER B 131 -12.44 9.29 -10.47
C SER B 131 -12.48 10.54 -9.60
N GLY B 132 -11.39 10.84 -8.90
CA GLY B 132 -11.32 12.03 -8.06
C GLY B 132 -11.08 11.76 -6.60
N TYR B 133 -9.82 11.54 -6.24
CA TYR B 133 -9.39 11.34 -4.87
C TYR B 133 -8.07 12.07 -4.65
N SER B 134 -8.17 13.35 -4.27
CA SER B 134 -7.06 14.26 -4.04
C SER B 134 -7.42 15.27 -2.94
N SER B 135 -6.40 15.90 -2.31
CA SER B 135 -6.63 16.92 -1.29
C SER B 135 -7.25 18.15 -1.94
N GLU B 136 -6.90 18.40 -3.22
CA GLU B 136 -7.42 19.50 -4.03
C GLU B 136 -8.94 19.37 -4.16
N LEU B 137 -9.44 18.14 -4.41
CA LEU B 137 -10.86 17.87 -4.61
C LEU B 137 -11.66 17.57 -3.34
N ASN B 138 -11.09 16.76 -2.43
CA ASN B 138 -11.82 16.22 -1.28
C ASN B 138 -11.66 16.96 0.05
N ASP B 139 -10.61 17.81 0.22
CA ASP B 139 -10.49 18.58 1.46
C ASP B 139 -11.55 19.69 1.43
N ILE B 140 -12.07 20.08 2.59
CA ILE B 140 -13.11 21.10 2.65
C ILE B 140 -12.49 22.51 2.58
N SER B 141 -12.59 23.15 1.40
CA SER B 141 -12.06 24.48 1.14
C SER B 141 -13.03 25.57 1.56
N ILE B 142 -12.50 26.74 1.99
CA ILE B 142 -13.32 27.87 2.44
C ILE B 142 -13.13 29.11 1.53
N GLY B 143 -14.25 29.68 1.11
CA GLY B 143 -14.30 30.91 0.31
C GLY B 143 -14.61 32.08 1.23
N LEU B 144 -13.76 33.12 1.17
CA LEU B 144 -13.89 34.28 2.04
C LEU B 144 -14.67 35.45 1.43
N THR B 145 -14.52 35.70 0.13
CA THR B 145 -15.20 36.79 -0.58
C THR B 145 -16.15 36.21 -1.66
N PRO B 146 -17.17 36.95 -2.16
CA PRO B 146 -18.08 36.37 -3.17
C PRO B 146 -17.42 35.98 -4.51
N ASN B 147 -16.18 36.47 -4.76
CA ASN B 147 -15.41 36.18 -5.98
C ASN B 147 -14.17 35.32 -5.71
N ASP B 148 -14.01 34.84 -4.45
CA ASP B 148 -12.90 33.97 -4.05
C ASP B 148 -13.08 32.59 -4.69
N THR B 149 -11.97 31.97 -5.14
CA THR B 149 -12.01 30.64 -5.75
C THR B 149 -11.89 29.57 -4.66
N ILE B 150 -12.97 28.79 -4.47
CA ILE B 150 -13.02 27.69 -3.51
C ILE B 150 -12.30 26.47 -4.13
N LYS B 151 -12.73 26.05 -5.34
CA LYS B 151 -12.16 24.92 -6.09
C LYS B 151 -11.81 25.33 -7.52
N GLU B 152 -10.62 24.92 -7.98
CA GLU B 152 -10.15 25.16 -9.34
C GLU B 152 -10.79 24.12 -10.27
N PRO B 153 -11.01 24.40 -11.57
CA PRO B 153 -11.59 23.37 -12.45
C PRO B 153 -10.67 22.16 -12.59
N SER B 154 -11.27 20.97 -12.74
CA SER B 154 -10.54 19.69 -12.84
C SER B 154 -11.32 18.70 -13.71
N THR B 155 -10.63 17.68 -14.24
CA THR B 155 -11.25 16.62 -15.04
C THR B 155 -11.03 15.29 -14.37
N VAL B 156 -12.14 14.56 -14.08
CA VAL B 156 -12.12 13.25 -13.43
C VAL B 156 -12.44 12.16 -14.46
N TYR B 157 -11.91 10.94 -14.26
CA TYR B 157 -12.09 9.81 -15.18
C TYR B 157 -12.69 8.62 -14.45
N VAL B 158 -13.87 8.18 -14.89
CA VAL B 158 -14.65 7.10 -14.30
C VAL B 158 -14.56 5.86 -15.18
N TYR B 159 -13.89 4.81 -14.69
CA TYR B 159 -13.79 3.56 -15.42
C TYR B 159 -15.09 2.75 -15.28
N ILE B 160 -15.88 2.69 -16.37
CA ILE B 160 -17.13 1.92 -16.40
C ILE B 160 -16.73 0.47 -16.67
N LYS B 161 -16.42 -0.29 -15.59
CA LYS B 161 -16.04 -1.70 -15.70
C LYS B 161 -17.25 -2.48 -16.20
N THR B 162 -17.06 -3.22 -17.29
CA THR B 162 -18.11 -4.02 -17.93
C THR B 162 -17.62 -5.48 -18.07
N PRO B 163 -18.54 -6.48 -18.29
CA PRO B 163 -18.07 -7.87 -18.47
C PRO B 163 -17.21 -8.08 -19.72
N PHE B 164 -17.12 -7.06 -20.59
CA PHE B 164 -16.35 -7.10 -21.84
C PHE B 164 -14.85 -6.89 -21.65
N ASP B 165 -14.41 -6.53 -20.42
CA ASP B 165 -13.02 -6.25 -20.07
C ASP B 165 -12.26 -7.43 -19.45
N VAL B 166 -13.00 -8.45 -18.96
CA VAL B 166 -12.49 -9.64 -18.26
C VAL B 166 -11.32 -10.31 -19.01
N GLU B 167 -11.53 -10.70 -20.28
CA GLU B 167 -10.49 -11.36 -21.08
C GLU B 167 -10.09 -10.53 -22.31
N ASP B 168 -9.99 -9.20 -22.11
CA ASP B 168 -9.63 -8.19 -23.11
C ASP B 168 -10.40 -8.36 -24.43
N THR B 169 -9.70 -8.67 -25.54
CA THR B 169 -10.28 -8.82 -26.87
C THR B 169 -11.25 -10.00 -26.96
N PHE B 170 -11.02 -11.07 -26.17
CA PHE B 170 -11.86 -12.27 -26.15
C PHE B 170 -13.26 -11.98 -25.62
N SER B 171 -13.36 -11.09 -24.63
CA SER B 171 -14.61 -10.72 -23.96
C SER B 171 -15.29 -9.47 -24.53
N SER B 172 -14.58 -8.71 -25.38
CA SER B 172 -15.05 -7.45 -26.00
C SER B 172 -16.45 -7.51 -26.61
N LEU B 173 -17.19 -6.38 -26.53
CA LEU B 173 -18.53 -6.29 -27.10
C LEU B 173 -18.41 -6.15 -28.61
N LYS B 174 -18.96 -7.12 -29.36
CA LYS B 174 -18.93 -7.10 -30.82
C LYS B 174 -20.11 -6.33 -31.37
N LEU B 175 -19.85 -5.50 -32.38
CA LEU B 175 -20.83 -4.66 -33.06
C LEU B 175 -21.05 -5.26 -34.45
N SER B 176 -22.02 -6.19 -34.54
CA SER B 176 -22.36 -6.84 -35.81
C SER B 176 -23.20 -5.87 -36.66
N ASP B 177 -22.55 -4.78 -37.13
CA ASP B 177 -23.12 -3.68 -37.93
C ASP B 177 -24.36 -3.04 -37.24
N SER B 178 -24.37 -3.05 -35.90
CA SER B 178 -25.45 -2.51 -35.07
C SER B 178 -25.05 -1.22 -34.33
N LYS B 179 -26.05 -0.40 -33.99
CA LYS B 179 -25.90 0.87 -33.29
C LYS B 179 -25.90 0.65 -31.79
N ILE B 180 -24.76 0.90 -31.13
CA ILE B 180 -24.63 0.76 -29.69
C ILE B 180 -24.84 2.12 -29.04
N THR B 181 -25.73 2.17 -28.04
CA THR B 181 -26.03 3.39 -27.31
C THR B 181 -25.64 3.22 -25.85
N VAL B 182 -24.72 4.07 -25.38
CA VAL B 182 -24.27 4.08 -24.00
C VAL B 182 -24.99 5.27 -23.34
N THR B 183 -25.88 4.96 -22.38
CA THR B 183 -26.68 5.95 -21.67
C THR B 183 -26.19 6.05 -20.23
N VAL B 184 -25.89 7.28 -19.78
CA VAL B 184 -25.44 7.54 -18.42
C VAL B 184 -26.40 8.50 -17.74
N THR B 185 -27.01 8.04 -16.64
CA THR B 185 -27.94 8.84 -15.84
C THR B 185 -27.15 9.39 -14.65
N PHE B 186 -27.25 10.70 -14.42
CA PHE B 186 -26.50 11.34 -13.35
C PHE B 186 -27.31 11.66 -12.12
N ASN B 187 -26.70 11.45 -10.94
CA ASN B 187 -27.26 11.76 -9.64
C ASN B 187 -27.26 13.30 -9.48
N PRO B 188 -28.16 13.91 -8.67
CA PRO B 188 -28.10 15.37 -8.49
C PRO B 188 -26.75 15.81 -7.90
N VAL B 189 -26.27 17.01 -8.25
CA VAL B 189 -24.97 17.53 -7.78
C VAL B 189 -24.90 17.60 -6.23
N SER B 190 -26.07 17.58 -5.55
CA SER B 190 -26.18 17.59 -4.10
C SER B 190 -25.46 16.40 -3.47
N ASP B 191 -25.55 15.23 -4.13
CA ASP B 191 -24.96 13.95 -3.72
C ASP B 191 -23.44 13.95 -3.71
N ILE B 192 -22.81 14.68 -4.66
CA ILE B 192 -21.34 14.69 -4.82
C ILE B 192 -20.63 15.85 -4.11
N VAL B 193 -21.39 16.68 -3.37
CA VAL B 193 -20.86 17.87 -2.72
C VAL B 193 -21.08 17.90 -1.19
N ILE B 194 -20.02 18.30 -0.44
CA ILE B 194 -20.03 18.49 1.01
C ILE B 194 -19.86 20.01 1.22
N ARG B 195 -20.90 20.66 1.79
CA ARG B 195 -20.93 22.12 1.99
C ARG B 195 -21.59 22.56 3.30
N ASP B 196 -21.33 23.81 3.72
CA ASP B 196 -21.95 24.37 4.91
C ASP B 196 -23.18 25.23 4.53
N SER B 197 -23.79 25.94 5.51
CA SER B 197 -24.96 26.80 5.27
C SER B 197 -24.58 28.07 4.51
N SER B 198 -23.38 28.60 4.80
CA SER B 198 -22.81 29.79 4.21
C SER B 198 -22.60 29.68 2.69
N PHE B 199 -22.41 28.45 2.16
CA PHE B 199 -22.26 28.21 0.73
C PHE B 199 -23.61 28.34 0.01
N ASP B 200 -23.63 29.15 -1.07
CA ASP B 200 -24.84 29.35 -1.87
C ASP B 200 -25.06 28.16 -2.79
N PHE B 201 -25.64 27.08 -2.21
CA PHE B 201 -25.92 25.86 -2.96
C PHE B 201 -27.02 26.08 -4.01
N GLU B 202 -28.01 26.94 -3.69
CA GLU B 202 -29.14 27.28 -4.56
C GLU B 202 -28.66 27.72 -5.95
N THR B 203 -27.71 28.66 -6.00
CA THR B 203 -27.12 29.19 -7.24
C THR B 203 -26.26 28.11 -7.89
N PHE B 204 -25.44 27.38 -7.08
CA PHE B 204 -24.56 26.31 -7.55
C PHE B 204 -25.32 25.21 -8.28
N ASN B 205 -26.46 24.76 -7.70
CA ASN B 205 -27.33 23.72 -8.28
C ASN B 205 -27.91 24.15 -9.62
N LYS B 206 -28.21 25.46 -9.78
CA LYS B 206 -28.73 26.05 -11.00
C LYS B 206 -27.63 26.11 -12.07
N GLU B 207 -26.48 26.71 -11.71
CA GLU B 207 -25.32 26.92 -12.58
C GLU B 207 -24.52 25.65 -12.96
N PHE B 208 -24.58 24.57 -12.13
CA PHE B 208 -23.83 23.34 -12.42
C PHE B 208 -24.42 22.54 -13.57
N VAL B 209 -23.53 22.05 -14.45
CA VAL B 209 -23.87 21.18 -15.57
C VAL B 209 -22.84 20.06 -15.68
N TYR B 210 -23.32 18.83 -15.91
CA TYR B 210 -22.43 17.69 -16.11
C TYR B 210 -21.92 17.76 -17.53
N VAL B 211 -20.59 17.80 -17.70
CA VAL B 211 -19.98 17.87 -19.04
C VAL B 211 -19.22 16.55 -19.28
N PRO B 212 -19.93 15.53 -19.81
CA PRO B 212 -19.30 14.21 -20.00
C PRO B 212 -18.73 13.92 -21.38
N GLU B 213 -17.80 12.96 -21.43
CA GLU B 213 -17.17 12.45 -22.65
C GLU B 213 -16.87 10.98 -22.43
N LEU B 214 -17.30 10.11 -23.37
CA LEU B 214 -17.10 8.68 -23.27
C LEU B 214 -15.96 8.21 -24.16
N SER B 215 -14.95 7.58 -23.55
CA SER B 215 -13.81 6.98 -24.23
C SER B 215 -13.95 5.47 -24.14
N PHE B 216 -13.43 4.75 -25.13
CA PHE B 216 -13.43 3.29 -25.20
C PHE B 216 -12.35 2.81 -26.15
N ILE B 217 -11.91 1.56 -26.00
CA ILE B 217 -10.92 0.99 -26.91
C ILE B 217 -11.70 0.28 -28.02
N GLY B 218 -11.66 0.83 -29.21
CA GLY B 218 -12.31 0.26 -30.39
C GLY B 218 -11.35 -0.67 -31.11
N TYR B 219 -11.88 -1.70 -31.76
CA TYR B 219 -11.06 -2.67 -32.50
C TYR B 219 -11.58 -2.84 -33.92
N MET B 220 -10.71 -2.62 -34.93
CA MET B 220 -11.09 -2.85 -36.31
C MET B 220 -10.55 -4.23 -36.63
N VAL B 221 -11.46 -5.20 -36.74
CA VAL B 221 -11.12 -6.61 -36.97
C VAL B 221 -11.34 -7.03 -38.42
N LYS B 222 -10.28 -7.56 -39.07
CA LYS B 222 -10.36 -8.08 -40.43
C LYS B 222 -10.87 -9.53 -40.34
N ASN B 223 -12.00 -9.82 -41.03
CA ASN B 223 -12.65 -11.13 -41.07
C ASN B 223 -12.93 -11.70 -39.66
N VAL B 224 -13.75 -10.97 -38.88
CA VAL B 224 -14.13 -11.35 -37.52
C VAL B 224 -14.97 -12.64 -37.54
N GLN B 225 -14.66 -13.56 -36.62
CA GLN B 225 -15.38 -14.83 -36.49
C GLN B 225 -16.15 -14.77 -35.17
N ILE B 226 -17.34 -14.15 -35.20
CA ILE B 226 -18.17 -13.98 -34.00
C ILE B 226 -18.82 -15.30 -33.57
N LYS B 227 -18.82 -15.56 -32.25
CA LYS B 227 -19.41 -16.73 -31.61
C LYS B 227 -20.29 -16.22 -30.43
N PRO B 228 -21.35 -16.95 -30.00
CA PRO B 228 -22.14 -16.45 -28.86
C PRO B 228 -21.39 -16.56 -27.53
N SER B 229 -21.77 -15.72 -26.56
CA SER B 229 -21.16 -15.69 -25.23
C SER B 229 -22.21 -15.57 -24.13
N PHE B 230 -21.74 -15.44 -22.88
CA PHE B 230 -22.58 -15.32 -21.70
C PHE B 230 -22.19 -14.06 -20.93
N ILE B 231 -23.20 -13.40 -20.35
CA ILE B 231 -23.01 -12.16 -19.60
C ILE B 231 -23.76 -12.19 -18.27
N GLU B 232 -23.14 -11.68 -17.20
CA GLU B 232 -23.75 -11.58 -15.88
C GLU B 232 -24.29 -10.17 -15.75
N LYS B 233 -25.61 -10.02 -15.53
CA LYS B 233 -26.25 -8.72 -15.38
C LYS B 233 -26.69 -8.48 -13.93
N PRO B 234 -26.17 -7.43 -13.25
CA PRO B 234 -26.55 -7.20 -11.85
C PRO B 234 -27.92 -6.54 -11.69
N ARG B 235 -28.68 -7.01 -10.68
CA ARG B 235 -30.03 -6.56 -10.37
C ARG B 235 -30.17 -6.40 -8.87
N ARG B 236 -30.52 -5.20 -8.40
CA ARG B 236 -30.66 -5.00 -6.96
C ARG B 236 -32.11 -4.76 -6.54
N VAL B 237 -32.41 -5.07 -5.27
CA VAL B 237 -33.70 -4.88 -4.62
C VAL B 237 -33.39 -4.19 -3.28
N ILE B 238 -34.04 -3.04 -3.04
CA ILE B 238 -33.87 -2.30 -1.79
C ILE B 238 -35.13 -2.50 -0.96
N GLY B 239 -34.97 -3.09 0.22
CA GLY B 239 -36.06 -3.35 1.16
C GLY B 239 -36.59 -2.09 1.79
N GLN B 240 -37.82 -2.16 2.35
CA GLN B 240 -38.50 -1.03 2.98
C GLN B 240 -37.77 -0.57 4.25
N ILE B 241 -37.87 0.73 4.57
CA ILE B 241 -37.19 1.37 5.70
C ILE B 241 -37.42 0.60 7.02
N ASN B 242 -36.29 0.18 7.66
CA ASN B 242 -36.17 -0.58 8.91
C ASN B 242 -36.72 -2.04 8.82
N GLN B 243 -36.90 -2.57 7.60
CA GLN B 243 -37.37 -3.94 7.43
C GLN B 243 -36.21 -4.92 7.23
N PRO B 244 -36.12 -5.99 8.05
CA PRO B 244 -34.99 -6.92 7.91
C PRO B 244 -35.14 -7.97 6.81
N THR B 245 -36.01 -7.72 5.81
CA THR B 245 -36.26 -8.66 4.70
C THR B 245 -36.29 -7.96 3.35
N ALA B 246 -35.91 -8.71 2.29
CA ALA B 246 -35.94 -8.29 0.89
C ALA B 246 -36.00 -9.54 0.03
N THR B 247 -36.73 -9.47 -1.09
CA THR B 247 -36.90 -10.59 -2.01
C THR B 247 -36.60 -10.21 -3.45
N VAL B 248 -35.82 -11.06 -4.13
CA VAL B 248 -35.49 -10.92 -5.54
C VAL B 248 -36.34 -11.97 -6.26
N THR B 249 -37.26 -11.52 -7.12
CA THR B 249 -38.16 -12.40 -7.86
C THR B 249 -37.55 -12.83 -9.18
N GLU B 250 -38.15 -13.85 -9.81
CA GLU B 250 -37.76 -14.42 -11.10
C GLU B 250 -36.25 -14.76 -11.18
N VAL B 251 -35.75 -15.46 -10.15
CA VAL B 251 -34.36 -15.94 -10.10
C VAL B 251 -34.38 -17.30 -10.79
N HIS B 252 -33.75 -17.40 -11.97
CA HIS B 252 -33.72 -18.65 -12.73
C HIS B 252 -32.33 -19.24 -12.91
N ALA B 253 -31.31 -18.39 -13.10
CA ALA B 253 -29.91 -18.76 -13.27
C ALA B 253 -29.00 -17.64 -12.76
N ALA B 254 -28.74 -17.62 -11.43
CA ALA B 254 -27.90 -16.61 -10.79
C ALA B 254 -26.47 -17.12 -10.52
N THR B 255 -25.47 -16.28 -10.83
CA THR B 255 -24.05 -16.59 -10.59
C THR B 255 -23.59 -16.21 -9.18
N SER B 256 -24.27 -15.20 -8.57
CA SER B 256 -23.95 -14.71 -7.22
C SER B 256 -25.09 -13.92 -6.59
N LEU B 257 -25.03 -13.74 -5.27
CA LEU B 257 -25.99 -12.95 -4.49
C LEU B 257 -25.26 -12.22 -3.36
N SER B 258 -25.33 -10.88 -3.37
CA SER B 258 -24.70 -10.03 -2.35
C SER B 258 -25.74 -9.38 -1.46
N VAL B 259 -25.42 -9.27 -0.17
CA VAL B 259 -26.31 -8.66 0.82
C VAL B 259 -25.52 -7.61 1.62
N TYR B 260 -26.07 -6.39 1.72
CA TYR B 260 -25.51 -5.30 2.51
C TYR B 260 -26.61 -4.35 3.00
N THR B 261 -26.24 -3.41 3.89
CA THR B 261 -27.14 -2.44 4.48
C THR B 261 -26.72 -1.04 4.10
N LYS B 262 -27.69 -0.14 3.95
CA LYS B 262 -27.49 1.27 3.63
C LYS B 262 -28.28 2.11 4.63
N PRO B 263 -27.75 3.26 5.12
CA PRO B 263 -28.55 4.10 6.01
C PRO B 263 -29.50 5.00 5.20
N TYR B 264 -30.59 5.43 5.82
CA TYR B 264 -31.55 6.34 5.20
C TYR B 264 -31.62 7.62 6.05
N TYR B 265 -31.29 8.78 5.44
CA TYR B 265 -31.26 10.06 6.15
C TYR B 265 -32.37 11.05 5.73
N GLY B 266 -33.49 10.51 5.24
CA GLY B 266 -34.66 11.29 4.82
C GLY B 266 -35.34 12.01 5.97
N ASN B 267 -35.27 11.43 7.18
CA ASN B 267 -35.83 11.99 8.42
C ASN B 267 -34.93 13.07 9.05
N THR B 268 -33.81 13.42 8.38
CA THR B 268 -32.82 14.42 8.83
C THR B 268 -32.55 15.46 7.73
N ASP B 269 -31.84 16.56 8.09
CA ASP B 269 -31.45 17.63 7.16
C ASP B 269 -30.10 17.31 6.46
N ASN B 270 -29.56 16.09 6.71
CA ASN B 270 -28.30 15.55 6.19
C ASN B 270 -27.07 16.35 6.64
N LYS B 271 -27.19 17.10 7.76
CA LYS B 271 -26.11 17.90 8.33
C LYS B 271 -25.39 17.09 9.40
N PHE B 272 -24.05 17.15 9.39
CA PHE B 272 -23.16 16.46 10.32
C PHE B 272 -22.19 17.47 10.91
N ILE B 273 -21.79 17.28 12.17
CA ILE B 273 -20.88 18.19 12.89
C ILE B 273 -19.51 18.34 12.21
N SER B 274 -18.89 17.20 11.82
CA SER B 274 -17.55 17.18 11.25
C SER B 274 -17.37 16.29 10.02
N TYR B 275 -16.25 16.50 9.30
CA TYR B 275 -15.81 15.74 8.13
C TYR B 275 -14.27 15.86 7.98
N PRO B 276 -13.54 14.74 7.80
CA PRO B 276 -12.06 14.83 7.74
C PRO B 276 -11.45 15.27 6.40
N GLY B 277 -12.23 15.24 5.33
CA GLY B 277 -11.80 15.64 4.00
C GLY B 277 -11.18 14.50 3.22
N TYR B 278 -9.98 14.75 2.64
CA TYR B 278 -9.21 13.78 1.86
C TYR B 278 -8.76 12.60 2.72
N SER B 279 -8.28 12.89 3.96
CA SER B 279 -7.83 11.90 4.93
C SER B 279 -9.09 11.12 5.35
N GLN B 280 -9.22 9.88 4.86
CA GLN B 280 -10.42 9.07 5.04
C GLN B 280 -10.33 7.88 6.00
N ASP B 281 -9.29 7.79 6.87
CA ASP B 281 -9.22 6.67 7.80
C ASP B 281 -10.20 6.86 8.98
N GLU B 282 -10.52 5.76 9.70
CA GLU B 282 -11.42 5.79 10.86
C GLU B 282 -10.92 6.80 11.89
N LYS B 283 -9.59 6.81 12.16
CA LYS B 283 -8.96 7.72 13.10
C LYS B 283 -9.10 9.18 12.63
N ASP B 284 -9.03 9.42 11.31
CA ASP B 284 -9.16 10.76 10.71
C ASP B 284 -10.54 11.34 10.95
N TYR B 285 -11.59 10.49 10.83
CA TYR B 285 -12.99 10.87 11.07
C TYR B 285 -13.18 11.21 12.55
N ILE B 286 -12.61 10.37 13.45
CA ILE B 286 -12.68 10.55 14.90
C ILE B 286 -11.95 11.84 15.32
N ASP B 287 -10.69 12.03 14.85
CA ASP B 287 -9.87 13.21 15.14
C ASP B 287 -10.53 14.51 14.70
N ALA B 288 -11.18 14.52 13.52
CA ALA B 288 -11.88 15.69 12.98
C ALA B 288 -13.04 16.11 13.88
N TYR B 289 -13.75 15.10 14.45
CA TYR B 289 -14.89 15.27 15.37
C TYR B 289 -14.43 15.81 16.71
N VAL B 290 -13.40 15.18 17.31
CA VAL B 290 -12.80 15.57 18.60
C VAL B 290 -12.31 17.02 18.49
N SER B 291 -11.62 17.36 17.38
CA SER B 291 -11.11 18.70 17.10
C SER B 291 -12.23 19.74 17.03
N ARG B 292 -13.39 19.37 16.44
CA ARG B 292 -14.54 20.26 16.32
C ARG B 292 -15.24 20.49 17.66
N LEU B 293 -15.23 19.49 18.55
CA LEU B 293 -15.85 19.54 19.88
C LEU B 293 -14.99 20.28 20.91
N LEU B 294 -13.65 20.12 20.85
CA LEU B 294 -12.69 20.71 21.80
C LEU B 294 -12.78 22.23 21.93
N ASP B 295 -13.24 22.92 20.87
CA ASP B 295 -13.42 24.37 20.83
C ASP B 295 -14.41 24.84 21.91
N ASP B 296 -15.47 24.05 22.15
CA ASP B 296 -16.50 24.30 23.14
C ASP B 296 -16.35 23.45 24.40
N LEU B 297 -15.66 22.30 24.32
CA LEU B 297 -15.48 21.38 25.43
C LEU B 297 -14.64 21.95 26.59
N VAL B 298 -13.46 22.51 26.28
CA VAL B 298 -12.58 23.12 27.30
C VAL B 298 -12.42 24.61 26.97
N ILE B 299 -12.89 25.49 27.87
CA ILE B 299 -12.85 26.94 27.69
C ILE B 299 -12.00 27.62 28.77
N VAL B 300 -11.11 28.54 28.34
CA VAL B 300 -10.29 29.37 29.24
C VAL B 300 -10.95 30.75 29.17
N SER B 301 -11.67 31.14 30.23
CA SER B 301 -12.44 32.39 30.25
C SER B 301 -12.26 33.21 31.53
N ASP B 302 -12.49 34.53 31.43
CA ASP B 302 -12.48 35.47 32.55
C ASP B 302 -13.90 35.43 33.12
N GLY B 303 -14.09 34.52 34.08
CA GLY B 303 -15.40 34.26 34.67
C GLY B 303 -16.18 33.24 33.87
N PRO B 304 -17.44 32.93 34.23
CA PRO B 304 -18.21 31.93 33.46
C PRO B 304 -18.36 32.22 31.96
N PRO B 305 -18.11 31.22 31.08
CA PRO B 305 -18.23 31.45 29.62
C PRO B 305 -19.62 31.88 29.15
N THR B 306 -19.64 32.69 28.08
CA THR B 306 -20.84 33.23 27.46
C THR B 306 -20.95 32.76 26.01
N GLY B 307 -22.15 32.86 25.44
CA GLY B 307 -22.41 32.47 24.05
C GLY B 307 -22.89 31.04 23.90
N TYR B 308 -23.26 30.41 25.03
CA TYR B 308 -23.76 29.03 25.09
C TYR B 308 -25.23 29.01 25.54
N PRO B 309 -26.04 28.01 25.13
CA PRO B 309 -27.45 27.98 25.55
C PRO B 309 -27.62 27.87 27.07
N GLU B 310 -28.80 28.29 27.60
CA GLU B 310 -29.08 28.22 29.04
C GLU B 310 -28.98 26.78 29.56
N SER B 311 -29.35 25.82 28.69
CA SER B 311 -29.32 24.37 28.90
C SER B 311 -27.92 23.81 29.19
N ALA B 312 -26.86 24.51 28.72
CA ALA B 312 -25.46 24.12 28.91
C ALA B 312 -25.02 24.19 30.36
N GLU B 313 -24.31 23.15 30.80
CA GLU B 313 -23.76 23.06 32.15
C GLU B 313 -22.23 23.14 32.09
N ILE B 314 -21.71 24.37 32.11
CA ILE B 314 -20.28 24.63 32.06
C ILE B 314 -19.75 24.84 33.48
N VAL B 315 -19.00 23.86 33.96
CA VAL B 315 -18.43 23.78 35.31
C VAL B 315 -16.95 24.19 35.31
N GLU B 316 -16.52 24.96 36.33
CA GLU B 316 -15.13 25.37 36.52
C GLU B 316 -14.36 24.16 37.03
N VAL B 317 -13.19 23.89 36.42
CA VAL B 317 -12.33 22.77 36.78
C VAL B 317 -11.70 23.02 38.16
N PRO B 318 -11.87 22.09 39.13
CA PRO B 318 -11.29 22.31 40.46
C PRO B 318 -9.77 22.18 40.48
N GLU B 319 -9.14 22.55 41.62
CA GLU B 319 -7.70 22.52 41.84
C GLU B 319 -7.04 21.17 41.53
N ASP B 320 -7.76 20.04 41.77
CA ASP B 320 -7.26 18.68 41.51
C ASP B 320 -7.27 18.31 40.01
N GLY B 321 -7.99 19.08 39.20
CA GLY B 321 -8.10 18.88 37.77
C GLY B 321 -9.23 17.96 37.33
N ILE B 322 -9.87 17.25 38.27
CA ILE B 322 -10.94 16.29 37.98
C ILE B 322 -12.33 16.90 38.13
N VAL B 323 -13.15 16.79 37.06
CA VAL B 323 -14.55 17.22 37.00
C VAL B 323 -15.37 15.93 36.89
N SER B 324 -16.36 15.76 37.79
CA SER B 324 -17.19 14.57 37.80
C SER B 324 -18.55 14.83 37.14
N ILE B 325 -18.82 14.07 36.08
CA ILE B 325 -20.09 14.11 35.34
C ILE B 325 -20.69 12.74 35.64
N GLN B 326 -21.40 12.65 36.78
CA GLN B 326 -21.99 11.42 37.32
C GLN B 326 -20.87 10.41 37.59
N ASP B 327 -20.92 9.23 36.95
CA ASP B 327 -19.94 8.17 37.05
C ASP B 327 -18.59 8.49 36.38
N ALA B 328 -18.62 9.36 35.35
CA ALA B 328 -17.44 9.73 34.56
C ALA B 328 -16.61 10.88 35.12
N ASP B 329 -15.29 10.69 35.22
CA ASP B 329 -14.32 11.67 35.69
C ASP B 329 -13.50 12.20 34.52
N VAL B 330 -13.46 13.53 34.36
CA VAL B 330 -12.71 14.19 33.29
C VAL B 330 -11.54 14.97 33.90
N TYR B 331 -10.30 14.60 33.53
CA TYR B 331 -9.09 15.25 34.01
C TYR B 331 -8.71 16.35 33.01
N VAL B 332 -8.83 17.63 33.43
CA VAL B 332 -8.53 18.77 32.58
C VAL B 332 -7.42 19.60 33.21
N LYS B 333 -6.26 19.70 32.53
CA LYS B 333 -5.11 20.48 32.99
C LYS B 333 -4.48 21.28 31.85
N ILE B 334 -4.69 22.61 31.87
CA ILE B 334 -4.18 23.55 30.87
C ILE B 334 -3.06 24.42 31.48
N ASP B 335 -1.91 24.52 30.77
CA ASP B 335 -0.76 25.32 31.18
C ASP B 335 -0.85 26.76 30.68
N ASN B 336 -0.10 27.68 31.34
CA ASN B 336 0.01 29.12 31.03
C ASN B 336 -1.36 29.83 31.00
N VAL B 337 -2.26 29.46 31.92
CA VAL B 337 -3.59 30.07 32.02
C VAL B 337 -3.42 31.42 32.74
N PRO B 338 -3.91 32.55 32.18
CA PRO B 338 -3.77 33.85 32.86
C PRO B 338 -4.40 33.87 34.25
N ASP B 339 -3.80 34.65 35.17
CA ASP B 339 -4.24 34.79 36.56
C ASP B 339 -5.70 35.24 36.72
N ASN B 340 -6.18 36.09 35.78
CA ASN B 340 -7.56 36.60 35.76
C ASN B 340 -8.58 35.59 35.21
N MET B 341 -8.08 34.54 34.51
CA MET B 341 -8.91 33.50 33.88
C MET B 341 -8.89 32.16 34.61
N SER B 342 -9.94 31.35 34.37
CA SER B 342 -10.11 30.00 34.92
C SER B 342 -10.36 28.98 33.79
N VAL B 343 -10.19 27.68 34.10
CA VAL B 343 -10.41 26.59 33.14
C VAL B 343 -11.81 26.02 33.39
N TYR B 344 -12.62 25.97 32.32
CA TYR B 344 -14.00 25.50 32.31
C TYR B 344 -14.20 24.26 31.44
N LEU B 345 -15.15 23.39 31.83
CA LEU B 345 -15.50 22.20 31.08
C LEU B 345 -16.99 22.14 30.79
N HIS B 346 -17.36 21.93 29.51
CA HIS B 346 -18.74 21.80 29.08
C HIS B 346 -19.12 20.35 29.40
N THR B 347 -19.88 20.14 30.49
CA THR B 347 -20.25 18.81 30.96
C THR B 347 -21.40 18.14 30.19
N ASN B 348 -22.05 18.87 29.25
CA ASN B 348 -23.15 18.31 28.45
C ASN B 348 -23.19 18.89 27.03
N LEU B 349 -22.04 18.86 26.32
CA LEU B 349 -21.90 19.40 24.96
C LEU B 349 -22.96 18.87 23.98
N LEU B 350 -23.18 17.55 24.01
CA LEU B 350 -24.20 16.86 23.22
C LEU B 350 -24.76 15.78 24.14
N MET B 351 -26.07 15.85 24.42
CA MET B 351 -26.73 14.89 25.31
C MET B 351 -28.06 14.39 24.73
N PHE B 352 -28.37 13.11 25.00
CA PHE B 352 -29.58 12.49 24.50
C PHE B 352 -30.22 11.58 25.55
N GLY B 353 -31.54 11.64 25.66
CA GLY B 353 -32.35 10.84 26.58
C GLY B 353 -33.82 10.81 26.18
N THR B 354 -34.46 9.63 26.31
CA THR B 354 -35.88 9.45 25.96
C THR B 354 -36.83 9.71 27.13
N ARG B 355 -36.33 9.53 28.39
CA ARG B 355 -37.08 9.73 29.63
C ARG B 355 -36.38 10.76 30.53
N LYS B 356 -37.17 11.54 31.31
CA LYS B 356 -36.70 12.63 32.18
C LYS B 356 -35.68 12.25 33.28
N ASN B 357 -35.54 10.96 33.64
CA ASN B 357 -34.58 10.53 34.67
C ASN B 357 -33.89 9.19 34.36
N SER B 358 -34.02 8.68 33.11
CA SER B 358 -33.39 7.42 32.68
C SER B 358 -31.91 7.66 32.26
N PHE B 359 -31.32 6.73 31.47
CA PHE B 359 -29.95 6.85 30.99
C PHE B 359 -29.79 8.03 30.05
N ILE B 360 -28.59 8.64 30.06
CA ILE B 360 -28.27 9.79 29.21
C ILE B 360 -27.00 9.50 28.42
N TYR B 361 -27.03 9.76 27.11
CA TYR B 361 -25.86 9.61 26.26
C TYR B 361 -25.23 10.99 26.15
N ASN B 362 -24.18 11.22 26.94
CA ASN B 362 -23.48 12.50 26.99
C ASN B 362 -22.10 12.36 26.34
N ILE B 363 -21.83 13.20 25.33
CA ILE B 363 -20.57 13.16 24.59
C ILE B 363 -19.38 13.64 25.46
N SER B 364 -19.65 14.52 26.45
CA SER B 364 -18.63 15.04 27.36
C SER B 364 -18.12 13.95 28.30
N LYS B 365 -18.97 12.94 28.59
CA LYS B 365 -18.63 11.79 29.43
C LYS B 365 -17.67 10.83 28.72
N LYS B 366 -17.57 10.96 27.37
CA LYS B 366 -16.71 10.15 26.50
C LYS B 366 -15.25 10.66 26.48
N PHE B 367 -14.91 11.59 27.38
CA PHE B 367 -13.57 12.15 27.52
C PHE B 367 -13.04 11.87 28.94
N SER B 368 -11.78 11.42 29.06
CA SER B 368 -11.19 11.11 30.35
C SER B 368 -10.05 12.05 30.76
N ALA B 369 -9.28 12.54 29.77
CA ALA B 369 -8.17 13.47 29.99
C ALA B 369 -7.98 14.43 28.83
N ILE B 370 -7.83 15.73 29.15
CA ILE B 370 -7.62 16.81 28.19
C ILE B 370 -6.49 17.69 28.72
N THR B 371 -5.33 17.65 28.04
CA THR B 371 -4.17 18.48 28.40
C THR B 371 -3.83 19.43 27.26
N GLY B 372 -3.24 20.56 27.61
CA GLY B 372 -2.84 21.58 26.65
C GLY B 372 -2.16 22.78 27.28
N THR B 373 -1.84 23.77 26.45
CA THR B 373 -1.19 25.01 26.86
C THR B 373 -1.92 26.18 26.22
N TYR B 374 -2.27 27.20 27.03
CA TYR B 374 -2.94 28.40 26.56
C TYR B 374 -1.92 29.30 25.88
N SER B 375 -2.29 29.83 24.71
CA SER B 375 -1.46 30.73 23.94
C SER B 375 -1.89 32.16 24.22
N ASP B 376 -0.98 32.98 24.77
CA ASP B 376 -1.24 34.39 25.06
C ASP B 376 -1.35 35.18 23.76
N ALA B 377 -0.47 34.87 22.78
CA ALA B 377 -0.40 35.53 21.47
C ALA B 377 -1.66 35.40 20.62
N THR B 378 -2.23 34.18 20.52
CA THR B 378 -3.44 33.93 19.72
C THR B 378 -4.72 33.86 20.56
N LYS B 379 -4.59 34.01 21.90
CA LYS B 379 -5.69 34.00 22.87
C LYS B 379 -6.58 32.74 22.72
N ARG B 380 -5.93 31.56 22.60
CA ARG B 380 -6.60 30.28 22.42
C ARG B 380 -5.83 29.11 23.06
N THR B 381 -6.52 27.99 23.31
CA THR B 381 -5.93 26.80 23.91
C THR B 381 -5.42 25.87 22.82
N ILE B 382 -4.16 25.45 22.94
CA ILE B 382 -3.49 24.54 22.02
C ILE B 382 -3.41 23.21 22.76
N PHE B 383 -4.27 22.26 22.37
CA PHE B 383 -4.37 20.94 23.00
C PHE B 383 -3.19 20.05 22.64
N ALA B 384 -2.64 19.36 23.65
CA ALA B 384 -1.48 18.48 23.50
C ALA B 384 -1.86 17.01 23.38
N HIS B 385 -2.66 16.50 24.33
CA HIS B 385 -3.09 15.11 24.32
C HIS B 385 -4.51 14.95 24.86
N ILE B 386 -5.33 14.19 24.14
CA ILE B 386 -6.72 13.93 24.50
C ILE B 386 -6.91 12.42 24.66
N SER B 387 -7.38 12.00 25.85
CA SER B 387 -7.72 10.61 26.15
C SER B 387 -9.25 10.57 26.09
N HIS B 388 -9.80 9.82 25.14
CA HIS B 388 -11.24 9.74 24.93
C HIS B 388 -11.66 8.36 24.40
N SER B 389 -12.99 8.16 24.32
CA SER B 389 -13.62 6.94 23.82
C SER B 389 -14.60 7.20 22.65
N ILE B 390 -14.37 8.32 21.90
CA ILE B 390 -15.16 8.70 20.72
C ILE B 390 -14.97 7.65 19.63
N ASN B 391 -16.09 7.20 19.02
CA ASN B 391 -16.06 6.19 17.97
C ASN B 391 -16.54 6.72 16.60
N ILE B 392 -16.46 5.87 15.56
CA ILE B 392 -16.87 6.19 14.20
C ILE B 392 -18.39 6.47 14.10
N ILE B 393 -19.19 5.87 15.01
CA ILE B 393 -20.64 6.06 15.06
C ILE B 393 -20.95 7.52 15.45
N ASP B 394 -20.25 8.04 16.49
CA ASP B 394 -20.40 9.41 16.99
C ASP B 394 -20.23 10.44 15.89
N THR B 395 -19.23 10.24 15.03
CA THR B 395 -18.91 11.10 13.88
C THR B 395 -19.97 10.98 12.78
N SER B 396 -20.73 9.86 12.78
CA SER B 396 -21.75 9.54 11.78
C SER B 396 -23.19 9.88 12.21
N ILE B 397 -23.35 10.54 13.38
CA ILE B 397 -24.68 10.92 13.87
C ILE B 397 -25.13 12.22 13.19
N PRO B 398 -26.27 12.23 12.44
CA PRO B 398 -26.76 13.50 11.87
C PRO B 398 -27.21 14.42 13.01
N VAL B 399 -26.89 15.72 12.91
CA VAL B 399 -27.18 16.77 13.91
C VAL B 399 -28.66 16.77 14.35
N SER B 400 -29.59 16.51 13.39
CA SER B 400 -31.05 16.45 13.61
C SER B 400 -31.43 15.51 14.74
N LEU B 401 -30.75 14.34 14.84
CA LEU B 401 -31.03 13.31 15.85
C LEU B 401 -30.68 13.74 17.26
N TRP B 402 -29.77 14.73 17.43
CA TRP B 402 -29.42 15.24 18.75
C TRP B 402 -30.54 16.17 19.24
N THR B 403 -31.20 16.88 18.31
CA THR B 403 -32.28 17.84 18.61
C THR B 403 -33.67 17.32 18.24
N SER B 404 -33.82 15.98 18.08
CA SER B 404 -35.09 15.34 17.71
C SER B 404 -36.16 15.44 18.81
N GLN B 405 -37.44 15.20 18.43
CA GLN B 405 -38.59 15.24 19.34
C GLN B 405 -38.46 14.18 20.45
N ARG B 406 -37.87 13.00 20.11
CA ARG B 406 -37.61 11.88 21.05
C ARG B 406 -36.76 12.33 22.24
N ASN B 407 -35.89 13.34 22.05
CA ASN B 407 -34.98 13.86 23.08
C ASN B 407 -35.64 14.84 24.04
N VAL B 408 -35.66 14.46 25.33
CA VAL B 408 -36.23 15.25 26.42
C VAL B 408 -35.33 16.46 26.76
N TYR B 409 -34.04 16.38 26.40
CA TYR B 409 -33.06 17.43 26.63
C TYR B 409 -32.95 18.35 25.42
N ASN B 410 -32.20 19.47 25.54
CA ASN B 410 -32.00 20.39 24.42
C ASN B 410 -31.25 19.68 23.29
N GLY B 411 -30.26 18.87 23.68
CA GLY B 411 -29.45 18.06 22.78
C GLY B 411 -28.14 18.68 22.38
N ASP B 412 -28.22 19.67 21.49
CA ASP B 412 -27.07 20.38 20.96
C ASP B 412 -26.79 21.63 21.78
N ASN B 413 -25.80 21.54 22.69
CA ASN B 413 -25.43 22.63 23.59
C ASN B 413 -24.12 23.33 23.18
N ARG B 414 -23.73 23.16 21.90
CA ARG B 414 -22.54 23.78 21.29
C ARG B 414 -22.79 25.27 21.07
N SER B 415 -21.72 26.03 20.76
CA SER B 415 -21.81 27.46 20.46
C SER B 415 -22.41 27.66 19.05
N ALA B 416 -22.91 28.86 18.74
CA ALA B 416 -23.49 29.18 17.43
C ALA B 416 -22.41 29.16 16.34
N GLU B 417 -21.15 29.45 16.73
CA GLU B 417 -19.95 29.45 15.88
C GLU B 417 -19.69 28.04 15.38
N SER B 418 -19.74 27.06 16.30
CA SER B 418 -19.54 25.64 16.03
C SER B 418 -20.66 25.07 15.15
N LYS B 419 -21.93 25.42 15.45
CA LYS B 419 -23.11 24.97 14.71
C LYS B 419 -23.14 25.47 13.26
N ALA B 420 -22.53 26.64 13.02
CA ALA B 420 -22.45 27.25 11.69
C ALA B 420 -21.44 26.53 10.79
N LYS B 421 -20.49 25.80 11.42
CA LYS B 421 -19.44 25.02 10.75
C LYS B 421 -19.91 23.62 10.31
N ASP B 422 -21.16 23.21 10.69
CA ASP B 422 -21.74 21.91 10.32
C ASP B 422 -21.87 21.75 8.81
N LEU B 423 -21.60 20.56 8.30
CA LEU B 423 -21.61 20.28 6.86
C LEU B 423 -22.68 19.30 6.43
N PHE B 424 -23.28 19.56 5.25
CA PHE B 424 -24.27 18.69 4.62
C PHE B 424 -23.52 17.60 3.86
N ILE B 425 -23.81 16.34 4.15
CA ILE B 425 -23.20 15.19 3.49
C ILE B 425 -24.33 14.34 2.88
N ASN B 426 -24.35 14.23 1.55
CA ASN B 426 -25.39 13.48 0.82
C ASN B 426 -24.82 12.35 -0.05
N ASP B 427 -23.63 11.84 0.31
CA ASP B 427 -22.95 10.75 -0.41
C ASP B 427 -23.95 9.61 -0.69
N PRO B 428 -24.15 9.25 -1.98
CA PRO B 428 -25.16 8.23 -2.29
C PRO B 428 -24.75 6.80 -2.01
N PHE B 429 -23.43 6.53 -1.80
CA PHE B 429 -22.92 5.17 -1.63
C PHE B 429 -22.48 4.81 -0.20
N ILE B 430 -23.15 5.37 0.83
CA ILE B 430 -22.83 5.05 2.22
C ILE B 430 -23.43 3.67 2.58
N LYS B 431 -22.64 2.84 3.26
CA LYS B 431 -23.05 1.50 3.69
C LYS B 431 -22.99 1.43 5.23
N GLY B 432 -23.83 0.57 5.81
CA GLY B 432 -23.92 0.40 7.25
C GLY B 432 -24.60 1.56 7.94
N ILE B 433 -24.15 1.90 9.15
CA ILE B 433 -24.71 3.02 9.91
C ILE B 433 -23.64 4.07 10.23
N ASP B 434 -22.41 3.84 9.74
CA ASP B 434 -21.29 4.76 9.92
C ASP B 434 -20.57 5.03 8.60
N PHE B 435 -19.83 6.16 8.54
CA PHE B 435 -19.11 6.62 7.34
C PHE B 435 -18.03 5.65 6.81
N LYS B 436 -17.53 4.76 7.68
CA LYS B 436 -16.51 3.79 7.30
C LYS B 436 -17.07 2.38 7.11
N ASN B 437 -18.39 2.18 7.34
CA ASN B 437 -19.07 0.87 7.30
C ASN B 437 -18.38 -0.12 8.27
N LYS B 438 -17.87 0.40 9.40
CA LYS B 438 -17.15 -0.35 10.43
C LYS B 438 -18.09 -1.26 11.21
N THR B 439 -19.18 -0.69 11.78
CA THR B 439 -20.17 -1.42 12.58
C THR B 439 -20.94 -2.41 11.74
N ASP B 440 -20.87 -3.70 12.13
CA ASP B 440 -21.61 -4.75 11.47
C ASP B 440 -22.89 -4.89 12.28
N ILE B 441 -24.00 -4.44 11.68
CA ILE B 441 -25.31 -4.45 12.33
C ILE B 441 -26.11 -5.71 12.01
N ILE B 442 -25.58 -6.58 11.11
CA ILE B 442 -26.21 -7.85 10.78
C ILE B 442 -25.63 -8.91 11.73
N SER B 443 -26.49 -9.42 12.63
CA SER B 443 -26.16 -10.44 13.62
C SER B 443 -26.30 -11.83 13.00
N ARG B 444 -27.28 -12.01 12.10
CA ARG B 444 -27.54 -13.28 11.42
C ARG B 444 -28.05 -13.02 10.00
N LEU B 445 -27.69 -13.89 9.05
CA LEU B 445 -28.12 -13.84 7.66
C LEU B 445 -28.75 -15.17 7.25
N GLU B 446 -29.96 -15.10 6.68
CA GLU B 446 -30.72 -16.25 6.19
C GLU B 446 -31.10 -15.99 4.74
N VAL B 447 -30.72 -16.89 3.85
CA VAL B 447 -31.03 -16.82 2.42
C VAL B 447 -31.87 -18.04 2.07
N ARG B 448 -33.12 -17.82 1.62
CA ARG B 448 -34.05 -18.89 1.25
C ARG B 448 -34.33 -18.87 -0.24
N PHE B 449 -34.20 -20.02 -0.90
CA PHE B 449 -34.53 -20.18 -2.32
C PHE B 449 -35.86 -20.94 -2.30
N GLY B 450 -36.94 -20.15 -2.23
CA GLY B 450 -38.30 -20.66 -2.10
C GLY B 450 -38.63 -20.84 -0.64
N ASN B 451 -39.04 -22.05 -0.25
CA ASN B 451 -39.36 -22.38 1.15
C ASN B 451 -38.10 -22.88 1.87
N ASP B 452 -37.20 -23.55 1.11
CA ASP B 452 -35.96 -24.14 1.62
C ASP B 452 -34.88 -23.11 1.91
N VAL B 453 -34.17 -23.31 3.03
CA VAL B 453 -33.04 -22.47 3.43
C VAL B 453 -31.85 -22.83 2.54
N LEU B 454 -31.39 -21.89 1.71
CA LEU B 454 -30.26 -22.06 0.81
C LEU B 454 -28.95 -21.91 1.59
N TYR B 455 -28.87 -20.88 2.45
CA TYR B 455 -27.69 -20.56 3.24
C TYR B 455 -28.07 -19.77 4.49
N SER B 456 -27.35 -19.99 5.58
CA SER B 456 -27.51 -19.25 6.83
C SER B 456 -26.16 -19.09 7.54
N GLU B 457 -25.94 -17.93 8.19
CA GLU B 457 -24.70 -17.63 8.92
C GLU B 457 -24.91 -16.71 10.12
N ASN B 458 -24.09 -16.89 11.18
CA ASN B 458 -24.11 -16.07 12.40
C ASN B 458 -22.95 -15.09 12.45
N GLY B 459 -21.97 -15.31 11.58
CA GLY B 459 -20.77 -14.49 11.42
C GLY B 459 -20.60 -14.14 9.95
N PRO B 460 -19.89 -13.03 9.61
CA PRO B 460 -19.77 -12.65 8.19
C PRO B 460 -18.73 -13.47 7.41
N ILE B 461 -18.84 -14.81 7.43
CA ILE B 461 -17.93 -15.71 6.73
C ILE B 461 -18.10 -15.56 5.19
N SER B 462 -19.31 -15.18 4.72
CA SER B 462 -19.55 -14.93 3.29
C SER B 462 -18.83 -13.65 2.84
N ARG B 463 -18.65 -12.66 3.76
CA ARG B 463 -17.92 -11.43 3.49
C ARG B 463 -16.41 -11.76 3.47
N ILE B 464 -15.95 -12.62 4.41
CA ILE B 464 -14.56 -13.09 4.51
C ILE B 464 -14.17 -13.81 3.21
N TYR B 465 -15.04 -14.71 2.72
CA TYR B 465 -14.79 -15.42 1.47
C TYR B 465 -14.75 -14.47 0.28
N ASN B 466 -15.67 -13.50 0.25
CA ASN B 466 -15.73 -12.48 -0.80
C ASN B 466 -14.43 -11.69 -0.85
N GLU B 467 -13.98 -11.19 0.32
CA GLU B 467 -12.76 -10.42 0.49
C GLU B 467 -11.50 -11.21 0.06
N LEU B 468 -11.42 -12.51 0.42
CA LEU B 468 -10.31 -13.38 0.05
C LEU B 468 -10.28 -13.69 -1.45
N LEU B 469 -11.42 -14.20 -1.97
CA LEU B 469 -11.56 -14.62 -3.37
C LEU B 469 -11.45 -13.47 -4.39
N THR B 470 -11.82 -12.23 -4.00
CA THR B 470 -11.73 -11.08 -4.90
C THR B 470 -10.52 -10.19 -4.59
N LYS B 471 -9.75 -10.55 -3.54
CA LYS B 471 -8.56 -9.81 -3.05
C LYS B 471 -8.93 -8.34 -2.77
N SER B 472 -10.09 -8.14 -2.10
CA SER B 472 -10.63 -6.84 -1.73
C SER B 472 -10.65 -6.68 -0.20
N ASN B 473 -10.47 -5.45 0.27
CA ASN B 473 -10.48 -5.15 1.70
C ASN B 473 -11.84 -4.59 2.13
N ASN B 474 -12.72 -4.31 1.12
CA ASN B 474 -14.06 -3.78 1.33
C ASN B 474 -15.11 -4.59 0.57
N GLY B 475 -15.28 -5.84 1.01
CA GLY B 475 -16.25 -6.75 0.42
C GLY B 475 -17.60 -6.70 1.10
N THR B 476 -18.53 -7.54 0.61
CA THR B 476 -19.90 -7.68 1.13
C THR B 476 -20.22 -9.16 1.33
N ARG B 477 -21.26 -9.47 2.14
CA ARG B 477 -21.74 -10.83 2.38
C ARG B 477 -22.25 -11.36 1.04
N THR B 478 -21.38 -12.07 0.30
CA THR B 478 -21.64 -12.58 -1.04
C THR B 478 -21.65 -14.11 -1.09
N LEU B 479 -22.68 -14.66 -1.77
CA LEU B 479 -22.81 -16.10 -2.02
C LEU B 479 -22.45 -16.30 -3.48
N THR B 480 -21.31 -16.93 -3.74
CA THR B 480 -20.84 -17.17 -5.10
C THR B 480 -21.22 -18.58 -5.54
N PHE B 481 -21.89 -18.69 -6.68
CA PHE B 481 -22.31 -19.97 -7.24
C PHE B 481 -21.42 -20.39 -8.40
N ASN B 482 -20.69 -19.42 -8.99
CA ASN B 482 -19.80 -19.66 -10.11
C ASN B 482 -18.31 -19.62 -9.72
N PHE B 483 -17.64 -20.78 -9.79
CA PHE B 483 -16.22 -20.93 -9.51
C PHE B 483 -15.48 -21.42 -10.76
N THR B 484 -16.21 -21.42 -11.89
CA THR B 484 -15.74 -21.82 -13.21
C THR B 484 -15.05 -20.62 -13.89
N PRO B 485 -13.89 -20.81 -14.58
CA PRO B 485 -13.24 -19.66 -15.24
C PRO B 485 -14.17 -18.94 -16.21
N LYS B 486 -14.22 -17.60 -16.11
CA LYS B 486 -15.09 -16.75 -16.94
C LYS B 486 -14.66 -16.74 -18.40
N ILE B 487 -15.61 -16.45 -19.31
CA ILE B 487 -15.45 -16.29 -20.77
C ILE B 487 -15.19 -17.64 -21.49
N PHE B 488 -14.21 -18.42 -21.06
CA PHE B 488 -13.85 -19.69 -21.69
C PHE B 488 -14.81 -20.85 -21.35
N PHE B 489 -15.72 -20.62 -20.38
CA PHE B 489 -16.71 -21.60 -19.94
C PHE B 489 -18.05 -20.92 -19.70
N ARG B 490 -19.15 -21.70 -19.79
CA ARG B 490 -20.50 -21.22 -19.49
C ARG B 490 -20.58 -21.13 -17.94
N PRO B 491 -20.93 -19.97 -17.35
CA PRO B 491 -20.95 -19.87 -15.88
C PRO B 491 -21.90 -20.84 -15.16
N THR B 492 -21.46 -21.30 -13.99
CA THR B 492 -22.22 -22.17 -13.11
C THR B 492 -23.24 -21.30 -12.38
N THR B 493 -24.50 -21.72 -12.37
CA THR B 493 -25.59 -20.94 -11.77
C THR B 493 -26.47 -21.77 -10.86
N ILE B 494 -27.21 -21.07 -9.97
CA ILE B 494 -28.19 -21.70 -9.11
C ILE B 494 -29.47 -21.83 -9.97
N THR B 495 -29.89 -23.08 -10.19
CA THR B 495 -31.04 -23.42 -11.04
C THR B 495 -32.35 -23.45 -10.25
N ALA B 496 -33.38 -22.82 -10.80
CA ALA B 496 -34.72 -22.68 -10.23
C ALA B 496 -35.62 -23.90 -10.45
N ASN B 497 -36.76 -23.95 -9.71
CA ASN B 497 -37.82 -24.94 -9.81
C ASN B 497 -39.14 -24.21 -9.60
N VAL B 498 -39.70 -23.70 -10.71
CA VAL B 498 -40.92 -22.89 -10.76
C VAL B 498 -42.14 -23.67 -10.19
N SER B 499 -42.22 -25.00 -10.48
CA SER B 499 -43.28 -25.88 -9.99
C SER B 499 -43.31 -25.96 -8.46
N ARG B 500 -42.11 -26.00 -7.83
CA ARG B 500 -41.94 -26.06 -6.37
C ARG B 500 -41.89 -24.68 -5.69
N GLY B 501 -42.05 -23.62 -6.48
CA GLY B 501 -42.02 -22.24 -6.00
C GLY B 501 -40.63 -21.72 -5.67
N LYS B 502 -39.58 -22.41 -6.19
CA LYS B 502 -38.16 -22.09 -5.99
C LYS B 502 -37.64 -21.22 -7.15
N ASP B 503 -38.31 -20.09 -7.42
CA ASP B 503 -37.95 -19.15 -8.49
C ASP B 503 -37.71 -17.73 -7.93
N LYS B 504 -37.41 -17.64 -6.62
CA LYS B 504 -37.14 -16.38 -5.92
C LYS B 504 -36.20 -16.56 -4.73
N LEU B 505 -35.37 -15.53 -4.46
CA LEU B 505 -34.45 -15.53 -3.33
C LEU B 505 -34.96 -14.56 -2.28
N SER B 506 -35.21 -15.07 -1.07
CA SER B 506 -35.69 -14.28 0.06
C SER B 506 -34.58 -14.17 1.10
N VAL B 507 -34.22 -12.93 1.42
CA VAL B 507 -33.15 -12.62 2.36
C VAL B 507 -33.78 -12.10 3.65
N ARG B 508 -33.41 -12.71 4.79
CA ARG B 508 -33.86 -12.31 6.12
C ARG B 508 -32.63 -12.13 7.02
N VAL B 509 -32.50 -10.94 7.59
CA VAL B 509 -31.41 -10.61 8.51
C VAL B 509 -31.97 -10.41 9.92
N VAL B 510 -31.10 -10.56 10.92
CA VAL B 510 -31.43 -10.27 12.31
C VAL B 510 -30.48 -9.12 12.63
N TYR B 511 -31.05 -7.91 12.80
CA TYR B 511 -30.27 -6.71 13.11
C TYR B 511 -29.86 -6.71 14.57
N SER B 512 -28.81 -5.95 14.90
CA SER B 512 -28.36 -5.82 16.28
C SER B 512 -29.34 -4.95 17.06
N THR B 513 -29.45 -5.17 18.36
CA THR B 513 -30.37 -4.39 19.20
C THR B 513 -29.58 -3.28 19.87
N MET B 514 -29.92 -2.03 19.50
CA MET B 514 -29.25 -0.83 19.98
C MET B 514 -30.01 -0.17 21.12
N ASP B 515 -29.31 0.66 21.91
CA ASP B 515 -29.86 1.38 23.04
C ASP B 515 -30.73 2.56 22.54
N VAL B 516 -31.94 2.74 23.11
CA VAL B 516 -32.86 3.82 22.71
C VAL B 516 -32.34 5.20 23.10
N ASN B 517 -31.46 5.25 24.13
CA ASN B 517 -30.91 6.51 24.62
C ASN B 517 -29.61 6.89 23.89
N HIS B 518 -29.30 6.19 22.79
CA HIS B 518 -28.17 6.45 21.91
C HIS B 518 -28.77 6.97 20.59
N PRO B 519 -28.34 8.15 20.11
CA PRO B 519 -28.92 8.73 18.88
C PRO B 519 -28.89 7.85 17.61
N ILE B 520 -27.92 6.90 17.48
CA ILE B 520 -27.77 6.01 16.31
C ILE B 520 -28.96 5.04 16.13
N TYR B 521 -29.71 4.77 17.22
CA TYR B 521 -30.88 3.91 17.22
C TYR B 521 -31.91 4.40 16.20
N TYR B 522 -31.96 5.72 15.98
CA TYR B 522 -32.90 6.42 15.11
C TYR B 522 -32.38 6.59 13.68
N VAL B 523 -31.17 6.06 13.38
CA VAL B 523 -30.67 6.06 12.01
C VAL B 523 -31.38 4.89 11.33
N GLN B 524 -32.24 5.23 10.36
CA GLN B 524 -33.04 4.27 9.60
C GLN B 524 -32.15 3.44 8.67
N LYS B 525 -32.46 2.14 8.52
CA LYS B 525 -31.67 1.21 7.72
C LYS B 525 -32.49 0.66 6.56
N GLN B 526 -31.81 0.32 5.46
CA GLN B 526 -32.39 -0.29 4.28
C GLN B 526 -31.53 -1.49 3.89
N LEU B 527 -32.15 -2.63 3.64
CA LEU B 527 -31.44 -3.84 3.24
C LEU B 527 -31.34 -3.86 1.72
N VAL B 528 -30.11 -4.06 1.20
CA VAL B 528 -29.81 -4.11 -0.23
C VAL B 528 -29.40 -5.52 -0.60
N VAL B 529 -30.11 -6.11 -1.57
CA VAL B 529 -29.85 -7.46 -2.06
C VAL B 529 -29.54 -7.38 -3.55
N VAL B 530 -28.35 -7.84 -3.96
CA VAL B 530 -27.92 -7.79 -5.36
C VAL B 530 -27.79 -9.19 -5.94
N CYS B 531 -28.47 -9.43 -7.06
CA CYS B 531 -28.51 -10.70 -7.76
C CYS B 531 -27.90 -10.56 -9.17
N ASN B 532 -26.93 -11.43 -9.50
CA ASN B 532 -26.31 -11.45 -10.83
C ASN B 532 -26.94 -12.56 -11.67
N ASP B 533 -27.84 -12.18 -12.60
CA ASP B 533 -28.54 -13.12 -13.48
C ASP B 533 -27.74 -13.43 -14.73
N LEU B 534 -27.81 -14.68 -15.18
CA LEU B 534 -27.10 -15.12 -16.39
C LEU B 534 -27.94 -14.91 -17.64
N TYR B 535 -27.32 -14.31 -18.65
CA TYR B 535 -27.90 -14.01 -19.96
C TYR B 535 -26.99 -14.56 -21.06
N LYS B 536 -27.58 -14.89 -22.23
CA LYS B 536 -26.81 -15.37 -23.38
C LYS B 536 -26.76 -14.26 -24.44
N VAL B 537 -25.54 -13.89 -24.87
CA VAL B 537 -25.34 -12.86 -25.89
C VAL B 537 -25.37 -13.52 -27.27
N SER B 538 -26.33 -13.11 -28.09
CA SER B 538 -26.54 -13.59 -29.45
C SER B 538 -26.17 -12.48 -30.42
N TYR B 539 -25.51 -12.84 -31.53
CA TYR B 539 -25.10 -11.85 -32.54
C TYR B 539 -25.82 -12.05 -33.88
N ASP B 540 -26.79 -13.01 -33.94
CA ASP B 540 -27.58 -13.29 -35.14
C ASP B 540 -28.57 -12.15 -35.39
N GLN B 541 -28.30 -11.35 -36.45
CA GLN B 541 -29.07 -10.16 -36.87
C GLN B 541 -29.09 -9.11 -35.73
N GLY B 542 -27.90 -8.55 -35.45
CA GLY B 542 -27.68 -7.57 -34.40
C GLY B 542 -27.38 -8.18 -33.04
N VAL B 543 -26.88 -7.36 -32.10
CA VAL B 543 -26.54 -7.79 -30.73
C VAL B 543 -27.84 -7.89 -29.91
N SER B 544 -28.00 -9.00 -29.18
CA SER B 544 -29.17 -9.23 -28.33
C SER B 544 -28.85 -10.13 -27.15
N ILE B 545 -29.55 -9.95 -26.04
CA ILE B 545 -29.38 -10.77 -24.84
C ILE B 545 -30.67 -11.52 -24.52
N THR B 546 -30.54 -12.74 -24.02
CA THR B 546 -31.67 -13.58 -23.66
C THR B 546 -31.46 -14.15 -22.26
N LYS B 547 -32.43 -13.94 -21.35
CA LYS B 547 -32.36 -14.43 -19.97
C LYS B 547 -32.40 -15.96 -19.93
N ILE B 548 -31.39 -16.58 -19.27
CA ILE B 548 -31.30 -18.04 -19.13
C ILE B 548 -32.36 -18.47 -18.11
N MET B 549 -33.31 -19.33 -18.55
CA MET B 549 -34.41 -19.83 -17.73
C MET B 549 -34.62 -21.31 -17.93
N ILE C 18 -24.91 -34.32 -22.81
CA ILE C 18 -24.03 -33.28 -23.33
C ILE C 18 -22.56 -33.49 -22.89
N LYS C 19 -21.60 -33.28 -23.82
CA LYS C 19 -20.16 -33.42 -23.56
C LYS C 19 -19.70 -32.25 -22.69
N ARG C 20 -19.13 -32.57 -21.52
CA ARG C 20 -18.68 -31.57 -20.55
C ARG C 20 -17.18 -31.56 -20.32
N SER C 21 -16.60 -30.35 -20.19
CA SER C 21 -15.18 -30.17 -19.91
C SER C 21 -14.95 -30.39 -18.42
N ASN C 22 -13.97 -31.23 -18.06
CA ASN C 22 -13.63 -31.53 -16.67
C ASN C 22 -12.99 -30.33 -16.00
N VAL C 23 -13.68 -29.78 -15.01
CA VAL C 23 -13.25 -28.59 -14.26
C VAL C 23 -12.78 -28.99 -12.83
N PHE C 24 -12.84 -30.30 -12.51
CA PHE C 24 -12.44 -30.82 -11.20
C PHE C 24 -11.20 -31.70 -11.23
N ALA C 25 -10.66 -31.99 -12.42
CA ALA C 25 -9.46 -32.79 -12.59
C ALA C 25 -8.77 -32.42 -13.90
N VAL C 26 -7.45 -32.61 -13.94
CA VAL C 26 -6.62 -32.31 -15.10
C VAL C 26 -5.51 -33.35 -15.25
N ASP C 27 -5.10 -33.63 -16.50
CA ASP C 27 -4.01 -34.56 -16.80
C ASP C 27 -2.71 -33.82 -16.54
N SER C 28 -1.94 -34.29 -15.54
CA SER C 28 -0.64 -33.69 -15.19
C SER C 28 0.39 -34.04 -16.26
N GLN C 29 0.68 -33.06 -17.14
CA GLN C 29 1.64 -33.22 -18.24
C GLN C 29 3.06 -33.35 -17.70
N ILE C 30 3.83 -34.32 -18.21
CA ILE C 30 5.23 -34.50 -17.80
C ILE C 30 6.04 -33.41 -18.52
N PRO C 31 6.69 -32.49 -17.77
CA PRO C 31 7.42 -31.40 -18.44
C PRO C 31 8.77 -31.85 -19.00
N THR C 32 9.44 -30.93 -19.71
CA THR C 32 10.80 -31.11 -20.23
C THR C 32 11.71 -31.33 -19.01
N LEU C 33 12.65 -32.28 -19.10
CA LEU C 33 13.54 -32.55 -17.98
C LEU C 33 14.59 -31.45 -17.92
N TYR C 34 14.62 -30.73 -16.80
CA TYR C 34 15.55 -29.64 -16.57
C TYR C 34 15.88 -29.47 -15.09
N MET C 35 16.90 -28.66 -14.82
CA MET C 35 17.33 -28.36 -13.47
C MET C 35 17.79 -26.91 -13.38
N PRO C 36 17.12 -26.06 -12.56
CA PRO C 36 17.53 -24.65 -12.48
C PRO C 36 18.68 -24.43 -11.50
N GLN C 37 19.39 -23.30 -11.64
CA GLN C 37 20.47 -22.92 -10.74
C GLN C 37 20.67 -21.41 -10.72
N TYR C 38 20.80 -20.84 -9.52
CA TYR C 38 21.07 -19.40 -9.37
C TYR C 38 22.58 -19.24 -9.56
N ILE C 39 22.99 -18.61 -10.66
CA ILE C 39 24.40 -18.39 -10.99
C ILE C 39 24.76 -16.91 -10.87
N SER C 40 25.82 -16.59 -10.09
CA SER C 40 26.33 -15.23 -9.89
C SER C 40 27.71 -15.11 -10.53
N LEU C 41 27.96 -14.02 -11.29
CA LEU C 41 29.22 -13.79 -12.00
C LEU C 41 29.83 -12.42 -11.73
N SER C 42 31.17 -12.39 -11.64
CA SER C 42 31.94 -11.16 -11.47
C SER C 42 32.28 -10.65 -12.87
N GLY C 43 32.22 -9.33 -13.04
CA GLY C 43 32.47 -8.73 -14.35
C GLY C 43 33.87 -8.23 -14.60
N VAL C 44 34.01 -7.50 -15.73
CA VAL C 44 35.24 -6.88 -16.16
C VAL C 44 34.91 -5.39 -16.26
N MET C 45 35.60 -4.55 -15.50
CA MET C 45 35.36 -3.11 -15.51
C MET C 45 36.30 -2.37 -16.45
N THR C 46 35.72 -1.50 -17.29
CA THR C 46 36.40 -0.68 -18.29
C THR C 46 35.92 0.77 -18.13
N ASN C 47 36.76 1.75 -18.53
CA ASN C 47 36.45 3.18 -18.47
C ASN C 47 36.84 3.88 -19.76
N ASP C 51 34.82 9.29 -22.73
CA ASP C 51 34.22 10.04 -21.63
C ASP C 51 34.49 9.40 -20.25
N ASN C 52 35.30 8.31 -20.25
CA ASN C 52 35.69 7.50 -19.09
C ASN C 52 34.47 6.90 -18.35
N GLN C 53 33.48 6.45 -19.14
CA GLN C 53 32.24 5.84 -18.66
C GLN C 53 32.49 4.40 -18.21
N ALA C 54 32.02 4.05 -17.00
CA ALA C 54 32.17 2.71 -16.42
C ALA C 54 31.29 1.69 -17.14
N ILE C 55 31.92 0.61 -17.63
CA ILE C 55 31.25 -0.47 -18.36
C ILE C 55 31.60 -1.82 -17.72
N ALA C 56 30.57 -2.62 -17.40
CA ALA C 56 30.73 -3.95 -16.81
C ALA C 56 30.33 -5.01 -17.83
N SER C 57 31.21 -6.00 -18.05
CA SER C 57 30.95 -7.08 -19.01
C SER C 57 30.94 -8.44 -18.33
N PHE C 58 29.86 -9.19 -18.56
CA PHE C 58 29.63 -10.51 -17.99
C PHE C 58 29.48 -11.54 -19.12
N GLU C 59 30.44 -12.47 -19.22
CA GLU C 59 30.42 -13.51 -20.25
C GLU C 59 29.84 -14.82 -19.71
N ILE C 60 28.75 -15.27 -20.34
CA ILE C 60 28.05 -16.51 -20.00
C ILE C 60 28.30 -17.52 -21.12
N ARG C 61 29.14 -18.52 -20.83
CA ARG C 61 29.47 -19.60 -21.77
C ARG C 61 29.73 -20.86 -20.99
N ASP C 62 28.79 -21.79 -21.12
CA ASP C 62 28.78 -23.09 -20.46
C ASP C 62 27.86 -23.98 -21.28
N GLN C 63 28.35 -25.19 -21.61
CA GLN C 63 27.59 -26.17 -22.39
C GLN C 63 26.31 -26.58 -21.70
N TYR C 64 26.35 -26.62 -20.35
CA TYR C 64 25.25 -27.04 -19.51
C TYR C 64 24.27 -25.89 -19.17
N ILE C 65 24.59 -24.62 -19.51
CA ILE C 65 23.60 -23.55 -19.32
C ILE C 65 22.83 -23.50 -20.65
N THR C 66 21.69 -24.21 -20.70
CA THR C 66 20.86 -24.30 -21.91
C THR C 66 20.05 -23.01 -22.12
N ALA C 67 19.39 -22.53 -21.06
CA ALA C 67 18.56 -21.34 -21.07
C ALA C 67 18.79 -20.50 -19.81
N LEU C 68 18.45 -19.20 -19.86
CA LEU C 68 18.55 -18.29 -18.72
C LEU C 68 17.48 -17.19 -18.75
N ASN C 69 17.14 -16.67 -17.56
CA ASN C 69 16.23 -15.55 -17.34
C ASN C 69 16.41 -14.97 -15.92
N HIS C 70 15.66 -13.90 -15.59
CA HIS C 70 15.66 -13.18 -14.32
C HIS C 70 17.05 -12.67 -13.93
N LEU C 71 17.55 -11.68 -14.68
CA LEU C 71 18.85 -11.08 -14.45
C LEU C 71 18.74 -10.09 -13.29
N VAL C 72 19.63 -10.22 -12.29
CA VAL C 72 19.69 -9.34 -11.12
C VAL C 72 21.13 -8.84 -10.99
N LEU C 73 21.33 -7.52 -11.06
CA LEU C 73 22.65 -6.92 -10.90
C LEU C 73 22.79 -6.36 -9.49
N SER C 74 23.79 -6.84 -8.75
CA SER C 74 24.05 -6.35 -7.40
C SER C 74 25.19 -5.34 -7.43
N LEU C 75 25.14 -4.36 -6.54
CA LEU C 75 26.15 -3.31 -6.47
C LEU C 75 26.55 -3.09 -5.03
N GLU C 76 27.86 -3.11 -4.77
CA GLU C 76 28.40 -2.90 -3.44
C GLU C 76 28.72 -1.41 -3.24
N LEU C 77 27.81 -0.68 -2.57
CA LEU C 77 27.96 0.75 -2.28
C LEU C 77 28.97 0.89 -1.15
N PRO C 78 30.00 1.77 -1.31
CA PRO C 78 31.04 1.86 -0.29
C PRO C 78 30.66 2.70 0.91
N GLU C 79 31.50 2.67 1.95
CA GLU C 79 31.35 3.49 3.14
C GLU C 79 31.67 4.93 2.72
N VAL C 80 30.81 5.87 3.11
CA VAL C 80 30.99 7.30 2.81
C VAL C 80 31.44 7.99 4.09
N LYS C 81 32.68 8.50 4.09
CA LYS C 81 33.30 9.20 5.23
C LYS C 81 33.67 10.63 4.87
N GLY C 82 33.53 11.53 5.85
CA GLY C 82 33.90 12.92 5.69
C GLY C 82 32.91 13.94 6.24
N MET C 83 33.02 15.17 5.75
CA MET C 83 32.15 16.27 6.17
C MET C 83 31.13 16.64 5.10
N GLY C 84 30.06 17.29 5.54
CA GLY C 84 28.98 17.74 4.67
C GLY C 84 27.78 16.84 4.66
N ARG C 85 26.76 17.23 3.88
N ARG C 85 26.76 17.24 3.88
CA ARG C 85 25.51 16.48 3.73
CA ARG C 85 25.50 16.51 3.73
C ARG C 85 25.58 15.57 2.52
C ARG C 85 25.59 15.57 2.52
N PHE C 86 25.13 14.31 2.69
CA PHE C 86 25.16 13.30 1.63
C PHE C 86 24.02 12.30 1.80
N GLY C 87 23.46 11.89 0.66
CA GLY C 87 22.41 10.90 0.56
C GLY C 87 22.33 10.35 -0.85
N TYR C 88 21.75 9.15 -1.00
CA TYR C 88 21.57 8.54 -2.32
C TYR C 88 20.16 8.81 -2.81
N VAL C 89 19.99 8.91 -4.14
CA VAL C 89 18.67 9.09 -4.78
C VAL C 89 17.80 7.84 -4.50
N PRO C 90 16.46 7.96 -4.37
CA PRO C 90 15.63 6.75 -4.14
C PRO C 90 15.79 5.78 -5.31
N TYR C 91 15.78 4.46 -5.03
CA TYR C 91 15.94 3.40 -6.03
C TYR C 91 17.30 3.58 -6.76
N VAL C 92 18.34 3.89 -5.95
CA VAL C 92 19.72 4.17 -6.34
C VAL C 92 20.24 3.18 -7.40
N GLY C 93 20.01 1.88 -7.20
CA GLY C 93 20.43 0.82 -8.10
C GLY C 93 19.99 0.99 -9.54
N TYR C 94 18.71 1.37 -9.76
CA TYR C 94 18.18 1.62 -11.11
C TYR C 94 18.78 2.88 -11.72
N LYS C 95 18.94 3.93 -10.89
CA LYS C 95 19.52 5.22 -11.29
C LYS C 95 20.99 5.14 -11.73
N CYS C 96 21.72 4.08 -11.26
N CYS C 96 21.74 4.11 -11.27
CA CYS C 96 23.11 3.79 -11.61
CA CYS C 96 23.14 3.97 -11.69
C CYS C 96 23.25 3.37 -13.07
C CYS C 96 23.26 3.39 -13.11
N ILE C 97 22.21 2.69 -13.60
CA ILE C 97 22.18 2.12 -14.95
C ILE C 97 21.97 3.19 -16.03
N ASN C 98 22.87 3.23 -17.02
CA ASN C 98 22.75 4.11 -18.17
C ASN C 98 22.21 3.31 -19.36
N HIS C 99 22.71 2.07 -19.54
CA HIS C 99 22.32 1.15 -20.61
C HIS C 99 22.66 -0.28 -20.23
N VAL C 100 21.86 -1.25 -20.72
CA VAL C 100 22.06 -2.70 -20.52
C VAL C 100 21.89 -3.38 -21.89
N SER C 101 22.83 -4.27 -22.24
CA SER C 101 22.80 -5.03 -23.49
C SER C 101 23.05 -6.52 -23.27
N ILE C 102 22.21 -7.35 -23.90
CA ILE C 102 22.35 -8.81 -23.88
C ILE C 102 22.63 -9.16 -25.35
N SER C 103 23.85 -9.62 -25.63
CA SER C 103 24.27 -9.94 -26.99
C SER C 103 24.95 -11.29 -27.13
N SER C 104 24.99 -11.82 -28.36
CA SER C 104 25.65 -13.07 -28.73
C SER C 104 26.72 -12.74 -29.77
N CYS C 105 27.37 -13.77 -30.34
CA CYS C 105 28.38 -13.60 -31.38
C CYS C 105 27.78 -13.00 -32.66
N ASN C 106 26.47 -13.22 -32.89
CA ASN C 106 25.70 -12.70 -34.02
C ASN C 106 25.24 -11.24 -33.81
N GLY C 107 25.45 -10.71 -32.60
CA GLY C 107 25.10 -9.34 -32.25
C GLY C 107 24.14 -9.20 -31.08
N VAL C 108 23.61 -7.96 -30.90
CA VAL C 108 22.66 -7.59 -29.84
C VAL C 108 21.35 -8.36 -29.99
N ILE C 109 20.92 -9.05 -28.91
CA ILE C 109 19.68 -9.82 -28.85
C ILE C 109 18.56 -8.93 -28.28
N TRP C 110 18.89 -8.17 -27.22
CA TRP C 110 17.99 -7.24 -26.55
C TRP C 110 18.81 -6.20 -25.79
N GLU C 111 18.34 -4.95 -25.81
CA GLU C 111 18.99 -3.83 -25.12
C GLU C 111 17.97 -2.81 -24.66
N ILE C 112 18.28 -2.10 -23.57
CA ILE C 112 17.40 -1.10 -22.97
C ILE C 112 18.19 0.07 -22.40
N GLU C 113 17.58 1.27 -22.41
CA GLU C 113 18.16 2.45 -21.82
C GLU C 113 17.80 2.42 -20.33
N GLY C 114 18.71 2.87 -19.48
CA GLY C 114 18.55 2.90 -18.03
C GLY C 114 17.19 3.34 -17.53
N GLU C 115 16.70 4.50 -18.04
CA GLU C 115 15.39 5.05 -17.69
C GLU C 115 14.24 4.15 -18.09
N GLU C 116 14.37 3.48 -19.24
CA GLU C 116 13.33 2.59 -19.76
C GLU C 116 13.20 1.32 -18.91
N LEU C 117 14.34 0.80 -18.39
CA LEU C 117 14.33 -0.36 -17.49
C LEU C 117 13.60 0.01 -16.20
N TYR C 118 13.90 1.21 -15.66
CA TYR C 118 13.28 1.76 -14.45
C TYR C 118 11.77 1.93 -14.62
N ASN C 119 11.34 2.44 -15.80
CA ASN C 119 9.93 2.66 -16.14
C ASN C 119 9.18 1.34 -16.20
N ASN C 120 9.82 0.28 -16.75
CA ASN C 120 9.24 -1.05 -16.85
C ASN C 120 9.10 -1.72 -15.47
N CYS C 121 9.90 -1.29 -14.48
CA CYS C 121 9.91 -1.84 -13.12
C CYS C 121 9.24 -0.94 -12.08
N ILE C 122 8.68 0.22 -12.50
CA ILE C 122 8.04 1.20 -11.62
C ILE C 122 6.82 0.62 -10.85
N ASN C 123 6.11 -0.38 -11.41
CA ASN C 123 4.95 -1.00 -10.74
C ASN C 123 5.38 -2.08 -9.76
N ASN C 124 6.63 -2.53 -9.86
CA ASN C 124 7.17 -3.59 -9.00
C ASN C 124 7.81 -3.00 -7.75
N THR C 125 7.06 -3.01 -6.64
CA THR C 125 7.47 -2.48 -5.34
C THR C 125 8.69 -3.23 -4.76
N ILE C 126 8.73 -4.57 -4.95
CA ILE C 126 9.81 -5.43 -4.47
C ILE C 126 11.13 -5.09 -5.16
N ALA C 127 11.11 -5.01 -6.51
CA ALA C 127 12.26 -4.66 -7.35
C ALA C 127 12.80 -3.28 -6.97
N LEU C 128 11.88 -2.32 -6.75
CA LEU C 128 12.22 -0.95 -6.34
C LEU C 128 12.86 -0.91 -4.95
N LYS C 129 12.32 -1.69 -3.99
CA LYS C 129 12.86 -1.77 -2.61
C LYS C 129 14.26 -2.36 -2.61
N HIS C 130 14.48 -3.45 -3.38
CA HIS C 130 15.77 -4.14 -3.51
C HIS C 130 16.87 -3.23 -4.04
N SER C 131 16.53 -2.35 -5.00
CA SER C 131 17.46 -1.41 -5.65
C SER C 131 17.99 -0.32 -4.75
N GLY C 132 17.37 -0.14 -3.57
CA GLY C 132 17.82 0.85 -2.61
C GLY C 132 16.80 1.91 -2.28
N TYR C 133 15.89 1.58 -1.37
CA TYR C 133 14.87 2.50 -0.88
C TYR C 133 14.71 2.28 0.62
N SER C 134 15.53 2.99 1.41
CA SER C 134 15.60 2.92 2.87
C SER C 134 15.99 4.28 3.45
N SER C 135 15.69 4.53 4.75
CA SER C 135 16.08 5.77 5.40
C SER C 135 17.59 5.82 5.55
N GLU C 136 18.23 4.63 5.67
CA GLU C 136 19.68 4.47 5.77
C GLU C 136 20.34 5.03 4.51
N LEU C 137 19.77 4.71 3.33
CA LEU C 137 20.31 5.13 2.04
C LEU C 137 19.85 6.49 1.53
N ASN C 138 18.55 6.79 1.66
CA ASN C 138 17.93 7.95 1.04
C ASN C 138 17.77 9.20 1.89
N ASP C 139 17.83 9.10 3.24
CA ASP C 139 17.76 10.31 4.07
C ASP C 139 19.07 11.07 3.93
N ILE C 140 19.03 12.40 4.04
CA ILE C 140 20.25 13.20 3.87
C ILE C 140 21.04 13.24 5.19
N SER C 141 22.12 12.44 5.25
CA SER C 141 22.99 12.31 6.43
C SER C 141 24.06 13.41 6.45
N ILE C 142 24.45 13.84 7.66
CA ILE C 142 25.46 14.88 7.86
C ILE C 142 26.70 14.35 8.58
N GLY C 143 27.87 14.63 7.99
CA GLY C 143 29.17 14.29 8.54
C GLY C 143 29.76 15.50 9.23
N LEU C 144 30.15 15.35 10.51
CA LEU C 144 30.65 16.45 11.31
C LEU C 144 32.17 16.59 11.32
N THR C 145 32.91 15.47 11.31
CA THR C 145 34.37 15.47 11.32
C THR C 145 34.92 14.84 10.01
N PRO C 146 36.18 15.08 9.59
CA PRO C 146 36.67 14.47 8.33
C PRO C 146 36.70 12.95 8.29
N ASN C 147 36.61 12.29 9.48
CA ASN C 147 36.62 10.83 9.62
C ASN C 147 35.26 10.27 10.08
N ASP C 148 34.23 11.12 10.18
CA ASP C 148 32.87 10.75 10.57
C ASP C 148 32.24 9.92 9.42
N THR C 149 31.48 8.87 9.78
CA THR C 149 30.81 8.02 8.79
C THR C 149 29.45 8.62 8.45
N ILE C 150 29.29 9.08 7.20
CA ILE C 150 28.04 9.63 6.69
C ILE C 150 27.11 8.43 6.39
N LYS C 151 27.57 7.52 5.49
CA LYS C 151 26.83 6.33 5.06
C LYS C 151 27.65 5.07 5.27
N GLU C 152 27.00 4.02 5.82
CA GLU C 152 27.61 2.72 6.04
C GLU C 152 27.61 1.94 4.72
N PRO C 153 28.56 1.02 4.45
CA PRO C 153 28.49 0.27 3.18
C PRO C 153 27.22 -0.60 3.10
N SER C 154 26.68 -0.76 1.90
CA SER C 154 25.45 -1.51 1.65
C SER C 154 25.49 -2.17 0.27
N THR C 155 24.67 -3.21 0.08
CA THR C 155 24.54 -3.89 -1.20
C THR C 155 23.11 -3.72 -1.71
N VAL C 156 22.97 -3.23 -2.95
CA VAL C 156 21.68 -3.02 -3.60
C VAL C 156 21.51 -4.03 -4.74
N TYR C 157 20.26 -4.43 -5.03
CA TYR C 157 19.94 -5.42 -6.06
C TYR C 157 18.99 -4.85 -7.11
N VAL C 158 19.43 -4.81 -8.37
CA VAL C 158 18.70 -4.25 -9.50
C VAL C 158 18.17 -5.37 -10.38
N TYR C 159 16.84 -5.52 -10.42
CA TYR C 159 16.21 -6.54 -11.26
C TYR C 159 16.15 -6.05 -12.70
N ILE C 160 17.00 -6.62 -13.58
CA ILE C 160 17.04 -6.28 -15.01
C ILE C 160 15.91 -7.08 -15.67
N LYS C 161 14.68 -6.51 -15.66
CA LYS C 161 13.50 -7.13 -16.27
C LYS C 161 13.73 -7.22 -17.78
N THR C 162 13.62 -8.43 -18.33
CA THR C 162 13.82 -8.70 -19.75
C THR C 162 12.58 -9.42 -20.32
N PRO C 163 12.37 -9.45 -21.67
CA PRO C 163 11.21 -10.18 -22.22
C PRO C 163 11.24 -11.68 -21.96
N PHE C 164 12.37 -12.20 -21.46
CA PHE C 164 12.57 -13.61 -21.18
C PHE C 164 11.93 -14.08 -19.87
N ASP C 165 11.42 -13.14 -19.05
CA ASP C 165 10.81 -13.41 -17.75
C ASP C 165 9.29 -13.52 -17.77
N VAL C 166 8.63 -13.03 -18.85
CA VAL C 166 7.18 -12.98 -19.05
C VAL C 166 6.48 -14.31 -18.73
N GLU C 167 6.88 -15.40 -19.41
CA GLU C 167 6.29 -16.73 -19.20
C GLU C 167 7.30 -17.74 -18.68
N ASP C 168 8.16 -17.28 -17.74
CA ASP C 168 9.21 -18.04 -17.07
C ASP C 168 10.06 -18.86 -18.04
N THR C 169 10.04 -20.20 -17.94
CA THR C 169 10.83 -21.11 -18.78
C THR C 169 10.45 -21.05 -20.26
N PHE C 170 9.17 -20.75 -20.56
CA PHE C 170 8.65 -20.65 -21.93
C PHE C 170 9.28 -19.50 -22.69
N SER C 171 9.50 -18.37 -22.01
CA SER C 171 10.05 -17.14 -22.58
C SER C 171 11.59 -16.99 -22.44
N SER C 172 12.23 -17.86 -21.62
CA SER C 172 13.67 -17.86 -21.31
C SER C 172 14.60 -17.74 -22.53
N LEU C 173 15.74 -17.07 -22.37
CA LEU C 173 16.73 -16.93 -23.44
C LEU C 173 17.49 -18.23 -23.57
N LYS C 174 17.40 -18.89 -24.74
CA LYS C 174 18.11 -20.14 -25.01
C LYS C 174 19.51 -19.78 -25.51
N LEU C 175 20.55 -20.24 -24.80
CA LEU C 175 21.92 -19.94 -25.17
C LEU C 175 22.76 -21.21 -25.35
N SER C 176 22.10 -22.28 -25.82
CA SER C 176 22.74 -23.58 -26.10
C SER C 176 23.69 -23.44 -27.29
N ASP C 177 24.99 -23.68 -27.05
CA ASP C 177 26.07 -23.55 -28.03
C ASP C 177 26.22 -22.09 -28.56
N SER C 178 26.37 -21.13 -27.60
CA SER C 178 26.57 -19.69 -27.86
C SER C 178 27.10 -18.94 -26.64
N LYS C 179 27.90 -17.88 -26.87
CA LYS C 179 28.49 -17.02 -25.82
C LYS C 179 27.60 -15.78 -25.65
N ILE C 180 26.94 -15.67 -24.49
CA ILE C 180 26.08 -14.53 -24.17
C ILE C 180 26.89 -13.52 -23.38
N THR C 181 26.87 -12.25 -23.81
CA THR C 181 27.57 -11.18 -23.13
C THR C 181 26.56 -10.15 -22.63
N VAL C 182 26.52 -9.98 -21.30
CA VAL C 182 25.67 -9.00 -20.61
C VAL C 182 26.56 -7.81 -20.29
N THR C 183 26.24 -6.68 -20.91
CA THR C 183 27.01 -5.44 -20.79
C THR C 183 26.17 -4.41 -20.06
N VAL C 184 26.74 -3.80 -19.02
CA VAL C 184 26.06 -2.77 -18.24
C VAL C 184 26.90 -1.49 -18.25
N THR C 185 26.33 -0.40 -18.77
CA THR C 185 26.96 0.92 -18.82
C THR C 185 26.42 1.72 -17.63
N PHE C 186 27.32 2.31 -16.85
CA PHE C 186 26.94 3.06 -15.66
C PHE C 186 26.95 4.57 -15.83
N ASN C 187 25.94 5.23 -15.25
CA ASN C 187 25.81 6.68 -15.21
C ASN C 187 26.87 7.22 -14.23
N PRO C 188 27.35 8.48 -14.37
CA PRO C 188 28.33 9.00 -13.39
C PRO C 188 27.73 9.01 -11.97
N VAL C 189 28.58 8.83 -10.94
CA VAL C 189 28.13 8.78 -9.55
C VAL C 189 27.41 10.08 -9.12
N SER C 190 27.59 11.18 -9.87
CA SER C 190 26.94 12.47 -9.65
C SER C 190 25.43 12.37 -9.71
N ASP C 191 24.92 11.52 -10.64
CA ASP C 191 23.51 11.27 -10.88
C ASP C 191 22.79 10.58 -9.72
N ILE C 192 23.48 9.69 -8.99
CA ILE C 192 22.89 8.88 -7.92
C ILE C 192 23.07 9.48 -6.50
N VAL C 193 23.69 10.67 -6.42
CA VAL C 193 24.02 11.31 -5.14
C VAL C 193 23.40 12.70 -4.97
N ILE C 194 22.86 12.96 -3.77
CA ILE C 194 22.30 14.26 -3.35
C ILE C 194 23.24 14.78 -2.25
N ARG C 195 23.94 15.90 -2.53
CA ARG C 195 24.94 16.49 -1.62
C ARG C 195 24.93 18.03 -1.60
N ASP C 196 25.51 18.62 -0.53
CA ASP C 196 25.66 20.07 -0.40
C ASP C 196 27.09 20.47 -0.86
N SER C 197 27.42 21.78 -0.82
CA SER C 197 28.72 22.30 -1.22
C SER C 197 29.85 21.83 -0.27
N SER C 198 29.50 21.67 1.04
CA SER C 198 30.40 21.25 2.12
C SER C 198 30.99 19.85 1.89
N PHE C 199 30.23 18.96 1.23
CA PHE C 199 30.68 17.61 0.92
C PHE C 199 31.76 17.64 -0.17
N ASP C 200 32.89 16.94 0.07
CA ASP C 200 33.99 16.87 -0.88
C ASP C 200 33.64 15.89 -2.00
N PHE C 201 32.85 16.36 -2.98
CA PHE C 201 32.43 15.53 -4.11
C PHE C 201 33.62 15.21 -5.03
N GLU C 202 34.57 16.16 -5.17
CA GLU C 202 35.77 16.03 -6.00
C GLU C 202 36.55 14.74 -5.67
N THR C 203 36.82 14.52 -4.37
CA THR C 203 37.53 13.33 -3.87
C THR C 203 36.64 12.10 -4.04
N PHE C 204 35.33 12.21 -3.69
CA PHE C 204 34.35 11.13 -3.79
C PHE C 204 34.25 10.58 -5.20
N ASN C 205 34.17 11.47 -6.22
CA ASN C 205 34.07 11.11 -7.63
C ASN C 205 35.32 10.35 -8.10
N LYS C 206 36.50 10.71 -7.55
CA LYS C 206 37.77 10.06 -7.86
C LYS C 206 37.81 8.67 -7.22
N GLU C 207 37.55 8.60 -5.91
CA GLU C 207 37.59 7.38 -5.09
C GLU C 207 36.46 6.36 -5.35
N PHE C 208 35.29 6.80 -5.88
CA PHE C 208 34.16 5.89 -6.12
C PHE C 208 34.38 4.97 -7.31
N VAL C 209 34.04 3.68 -7.11
CA VAL C 209 34.08 2.64 -8.14
C VAL C 209 32.83 1.78 -8.05
N TYR C 210 32.23 1.46 -9.21
CA TYR C 210 31.06 0.59 -9.25
C TYR C 210 31.55 -0.84 -9.09
N VAL C 211 31.03 -1.56 -8.08
CA VAL C 211 31.41 -2.94 -7.79
C VAL C 211 30.20 -3.85 -8.16
N PRO C 212 30.08 -4.29 -9.43
CA PRO C 212 28.91 -5.10 -9.82
C PRO C 212 29.11 -6.61 -9.84
N GLU C 213 27.98 -7.33 -9.74
CA GLU C 213 27.89 -8.79 -9.82
C GLU C 213 26.55 -9.13 -10.48
N LEU C 214 26.57 -9.96 -11.54
CA LEU C 214 25.36 -10.35 -12.24
C LEU C 214 24.90 -11.75 -11.87
N SER C 215 23.66 -11.86 -11.37
CA SER C 215 23.01 -13.12 -11.02
C SER C 215 21.90 -13.37 -12.04
N PHE C 216 21.60 -14.65 -12.30
CA PHE C 216 20.55 -15.08 -13.23
C PHE C 216 20.14 -16.50 -12.92
N ILE C 217 18.91 -16.88 -13.32
CA ILE C 217 18.42 -18.25 -13.14
C ILE C 217 18.78 -18.99 -14.42
N GLY C 218 19.68 -19.97 -14.29
CA GLY C 218 20.16 -20.79 -15.39
C GLY C 218 19.45 -22.12 -15.40
N TYR C 219 19.22 -22.67 -16.59
CA TYR C 219 18.50 -23.92 -16.74
C TYR C 219 19.30 -24.94 -17.53
N MET C 220 19.53 -26.14 -16.94
CA MET C 220 20.21 -27.21 -17.66
C MET C 220 19.08 -28.09 -18.17
N VAL C 221 18.83 -28.03 -19.48
CA VAL C 221 17.73 -28.74 -20.13
C VAL C 221 18.21 -30.00 -20.85
N LYS C 222 17.62 -31.16 -20.51
CA LYS C 222 17.92 -32.42 -21.16
C LYS C 222 17.05 -32.51 -22.43
N ASN C 223 17.70 -32.68 -23.60
CA ASN C 223 17.06 -32.77 -24.92
C ASN C 223 16.11 -31.61 -25.20
N VAL C 224 16.66 -30.37 -25.20
CA VAL C 224 15.90 -29.15 -25.46
C VAL C 224 15.35 -29.13 -26.90
N GLN C 225 14.08 -28.75 -27.05
CA GLN C 225 13.42 -28.64 -28.35
C GLN C 225 13.17 -27.16 -28.61
N ILE C 226 14.20 -26.46 -29.10
CA ILE C 226 14.14 -25.02 -29.37
C ILE C 226 13.28 -24.72 -30.61
N LYS C 227 12.44 -23.68 -30.50
CA LYS C 227 11.56 -23.17 -31.55
C LYS C 227 11.78 -21.64 -31.62
N PRO C 228 11.53 -20.98 -32.78
CA PRO C 228 11.71 -19.50 -32.81
C PRO C 228 10.64 -18.75 -32.02
N SER C 229 10.97 -17.53 -31.57
CA SER C 229 10.06 -16.68 -30.81
C SER C 229 10.10 -15.23 -31.30
N PHE C 230 9.38 -14.34 -30.60
CA PHE C 230 9.28 -12.93 -30.89
C PHE C 230 9.68 -12.11 -29.67
N ILE C 231 10.36 -10.99 -29.90
CA ILE C 231 10.85 -10.11 -28.85
C ILE C 231 10.53 -8.64 -29.16
N GLU C 232 10.12 -7.88 -28.14
CA GLU C 232 9.84 -6.46 -28.27
C GLU C 232 11.09 -5.71 -27.79
N LYS C 233 11.71 -4.90 -28.66
CA LYS C 233 12.92 -4.14 -28.32
C LYS C 233 12.59 -2.66 -28.20
N PRO C 234 12.80 -2.03 -27.02
CA PRO C 234 12.49 -0.59 -26.88
C PRO C 234 13.55 0.33 -27.49
N ARG C 235 13.09 1.36 -28.22
CA ARG C 235 13.91 2.39 -28.89
C ARG C 235 13.42 3.77 -28.45
N ARG C 236 14.30 4.58 -27.86
CA ARG C 236 13.88 5.93 -27.47
C ARG C 236 14.56 6.98 -28.31
N VAL C 237 13.83 8.07 -28.56
CA VAL C 237 14.30 9.24 -29.29
C VAL C 237 14.03 10.43 -28.37
N ILE C 238 15.08 11.22 -28.08
CA ILE C 238 14.96 12.42 -27.25
C ILE C 238 15.09 13.62 -28.17
N GLY C 239 14.08 14.47 -28.17
CA GLY C 239 14.09 15.69 -28.98
C GLY C 239 15.02 16.74 -28.42
N GLN C 240 15.23 17.82 -29.18
CA GLN C 240 16.10 18.93 -28.77
C GLN C 240 15.44 19.75 -27.66
N ILE C 241 16.24 20.56 -26.95
CA ILE C 241 15.77 21.42 -25.86
C ILE C 241 14.67 22.38 -26.35
N ASN C 242 13.47 22.25 -25.74
CA ASN C 242 12.24 23.03 -25.96
C ASN C 242 11.55 22.74 -27.32
N GLN C 243 12.00 21.71 -28.05
CA GLN C 243 11.40 21.28 -29.33
C GLN C 243 10.14 20.43 -29.04
N PRO C 244 8.92 20.87 -29.44
CA PRO C 244 7.73 20.05 -29.17
C PRO C 244 7.51 18.88 -30.14
N THR C 245 8.57 18.45 -30.85
CA THR C 245 8.50 17.36 -31.83
C THR C 245 9.65 16.38 -31.66
N ALA C 246 9.40 15.11 -32.03
CA ALA C 246 10.37 14.02 -32.05
C ALA C 246 9.87 12.99 -33.05
N THR C 247 10.79 12.38 -33.80
CA THR C 247 10.47 11.39 -34.82
C THR C 247 11.28 10.13 -34.64
N VAL C 248 10.60 8.98 -34.71
CA VAL C 248 11.19 7.65 -34.65
C VAL C 248 11.13 7.15 -36.09
N THR C 249 12.30 6.92 -36.72
CA THR C 249 12.39 6.49 -38.11
C THR C 249 12.34 4.97 -38.23
N GLU C 250 12.13 4.47 -39.46
CA GLU C 250 12.10 3.05 -39.81
C GLU C 250 11.18 2.22 -38.87
N VAL C 251 9.93 2.70 -38.69
CA VAL C 251 8.92 2.00 -37.90
C VAL C 251 8.20 1.08 -38.88
N HIS C 252 8.39 -0.24 -38.74
CA HIS C 252 7.79 -1.23 -39.63
C HIS C 252 6.79 -2.14 -38.95
N ALA C 253 7.05 -2.51 -37.68
CA ALA C 253 6.18 -3.38 -36.87
C ALA C 253 6.32 -3.04 -35.37
N ALA C 254 5.55 -2.03 -34.90
CA ALA C 254 5.59 -1.58 -33.52
C ALA C 254 4.39 -2.02 -32.69
N THR C 255 4.66 -2.52 -31.47
CA THR C 255 3.65 -3.02 -30.54
C THR C 255 3.08 -1.90 -29.66
N SER C 256 3.89 -0.86 -29.38
CA SER C 256 3.46 0.29 -28.57
C SER C 256 4.31 1.51 -28.83
N LEU C 257 3.81 2.69 -28.40
CA LEU C 257 4.50 3.97 -28.49
C LEU C 257 4.17 4.81 -27.25
N SER C 258 5.18 5.16 -26.46
CA SER C 258 5.03 5.99 -25.25
C SER C 258 5.61 7.37 -25.47
N VAL C 259 4.94 8.39 -24.92
CA VAL C 259 5.36 9.78 -25.03
C VAL C 259 5.37 10.40 -23.62
N TYR C 260 6.50 11.02 -23.24
CA TYR C 260 6.65 11.73 -21.99
C TYR C 260 7.65 12.89 -22.11
N THR C 261 7.71 13.72 -21.07
CA THR C 261 8.58 14.89 -20.99
C THR C 261 9.55 14.71 -19.84
N LYS C 262 10.75 15.23 -20.03
CA LYS C 262 11.83 15.23 -19.06
C LYS C 262 12.34 16.66 -18.93
N PRO C 263 12.65 17.15 -17.71
CA PRO C 263 13.21 18.49 -17.60
C PRO C 263 14.70 18.47 -17.93
N TYR C 264 15.22 19.61 -18.43
CA TYR C 264 16.63 19.79 -18.73
C TYR C 264 17.17 20.87 -17.79
N TYR C 265 18.13 20.49 -16.94
CA TYR C 265 18.71 21.43 -15.98
C TYR C 265 20.16 21.86 -16.32
N GLY C 266 20.50 21.93 -17.61
CA GLY C 266 21.84 22.35 -18.07
C GLY C 266 22.12 23.82 -17.84
N ASN C 267 21.09 24.66 -18.00
CA ASN C 267 21.13 26.12 -17.79
C ASN C 267 21.18 26.46 -16.27
N THR C 268 21.24 25.43 -15.40
CA THR C 268 21.27 25.60 -13.94
C THR C 268 22.48 24.87 -13.34
N ASP C 269 22.78 25.15 -12.05
CA ASP C 269 23.87 24.49 -11.31
C ASP C 269 23.38 23.19 -10.63
N ASN C 270 22.11 22.80 -10.90
CA ASN C 270 21.38 21.61 -10.38
C ASN C 270 21.18 21.65 -8.86
N LYS C 271 21.25 22.85 -8.27
CA LYS C 271 21.07 23.06 -6.84
C LYS C 271 19.61 23.41 -6.56
N PHE C 272 19.06 22.80 -5.51
CA PHE C 272 17.68 22.99 -5.05
C PHE C 272 17.71 23.33 -3.57
N ILE C 273 16.77 24.17 -3.10
CA ILE C 273 16.68 24.62 -1.70
C ILE C 273 16.53 23.47 -0.71
N SER C 274 15.60 22.54 -0.98
CA SER C 274 15.27 21.43 -0.08
C SER C 274 15.12 20.06 -0.76
N TYR C 275 15.10 19.01 0.07
CA TYR C 275 14.90 17.62 -0.30
C TYR C 275 14.35 16.82 0.89
N PRO C 276 13.26 16.03 0.71
CA PRO C 276 12.66 15.33 1.87
C PRO C 276 13.40 14.08 2.36
N GLY C 277 14.19 13.47 1.49
CA GLY C 277 14.95 12.26 1.79
C GLY C 277 14.19 11.00 1.42
N TYR C 278 14.10 10.04 2.36
CA TYR C 278 13.39 8.78 2.20
C TYR C 278 11.89 8.99 2.02
N SER C 279 11.30 9.91 2.81
CA SER C 279 9.88 10.27 2.74
C SER C 279 9.68 10.94 1.37
N GLN C 280 9.01 10.23 0.44
CA GLN C 280 8.88 10.65 -0.95
C GLN C 280 7.50 11.16 -1.40
N ASP C 281 6.49 11.20 -0.50
CA ASP C 281 5.16 11.72 -0.88
C ASP C 281 5.23 13.20 -1.25
N GLU C 282 4.24 13.69 -2.02
CA GLU C 282 4.14 15.10 -2.43
C GLU C 282 4.19 16.01 -1.20
N LYS C 283 3.47 15.63 -0.10
CA LYS C 283 3.43 16.37 1.16
C LYS C 283 4.81 16.43 1.83
N ASP C 284 5.60 15.34 1.71
CA ASP C 284 6.93 15.25 2.29
C ASP C 284 7.89 16.26 1.67
N TYR C 285 7.81 16.43 0.33
CA TYR C 285 8.58 17.39 -0.45
C TYR C 285 8.18 18.81 -0.03
N ILE C 286 6.86 19.07 0.10
CA ILE C 286 6.33 20.38 0.48
C ILE C 286 6.78 20.75 1.92
N ASP C 287 6.60 19.84 2.89
CA ASP C 287 6.96 20.04 4.29
C ASP C 287 8.45 20.34 4.48
N ALA C 288 9.32 19.65 3.73
CA ALA C 288 10.77 19.83 3.77
C ALA C 288 11.16 21.25 3.32
N TYR C 289 10.46 21.77 2.30
CA TYR C 289 10.64 23.10 1.73
C TYR C 289 10.19 24.19 2.70
N VAL C 290 8.98 24.04 3.26
CA VAL C 290 8.39 24.96 4.24
C VAL C 290 9.33 25.07 5.44
N SER C 291 9.82 23.92 5.93
CA SER C 291 10.74 23.82 7.07
C SER C 291 12.07 24.57 6.81
N ARG C 292 12.57 24.51 5.55
CA ARG C 292 13.81 25.19 5.16
C ARG C 292 13.63 26.70 5.05
N LEU C 293 12.43 27.16 4.65
CA LEU C 293 12.11 28.58 4.49
C LEU C 293 11.81 29.27 5.82
N LEU C 294 11.12 28.57 6.76
CA LEU C 294 10.70 29.10 8.07
C LEU C 294 11.84 29.69 8.91
N ASP C 295 13.08 29.20 8.72
CA ASP C 295 14.28 29.66 9.41
C ASP C 295 14.54 31.16 9.16
N ASP C 296 14.28 31.62 7.92
CA ASP C 296 14.44 33.01 7.49
C ASP C 296 13.11 33.75 7.39
N LEU C 297 11.98 33.02 7.22
CA LEU C 297 10.65 33.62 7.07
C LEU C 297 10.18 34.38 8.32
N VAL C 298 10.23 33.76 9.51
CA VAL C 298 9.84 34.39 10.77
C VAL C 298 11.07 34.45 11.69
N ILE C 299 11.49 35.68 12.05
CA ILE C 299 12.67 35.92 12.88
C ILE C 299 12.30 36.63 14.19
N VAL C 300 12.83 36.12 15.32
CA VAL C 300 12.68 36.72 16.65
C VAL C 300 14.07 37.34 16.92
N SER C 301 14.14 38.68 16.82
CA SER C 301 15.41 39.40 16.95
C SER C 301 15.34 40.63 17.85
N ASP C 302 16.51 41.02 18.42
CA ASP C 302 16.67 42.22 19.23
C ASP C 302 16.97 43.34 18.23
N GLY C 303 15.90 43.98 17.77
CA GLY C 303 15.94 45.02 16.73
C GLY C 303 15.90 44.41 15.35
N PRO C 304 16.01 45.22 14.26
CA PRO C 304 15.95 44.64 12.91
C PRO C 304 16.97 43.53 12.62
N PRO C 305 16.53 42.39 12.02
CA PRO C 305 17.47 41.30 11.73
C PRO C 305 18.61 41.66 10.78
N THR C 306 19.77 41.03 11.01
CA THR C 306 21.00 41.21 10.23
C THR C 306 21.40 39.89 9.56
N GLY C 307 22.26 39.97 8.55
CA GLY C 307 22.75 38.81 7.82
C GLY C 307 21.94 38.48 6.59
N TYR C 308 21.08 39.43 6.17
CA TYR C 308 20.22 39.30 5.00
C TYR C 308 20.61 40.34 3.94
N PRO C 309 20.41 40.07 2.62
CA PRO C 309 20.78 41.07 1.59
C PRO C 309 20.01 42.38 1.74
N GLU C 310 20.57 43.49 1.18
CA GLU C 310 19.93 44.81 1.25
C GLU C 310 18.54 44.78 0.60
N SER C 311 18.39 43.95 -0.44
CA SER C 311 17.18 43.70 -1.22
C SER C 311 16.02 43.13 -0.39
N ALA C 312 16.32 42.46 0.73
CA ALA C 312 15.34 41.86 1.64
C ALA C 312 14.49 42.91 2.35
N GLU C 313 13.18 42.66 2.41
CA GLU C 313 12.20 43.52 3.06
C GLU C 313 11.64 42.82 4.30
N ILE C 314 12.35 42.94 5.43
CA ILE C 314 11.96 42.32 6.70
C ILE C 314 11.21 43.35 7.55
N VAL C 315 9.89 43.14 7.67
CA VAL C 315 8.95 43.99 8.37
C VAL C 315 8.62 43.44 9.76
N GLU C 316 8.54 44.32 10.78
CA GLU C 316 8.17 43.95 12.14
C GLU C 316 6.67 43.69 12.17
N VAL C 317 6.26 42.57 12.77
CA VAL C 317 4.85 42.16 12.87
C VAL C 317 4.11 43.12 13.83
N PRO C 318 2.99 43.75 13.38
CA PRO C 318 2.25 44.67 14.28
C PRO C 318 1.51 43.93 15.41
N GLU C 319 1.01 44.70 16.41
CA GLU C 319 0.25 44.17 17.56
C GLU C 319 -0.93 43.29 17.13
N ASP C 320 -1.53 43.64 15.98
CA ASP C 320 -2.65 42.98 15.32
C ASP C 320 -2.28 41.54 14.88
N GLY C 321 -0.99 41.32 14.60
CA GLY C 321 -0.46 40.04 14.16
C GLY C 321 -0.44 39.86 12.65
N ILE C 322 -1.15 40.71 11.91
CA ILE C 322 -1.28 40.66 10.45
C ILE C 322 -0.29 41.62 9.74
N VAL C 323 0.51 41.06 8.81
CA VAL C 323 1.46 41.76 7.95
C VAL C 323 0.90 41.68 6.54
N SER C 324 0.75 42.83 5.88
CA SER C 324 0.19 42.88 4.53
C SER C 324 1.28 43.02 3.48
N ILE C 325 1.36 42.02 2.58
CA ILE C 325 2.28 41.99 1.44
C ILE C 325 1.36 42.12 0.24
N GLN C 326 1.02 43.38 -0.11
CA GLN C 326 0.07 43.75 -1.17
C GLN C 326 -1.31 43.17 -0.81
N ASP C 327 -1.87 42.32 -1.68
CA ASP C 327 -3.16 41.66 -1.52
C ASP C 327 -3.14 40.58 -0.43
N ALA C 328 -1.96 39.96 -0.17
CA ALA C 328 -1.79 38.87 0.79
C ALA C 328 -1.54 39.30 2.24
N ASP C 329 -2.32 38.72 3.17
CA ASP C 329 -2.21 38.97 4.60
C ASP C 329 -1.60 37.76 5.29
N VAL C 330 -0.51 37.99 6.06
CA VAL C 330 0.19 36.93 6.79
C VAL C 330 -0.01 37.13 8.29
N TYR C 331 -0.65 36.15 8.95
CA TYR C 331 -0.90 36.19 10.39
C TYR C 331 0.26 35.50 11.10
N VAL C 332 1.07 36.28 11.84
CA VAL C 332 2.23 35.75 12.56
C VAL C 332 2.07 36.02 14.05
N LYS C 333 1.98 34.95 14.86
CA LYS C 333 1.87 35.04 16.31
C LYS C 333 2.76 34.02 17.02
N ILE C 334 3.86 34.51 17.63
CA ILE C 334 4.82 33.70 18.37
C ILE C 334 4.69 33.96 19.88
N ASP C 335 4.61 32.89 20.68
CA ASP C 335 4.50 32.96 22.13
C ASP C 335 5.87 32.99 22.80
N ASN C 336 5.92 33.49 24.06
CA ASN C 336 7.10 33.59 24.92
C ASN C 336 8.27 34.36 24.27
N VAL C 337 7.94 35.44 23.55
CA VAL C 337 8.95 36.29 22.90
C VAL C 337 9.55 37.21 23.99
N PRO C 338 10.90 37.26 24.14
CA PRO C 338 11.51 38.14 25.16
C PRO C 338 11.13 39.61 24.98
N ASP C 339 11.04 40.35 26.10
CA ASP C 339 10.65 41.77 26.14
C ASP C 339 11.57 42.67 25.30
N ASN C 340 12.87 42.32 25.22
CA ASN C 340 13.87 43.06 24.44
C ASN C 340 13.80 42.76 22.93
N MET C 341 13.12 41.66 22.55
CA MET C 341 12.99 41.20 21.17
C MET C 341 11.61 41.44 20.56
N SER C 342 11.55 41.46 19.20
CA SER C 342 10.33 41.63 18.41
C SER C 342 10.21 40.50 17.37
N VAL C 343 8.99 40.32 16.81
CA VAL C 343 8.71 39.30 15.79
C VAL C 343 8.76 39.99 14.41
N TYR C 344 9.58 39.43 13.51
CA TYR C 344 9.82 39.92 12.17
C TYR C 344 9.38 38.93 11.10
N LEU C 345 8.94 39.44 9.93
CA LEU C 345 8.54 38.63 8.79
C LEU C 345 9.28 39.05 7.52
N HIS C 346 9.91 38.07 6.83
CA HIS C 346 10.60 38.31 5.58
C HIS C 346 9.51 38.33 4.51
N THR C 347 9.15 39.54 4.03
CA THR C 347 8.05 39.72 3.07
C THR C 347 8.42 39.40 1.61
N ASN C 348 9.71 39.11 1.31
CA ASN C 348 10.14 38.78 -0.05
C ASN C 348 11.30 37.76 -0.08
N LEU C 349 11.13 36.64 0.66
CA LEU C 349 12.15 35.58 0.78
C LEU C 349 12.69 35.11 -0.56
N LEU C 350 11.77 34.85 -1.50
CA LEU C 350 12.07 34.45 -2.87
C LEU C 350 11.03 35.17 -3.75
N MET C 351 11.51 36.02 -4.66
CA MET C 351 10.64 36.79 -5.55
C MET C 351 11.12 36.76 -7.00
N PHE C 352 10.17 36.77 -7.94
CA PHE C 352 10.48 36.71 -9.36
C PHE C 352 9.54 37.63 -10.15
N GLY C 353 10.14 38.38 -11.07
CA GLY C 353 9.45 39.33 -11.95
C GLY C 353 10.23 39.59 -13.21
N THR C 354 9.54 39.60 -14.36
CA THR C 354 10.20 39.82 -15.65
C THR C 354 10.34 41.30 -15.99
N ARG C 355 9.56 42.16 -15.32
CA ARG C 355 9.57 43.61 -15.49
C ARG C 355 9.35 44.32 -14.17
N LYS C 356 9.89 45.55 -14.03
CA LYS C 356 9.68 46.39 -12.86
C LYS C 356 8.22 46.80 -12.96
N ASN C 357 7.41 46.41 -11.96
CA ASN C 357 5.95 46.57 -11.91
C ASN C 357 5.29 45.79 -13.08
N SER C 358 5.14 44.47 -12.82
CA SER C 358 4.49 43.42 -13.59
C SER C 358 3.96 42.46 -12.50
N PHE C 359 3.52 41.24 -12.83
CA PHE C 359 3.12 40.33 -11.76
C PHE C 359 4.39 39.82 -11.11
N ILE C 360 4.41 39.76 -9.76
CA ILE C 360 5.56 39.28 -8.96
C ILE C 360 5.17 37.99 -8.26
N TYR C 361 6.02 36.96 -8.41
CA TYR C 361 5.81 35.68 -7.76
C TYR C 361 6.63 35.69 -6.48
N ASN C 362 5.97 35.96 -5.36
CA ASN C 362 6.59 36.05 -4.04
C ASN C 362 6.22 34.82 -3.19
N ILE C 363 7.24 34.09 -2.71
CA ILE C 363 7.02 32.89 -1.90
C ILE C 363 6.45 33.22 -0.52
N SER C 364 6.75 34.42 0.02
CA SER C 364 6.26 34.86 1.33
C SER C 364 4.75 35.10 1.29
N LYS C 365 4.22 35.46 0.10
CA LYS C 365 2.78 35.69 -0.12
C LYS C 365 1.99 34.36 -0.10
N LYS C 366 2.71 33.23 -0.23
CA LYS C 366 2.14 31.88 -0.23
C LYS C 366 1.91 31.33 1.20
N PHE C 367 2.03 32.20 2.21
CA PHE C 367 1.81 31.87 3.62
C PHE C 367 0.67 32.76 4.18
N SER C 368 -0.27 32.15 4.93
CA SER C 368 -1.38 32.89 5.51
C SER C 368 -1.35 32.97 7.03
N ALA C 369 -0.82 31.93 7.70
CA ALA C 369 -0.70 31.89 9.16
C ALA C 369 0.53 31.09 9.62
N ILE C 370 1.29 31.67 10.56
CA ILE C 370 2.49 31.08 11.15
C ILE C 370 2.43 31.26 12.66
N THR C 371 2.24 30.16 13.40
CA THR C 371 2.18 30.17 14.87
C THR C 371 3.30 29.32 15.44
N GLY C 372 3.73 29.67 16.64
CA GLY C 372 4.79 28.96 17.34
C GLY C 372 5.09 29.54 18.71
N THR C 373 6.11 28.97 19.36
CA THR C 373 6.56 29.39 20.69
C THR C 373 8.08 29.51 20.67
N TYR C 374 8.60 30.63 21.18
CA TYR C 374 10.03 30.88 21.28
C TYR C 374 10.57 30.10 22.47
N SER C 375 11.69 29.41 22.26
CA SER C 375 12.36 28.64 23.29
C SER C 375 13.49 29.47 23.87
N ASP C 376 13.43 29.76 25.18
CA ASP C 376 14.46 30.52 25.87
C ASP C 376 15.73 29.67 26.02
N ALA C 377 15.56 28.36 26.31
CA ALA C 377 16.64 27.38 26.50
C ALA C 377 17.53 27.18 25.27
N THR C 378 16.92 27.01 24.07
CA THR C 378 17.67 26.79 22.82
C THR C 378 17.81 28.06 21.98
N LYS C 379 17.22 29.19 22.44
CA LYS C 379 17.24 30.50 21.76
C LYS C 379 16.77 30.42 20.30
N ARG C 380 15.65 29.69 20.06
CA ARG C 380 15.07 29.50 18.74
C ARG C 380 13.56 29.37 18.75
N THR C 381 12.90 29.60 17.58
CA THR C 381 11.45 29.51 17.44
C THR C 381 11.04 28.09 17.04
N ILE C 382 10.10 27.52 17.81
CA ILE C 382 9.56 26.19 17.57
C ILE C 382 8.17 26.41 17.00
N PHE C 383 8.02 26.20 15.69
CA PHE C 383 6.76 26.41 14.97
C PHE C 383 5.75 25.31 15.28
N ALA C 384 4.50 25.71 15.53
CA ALA C 384 3.40 24.81 15.88
C ALA C 384 2.51 24.47 14.69
N HIS C 385 2.00 25.49 13.97
CA HIS C 385 1.12 25.29 12.83
C HIS C 385 1.36 26.33 11.76
N ILE C 386 1.48 25.87 10.50
CA ILE C 386 1.69 26.72 9.34
C ILE C 386 0.56 26.53 8.34
N SER C 387 -0.14 27.62 7.99
CA SER C 387 -1.19 27.63 6.97
C SER C 387 -0.55 28.27 5.75
N HIS C 388 -0.43 27.49 4.66
CA HIS C 388 0.23 27.94 3.43
C HIS C 388 -0.37 27.31 2.17
N SER C 389 0.09 27.78 0.99
CA SER C 389 -0.32 27.30 -0.33
C SER C 389 0.87 26.83 -1.19
N ILE C 390 1.98 26.41 -0.54
CA ILE C 390 3.20 25.90 -1.20
C ILE C 390 2.85 24.59 -1.94
N ASN C 391 3.30 24.47 -3.20
CA ASN C 391 3.04 23.29 -4.03
C ASN C 391 4.32 22.52 -4.41
N ILE C 392 4.15 21.38 -5.11
CA ILE C 392 5.25 20.51 -5.58
C ILE C 392 6.18 21.22 -6.58
N ILE C 393 5.63 22.20 -7.34
CA ILE C 393 6.40 22.97 -8.32
C ILE C 393 7.44 23.83 -7.58
N ASP C 394 7.01 24.52 -6.50
CA ASP C 394 7.86 25.38 -5.67
C ASP C 394 9.10 24.66 -5.17
N THR C 395 8.92 23.41 -4.73
CA THR C 395 9.98 22.53 -4.21
C THR C 395 10.88 22.02 -5.34
N SER C 396 10.41 22.11 -6.60
CA SER C 396 11.13 21.64 -7.79
C SER C 396 11.81 22.75 -8.60
N ILE C 397 11.80 23.99 -8.08
CA ILE C 397 12.44 25.11 -8.76
C ILE C 397 13.95 25.10 -8.48
N PRO C 398 14.82 24.99 -9.51
CA PRO C 398 16.27 25.10 -9.25
C PRO C 398 16.59 26.52 -8.81
N VAL C 399 17.49 26.67 -7.80
CA VAL C 399 17.89 27.95 -7.19
C VAL C 399 18.31 28.99 -8.25
N SER C 400 19.01 28.53 -9.32
CA SER C 400 19.49 29.36 -10.43
C SER C 400 18.37 30.20 -11.09
N LEU C 401 17.16 29.62 -11.22
CA LEU C 401 16.02 30.29 -11.84
C LEU C 401 15.46 31.46 -11.03
N TRP C 402 15.72 31.48 -9.71
CA TRP C 402 15.30 32.59 -8.86
C TRP C 402 16.24 33.77 -9.08
N THR C 403 17.52 33.49 -9.38
CA THR C 403 18.57 34.51 -9.60
C THR C 403 18.96 34.67 -11.08
N SER C 404 18.10 34.21 -12.01
CA SER C 404 18.34 34.28 -13.45
C SER C 404 18.32 35.70 -14.01
N GLN C 405 18.86 35.88 -15.24
CA GLN C 405 18.94 37.17 -15.95
C GLN C 405 17.56 37.77 -16.18
N ARG C 406 16.55 36.92 -16.48
CA ARG C 406 15.14 37.28 -16.73
C ARG C 406 14.48 37.94 -15.51
N ASN C 407 15.07 37.75 -14.31
CA ASN C 407 14.54 38.33 -13.07
C ASN C 407 15.13 39.72 -12.78
N VAL C 408 14.24 40.73 -12.76
CA VAL C 408 14.58 42.13 -12.49
C VAL C 408 14.92 42.34 -11.01
N TYR C 409 14.45 41.43 -10.14
CA TYR C 409 14.70 41.48 -8.69
C TYR C 409 15.94 40.67 -8.33
N ASN C 410 16.40 40.76 -7.07
CA ASN C 410 17.54 39.99 -6.62
C ASN C 410 17.23 38.49 -6.70
N GLY C 411 16.00 38.13 -6.35
CA GLY C 411 15.51 36.75 -6.44
C GLY C 411 15.57 35.95 -5.16
N ASP C 412 16.79 35.62 -4.72
CA ASP C 412 17.08 34.84 -3.52
C ASP C 412 17.52 35.78 -2.39
N ASN C 413 16.56 36.08 -1.49
CA ASN C 413 16.80 36.99 -0.37
C ASN C 413 16.99 36.25 0.98
N ARG C 414 17.29 34.93 0.91
CA ARG C 414 17.54 34.06 2.07
C ARG C 414 18.89 34.39 2.70
N SER C 415 19.16 33.88 3.91
CA SER C 415 20.43 34.08 4.60
C SER C 415 21.53 33.22 3.95
N ALA C 416 22.81 33.54 4.20
CA ALA C 416 23.94 32.77 3.65
C ALA C 416 24.00 31.37 4.26
N GLU C 417 23.49 31.22 5.50
CA GLU C 417 23.39 29.97 6.27
C GLU C 417 22.43 29.02 5.55
N SER C 418 21.26 29.54 5.12
CA SER C 418 20.22 28.80 4.39
C SER C 418 20.71 28.40 3.00
N LYS C 419 21.39 29.31 2.28
CA LYS C 419 21.92 29.08 0.93
C LYS C 419 23.02 28.00 0.92
N ALA C 420 23.76 27.86 2.02
CA ALA C 420 24.83 26.87 2.19
C ALA C 420 24.27 25.44 2.37
N LYS C 421 22.98 25.35 2.79
CA LYS C 421 22.26 24.11 3.02
C LYS C 421 21.62 23.54 1.73
N ASP C 422 21.68 24.29 0.61
CA ASP C 422 21.13 23.88 -0.69
C ASP C 422 21.80 22.61 -1.19
N LEU C 423 21.02 21.72 -1.80
CA LEU C 423 21.50 20.43 -2.27
C LEU C 423 21.49 20.27 -3.78
N PHE C 424 22.54 19.62 -4.31
CA PHE C 424 22.66 19.30 -5.73
C PHE C 424 21.88 18.01 -5.98
N ILE C 425 20.92 18.05 -6.91
CA ILE C 425 20.11 16.90 -7.30
C ILE C 425 20.30 16.68 -8.80
N ASN C 426 20.89 15.53 -9.17
CA ASN C 426 21.17 15.18 -10.55
C ASN C 426 20.48 13.89 -11.00
N ASP C 427 19.36 13.50 -10.31
CA ASP C 427 18.59 12.30 -10.61
C ASP C 427 18.35 12.20 -12.12
N PRO C 428 18.80 11.11 -12.77
CA PRO C 428 18.66 11.02 -14.23
C PRO C 428 17.26 10.70 -14.73
N PHE C 429 16.36 10.21 -13.86
CA PHE C 429 15.03 9.75 -14.29
C PHE C 429 13.86 10.66 -13.88
N ILE C 430 14.09 11.98 -13.81
CA ILE C 430 13.02 12.94 -13.48
C ILE C 430 12.13 13.15 -14.73
N LYS C 431 10.81 13.15 -14.51
CA LYS C 431 9.82 13.37 -15.56
C LYS C 431 9.00 14.61 -15.24
N GLY C 432 8.48 15.27 -16.28
CA GLY C 432 7.69 16.48 -16.16
C GLY C 432 8.52 17.68 -15.77
N ILE C 433 7.95 18.57 -14.95
CA ILE C 433 8.62 19.80 -14.47
C ILE C 433 8.73 19.83 -12.93
N ASP C 434 8.25 18.77 -12.27
CA ASP C 434 8.31 18.63 -10.81
C ASP C 434 8.82 17.25 -10.40
N PHE C 435 9.34 17.14 -9.16
CA PHE C 435 9.93 15.92 -8.59
C PHE C 435 8.97 14.73 -8.49
N LYS C 436 7.65 14.99 -8.48
CA LYS C 436 6.63 13.94 -8.40
C LYS C 436 5.94 13.67 -9.74
N ASN C 437 6.31 14.43 -10.81
CA ASN C 437 5.71 14.37 -12.15
C ASN C 437 4.16 14.60 -12.05
N LYS C 438 3.76 15.47 -11.11
CA LYS C 438 2.36 15.82 -10.81
C LYS C 438 1.76 16.68 -11.91
N THR C 439 2.42 17.79 -12.25
CA THR C 439 1.97 18.75 -13.27
C THR C 439 2.08 18.17 -14.67
N ASP C 440 0.97 18.20 -15.42
CA ASP C 440 0.94 17.76 -16.82
C ASP C 440 1.16 19.00 -17.69
N ILE C 441 2.28 19.04 -18.40
CA ILE C 441 2.61 20.20 -19.22
C ILE C 441 2.22 20.03 -20.70
N ILE C 442 1.72 18.84 -21.09
CA ILE C 442 1.26 18.56 -22.45
C ILE C 442 -0.24 18.88 -22.53
N SER C 443 -0.60 19.86 -23.35
CA SER C 443 -1.97 20.32 -23.58
C SER C 443 -2.63 19.49 -24.71
N ARG C 444 -1.84 19.09 -25.71
CA ARG C 444 -2.31 18.30 -26.86
C ARG C 444 -1.21 17.35 -27.34
N LEU C 445 -1.60 16.15 -27.81
CA LEU C 445 -0.69 15.15 -28.37
C LEU C 445 -1.19 14.72 -29.76
N GLU C 446 -0.28 14.76 -30.75
CA GLU C 446 -0.56 14.36 -32.13
C GLU C 446 0.50 13.36 -32.56
N VAL C 447 0.07 12.14 -32.95
CA VAL C 447 0.93 11.07 -33.42
C VAL C 447 0.62 10.79 -34.88
N ARG C 448 1.64 10.84 -35.74
CA ARG C 448 1.49 10.64 -37.17
C ARG C 448 2.31 9.47 -37.67
N PHE C 449 1.64 8.55 -38.39
CA PHE C 449 2.31 7.42 -39.04
C PHE C 449 2.53 7.89 -40.49
N GLY C 450 3.74 8.30 -40.79
CA GLY C 450 4.08 8.90 -42.07
C GLY C 450 3.64 10.35 -42.02
N ASN C 451 2.65 10.71 -42.85
CA ASN C 451 2.09 12.06 -42.88
C ASN C 451 0.67 12.10 -42.33
N ASP C 452 -0.05 10.95 -42.38
CA ASP C 452 -1.42 10.81 -41.89
CA ASP C 452 -1.42 10.82 -41.89
C ASP C 452 -1.47 10.69 -40.36
N VAL C 453 -2.46 11.33 -39.74
CA VAL C 453 -2.67 11.34 -38.29
C VAL C 453 -3.13 9.97 -37.81
N LEU C 454 -2.28 9.31 -37.01
CA LEU C 454 -2.56 8.00 -36.41
C LEU C 454 -3.47 8.16 -35.19
N TYR C 455 -3.14 9.13 -34.32
CA TYR C 455 -3.87 9.39 -33.09
C TYR C 455 -3.66 10.84 -32.66
N SER C 456 -4.69 11.44 -32.04
CA SER C 456 -4.61 12.78 -31.47
C SER C 456 -5.50 12.86 -30.23
N GLU C 457 -5.06 13.64 -29.22
CA GLU C 457 -5.79 13.83 -27.96
C GLU C 457 -5.56 15.20 -27.33
N ASN C 458 -6.60 15.72 -26.64
CA ASN C 458 -6.57 17.00 -25.93
C ASN C 458 -6.48 16.80 -24.41
N GLY C 459 -6.72 15.56 -23.98
CA GLY C 459 -6.64 15.13 -22.58
C GLY C 459 -5.78 13.89 -22.47
N PRO C 460 -5.17 13.58 -21.30
CA PRO C 460 -4.29 12.40 -21.23
C PRO C 460 -5.01 11.07 -21.09
N ILE C 461 -5.95 10.79 -22.01
CA ILE C 461 -6.73 9.56 -21.99
C ILE C 461 -5.82 8.34 -22.29
N SER C 462 -4.74 8.52 -23.08
CA SER C 462 -3.77 7.46 -23.36
C SER C 462 -2.98 7.11 -22.09
N ARG C 463 -2.74 8.09 -21.19
CA ARG C 463 -2.08 7.88 -19.90
C ARG C 463 -3.05 7.15 -18.95
N ILE C 464 -4.35 7.55 -18.96
CA ILE C 464 -5.42 6.95 -18.17
C ILE C 464 -5.55 5.47 -18.55
N TYR C 465 -5.56 5.16 -19.85
CA TYR C 465 -5.63 3.78 -20.33
C TYR C 465 -4.41 3.00 -19.92
N ASN C 466 -3.22 3.61 -20.03
CA ASN C 466 -1.95 2.98 -19.64
C ASN C 466 -1.96 2.61 -18.17
N GLU C 467 -2.36 3.56 -17.31
CA GLU C 467 -2.47 3.39 -15.86
C GLU C 467 -3.47 2.30 -15.46
N LEU C 468 -4.63 2.24 -16.15
CA LEU C 468 -5.67 1.21 -15.91
C LEU C 468 -5.21 -0.17 -16.38
N LEU C 469 -4.79 -0.28 -17.65
CA LEU C 469 -4.37 -1.55 -18.28
C LEU C 469 -3.11 -2.17 -17.66
N THR C 470 -2.20 -1.37 -17.10
CA THR C 470 -0.99 -1.89 -16.48
C THR C 470 -1.07 -1.90 -14.94
N LYS C 471 -2.20 -1.40 -14.39
CA LYS C 471 -2.48 -1.29 -12.94
C LYS C 471 -1.35 -0.51 -12.25
N SER C 472 -0.93 0.61 -12.87
CA SER C 472 0.14 1.48 -12.42
C SER C 472 -0.40 2.86 -12.06
N ASN C 473 0.22 3.52 -11.08
CA ASN C 473 -0.15 4.87 -10.65
C ASN C 473 0.79 5.91 -11.29
N ASN C 474 1.86 5.43 -11.96
CA ASN C 474 2.86 6.25 -12.63
C ASN C 474 3.06 5.82 -14.09
N GLY C 475 2.01 6.01 -14.88
CA GLY C 475 2.01 5.69 -16.30
C GLY C 475 2.38 6.87 -17.17
N THR C 476 2.42 6.61 -18.49
CA THR C 476 2.76 7.60 -19.52
C THR C 476 1.73 7.54 -20.65
N ARG C 477 1.64 8.60 -21.48
CA ARG C 477 0.76 8.65 -22.64
C ARG C 477 1.26 7.56 -23.61
N THR C 478 0.62 6.37 -23.53
CA THR C 478 1.00 5.19 -24.29
C THR C 478 -0.08 4.76 -25.27
N LEU C 479 0.34 4.48 -26.52
CA LEU C 479 -0.52 3.96 -27.57
C LEU C 479 -0.18 2.50 -27.70
N THR C 480 -1.09 1.61 -27.27
CA THR C 480 -0.87 0.18 -27.32
C THR C 480 -1.52 -0.40 -28.56
N PHE C 481 -0.75 -1.12 -29.38
CA PHE C 481 -1.24 -1.75 -30.60
C PHE C 481 -1.43 -3.25 -30.40
N ASN C 482 -0.78 -3.82 -29.37
CA ASN C 482 -0.83 -5.24 -29.06
C ASN C 482 -1.70 -5.53 -27.82
N PHE C 483 -2.84 -6.19 -28.03
CA PHE C 483 -3.76 -6.61 -26.96
C PHE C 483 -3.87 -8.13 -26.97
N THR C 484 -3.00 -8.79 -27.75
CA THR C 484 -2.89 -10.24 -27.90
C THR C 484 -1.99 -10.80 -26.76
N PRO C 485 -2.35 -11.95 -26.13
CA PRO C 485 -1.48 -12.50 -25.07
C PRO C 485 -0.05 -12.76 -25.55
N LYS C 486 0.94 -12.32 -24.75
CA LYS C 486 2.37 -12.44 -25.07
C LYS C 486 2.86 -13.88 -25.03
N ILE C 487 3.95 -14.16 -25.78
CA ILE C 487 4.67 -15.45 -25.88
C ILE C 487 3.87 -16.53 -26.66
N PHE C 488 2.62 -16.79 -26.28
CA PHE C 488 1.79 -17.82 -26.91
C PHE C 488 1.20 -17.40 -28.27
N PHE C 489 1.34 -16.11 -28.63
CA PHE C 489 0.88 -15.54 -29.88
C PHE C 489 1.92 -14.58 -30.44
N ARG C 490 1.92 -14.39 -31.78
CA ARG C 490 2.79 -13.41 -32.44
C ARG C 490 2.16 -12.03 -32.13
N PRO C 491 2.92 -11.06 -31.57
CA PRO C 491 2.30 -9.76 -31.23
C PRO C 491 1.68 -8.99 -32.39
N THR C 492 0.57 -8.28 -32.11
CA THR C 492 -0.14 -7.43 -33.05
C THR C 492 0.66 -6.13 -33.14
N THR C 493 0.96 -5.68 -34.36
CA THR C 493 1.78 -4.48 -34.59
C THR C 493 1.18 -3.56 -35.61
N ILE C 494 1.63 -2.30 -35.59
CA ILE C 494 1.26 -1.32 -36.58
C ILE C 494 2.14 -1.63 -37.81
N THR C 495 1.51 -2.01 -38.93
CA THR C 495 2.23 -2.39 -40.15
C THR C 495 2.50 -1.19 -41.05
N ALA C 496 3.73 -1.11 -41.57
CA ALA C 496 4.20 -0.04 -42.45
C ALA C 496 3.83 -0.20 -43.92
N ASN C 497 3.92 0.90 -44.67
CA ASN C 497 3.71 1.01 -46.11
C ASN C 497 4.78 1.97 -46.62
N VAL C 498 5.98 1.43 -46.96
CA VAL C 498 7.15 2.18 -47.41
C VAL C 498 6.86 3.00 -48.68
N SER C 499 6.08 2.41 -49.63
CA SER C 499 5.68 3.07 -50.89
C SER C 499 4.84 4.33 -50.64
N ARG C 500 3.94 4.27 -49.63
CA ARG C 500 3.07 5.38 -49.22
C ARG C 500 3.71 6.33 -48.19
N GLY C 501 4.97 6.05 -47.82
CA GLY C 501 5.75 6.85 -46.86
C GLY C 501 5.40 6.63 -45.40
N LYS C 502 4.53 5.64 -45.09
CA LYS C 502 4.14 5.31 -43.71
C LYS C 502 5.16 4.34 -43.13
N ASP C 503 6.36 4.86 -42.78
CA ASP C 503 7.46 4.06 -42.21
C ASP C 503 8.17 4.81 -41.08
N LYS C 504 7.48 5.79 -40.48
CA LYS C 504 8.00 6.60 -39.39
C LYS C 504 6.89 7.10 -38.47
N LEU C 505 7.20 7.27 -37.19
CA LEU C 505 6.24 7.80 -36.22
C LEU C 505 6.67 9.17 -35.75
N SER C 506 5.89 10.21 -36.12
CA SER C 506 6.17 11.60 -35.74
C SER C 506 5.24 12.06 -34.63
N VAL C 507 5.83 12.50 -33.53
CA VAL C 507 5.11 12.99 -32.36
C VAL C 507 5.23 14.51 -32.29
N ARG C 508 4.11 15.20 -32.11
CA ARG C 508 4.03 16.65 -31.99
C ARG C 508 3.17 16.94 -30.78
N VAL C 509 3.68 17.75 -29.84
CA VAL C 509 2.95 18.13 -28.64
C VAL C 509 2.71 19.63 -28.63
N VAL C 510 1.72 20.08 -27.87
CA VAL C 510 1.44 21.48 -27.64
C VAL C 510 1.63 21.65 -26.14
N TYR C 511 2.64 22.41 -25.71
CA TYR C 511 2.85 22.57 -24.28
C TYR C 511 1.85 23.59 -23.70
N SER C 512 1.38 23.34 -22.46
CA SER C 512 0.46 24.21 -21.75
C SER C 512 1.18 25.51 -21.36
N THR C 513 0.60 26.65 -21.76
CA THR C 513 1.13 27.99 -21.51
C THR C 513 1.01 28.35 -20.02
N MET C 514 2.16 28.66 -19.39
CA MET C 514 2.24 29.07 -17.97
C MET C 514 2.49 30.57 -17.93
N ASP C 515 2.44 31.19 -16.72
CA ASP C 515 2.71 32.62 -16.58
C ASP C 515 4.22 32.90 -16.64
N VAL C 516 4.62 33.93 -17.41
CA VAL C 516 6.03 34.34 -17.59
C VAL C 516 6.73 34.76 -16.30
N ASN C 517 5.94 35.20 -15.31
CA ASN C 517 6.47 35.70 -14.03
C ASN C 517 6.60 34.62 -12.95
N HIS C 518 6.46 33.35 -13.34
CA HIS C 518 6.60 32.17 -12.50
C HIS C 518 7.94 31.51 -12.88
N PRO C 519 8.84 31.20 -11.92
CA PRO C 519 10.14 30.61 -12.28
C PRO C 519 10.12 29.30 -13.05
N ILE C 520 9.05 28.48 -12.90
CA ILE C 520 8.96 27.18 -13.56
C ILE C 520 8.76 27.30 -15.10
N TYR C 521 8.36 28.49 -15.60
CA TYR C 521 8.20 28.78 -17.02
C TYR C 521 9.56 28.63 -17.73
N TYR C 522 10.67 28.73 -16.97
CA TYR C 522 12.04 28.73 -17.46
C TYR C 522 12.77 27.37 -17.34
N VAL C 523 12.05 26.32 -16.89
CA VAL C 523 12.59 24.97 -16.82
C VAL C 523 12.56 24.43 -18.25
N GLN C 524 13.73 24.11 -18.81
CA GLN C 524 13.83 23.62 -20.20
C GLN C 524 13.24 22.21 -20.31
N LYS C 525 12.53 21.92 -21.40
CA LYS C 525 11.84 20.65 -21.58
C LYS C 525 12.40 19.84 -22.75
N GLN C 526 12.42 18.52 -22.59
CA GLN C 526 12.86 17.57 -23.63
C GLN C 526 11.76 16.51 -23.79
N LEU C 527 11.33 16.29 -25.04
CA LEU C 527 10.29 15.31 -25.37
C LEU C 527 10.94 13.95 -25.61
N VAL C 528 10.44 12.92 -24.91
CA VAL C 528 10.93 11.55 -25.00
C VAL C 528 9.86 10.69 -25.66
N VAL C 529 10.23 9.99 -26.73
CA VAL C 529 9.33 9.11 -27.48
C VAL C 529 9.94 7.72 -27.50
N VAL C 530 9.19 6.72 -26.97
CA VAL C 530 9.67 5.34 -26.88
C VAL C 530 8.82 4.44 -27.79
N CYS C 531 9.50 3.74 -28.70
CA CYS C 531 8.90 2.82 -29.66
C CYS C 531 9.36 1.40 -29.42
N ASN C 532 8.41 0.45 -29.29
CA ASN C 532 8.71 -0.96 -29.10
C ASN C 532 8.59 -1.70 -30.43
N ASP C 533 9.74 -1.99 -31.07
CA ASP C 533 9.81 -2.67 -32.37
C ASP C 533 9.79 -4.18 -32.20
N LEU C 534 9.11 -4.87 -33.13
CA LEU C 534 9.03 -6.32 -33.12
C LEU C 534 10.17 -6.95 -33.89
N TYR C 535 10.82 -7.94 -33.25
CA TYR C 535 11.93 -8.71 -33.78
C TYR C 535 11.62 -10.20 -33.66
N LYS C 536 12.22 -11.03 -34.54
CA LYS C 536 12.06 -12.49 -34.49
C LYS C 536 13.36 -13.10 -34.00
N VAL C 537 13.29 -13.92 -32.94
CA VAL C 537 14.45 -14.59 -32.37
C VAL C 537 14.64 -15.93 -33.09
N SER C 538 15.80 -16.08 -33.74
CA SER C 538 16.20 -17.27 -34.48
C SER C 538 17.32 -17.96 -33.73
N TYR C 539 17.29 -19.29 -33.69
CA TYR C 539 18.30 -20.07 -32.99
C TYR C 539 19.14 -20.94 -33.94
N ASP C 540 18.92 -20.79 -35.27
CA ASP C 540 19.67 -21.51 -36.31
C ASP C 540 21.10 -20.98 -36.40
N GLN C 541 22.07 -21.80 -35.93
CA GLN C 541 23.51 -21.50 -35.86
C GLN C 541 23.76 -20.26 -34.96
N GLY C 542 23.47 -20.41 -33.66
CA GLY C 542 23.59 -19.36 -32.65
C GLY C 542 22.34 -18.50 -32.53
N VAL C 543 22.26 -17.71 -31.44
CA VAL C 543 21.12 -16.82 -31.18
C VAL C 543 21.26 -15.56 -32.03
N SER C 544 20.16 -15.15 -32.70
CA SER C 544 20.12 -13.96 -33.54
C SER C 544 18.73 -13.36 -33.60
N ILE C 545 18.65 -12.03 -33.79
CA ILE C 545 17.39 -11.32 -33.92
C ILE C 545 17.28 -10.68 -35.30
N THR C 546 16.07 -10.65 -35.85
CA THR C 546 15.80 -10.07 -37.16
C THR C 546 14.60 -9.14 -37.05
N LYS C 547 14.76 -7.87 -37.47
CA LYS C 547 13.71 -6.86 -37.44
C LYS C 547 12.57 -7.23 -38.40
N ILE C 548 11.33 -7.27 -37.88
CA ILE C 548 10.14 -7.59 -38.67
C ILE C 548 9.84 -6.37 -39.54
N MET C 549 9.85 -6.58 -40.88
CA MET C 549 9.62 -5.52 -41.87
C MET C 549 8.70 -6.00 -42.98
C FMT D . 5.74 -9.02 16.57
O1 FMT D . 6.83 -9.46 16.21
O2 FMT D . 5.32 -9.42 17.81
C FMT E . 10.47 -17.03 18.83
O1 FMT E . 10.54 -18.23 19.05
O2 FMT E . 9.56 -16.70 17.87
C FMT F . -6.65 -16.56 -2.37
O1 FMT F . -6.90 -15.62 -1.62
O2 FMT F . -7.69 -17.40 -2.65
C FMT G . -3.60 -18.64 -10.90
O1 FMT G . -2.94 -19.06 -9.96
O2 FMT G . -4.94 -18.64 -10.70
C FMT H . 18.80 -23.34 -7.31
O1 FMT H . 19.65 -22.53 -6.97
O2 FMT H . 17.55 -23.10 -6.82
C1 EDO I . 22.93 -3.23 19.66
O1 EDO I . 23.79 -2.66 18.67
C2 EDO I . 23.71 -4.21 20.59
O2 EDO I . 22.89 -4.77 21.63
C FMT J . -26.87 6.65 2.02
O1 FMT J . -25.95 6.45 1.24
O2 FMT J . -27.80 7.55 1.58
C1 EDO K . -23.84 5.29 19.92
O1 EDO K . -24.57 6.37 19.34
C2 EDO K . -22.30 5.47 19.75
O2 EDO K . -21.60 4.44 20.42
C FMT L . 2.84 34.59 -5.45
O1 FMT L . 2.81 35.80 -5.22
O2 FMT L . 1.67 33.92 -5.24
C FMT M . 14.51 12.96 -7.02
O1 FMT M . 15.69 12.69 -6.84
O2 FMT M . 13.69 11.87 -7.19
C FMT N . 11.41 -5.80 -20.47
O1 FMT N . 10.19 -5.88 -20.39
O2 FMT N . 11.98 -4.77 -19.75
C1 EDO O . 5.02 28.27 -10.45
O1 EDO O . 6.39 28.56 -10.25
C2 EDO O . 4.35 27.75 -9.15
O2 EDO O . 2.94 27.63 -9.29
C1 EDO P . -2.26 -8.79 -22.53
O1 EDO P . -2.39 -10.19 -22.62
C2 EDO P . -3.56 -8.11 -23.02
O2 EDO P . -3.57 -6.74 -22.63
#